data_4J0M
#
_entry.id   4J0M
#
_cell.length_a   105.864
_cell.length_b   83.400
_cell.length_c   264.064
_cell.angle_alpha   90.00
_cell.angle_beta   97.24
_cell.angle_gamma   90.00
#
_symmetry.space_group_name_H-M   'C 1 2 1'
#
loop_
_entity.id
_entity.type
_entity.pdbx_description
1 polymer 'Serine/threonine-protein kinase BRI1-like 1'
2 branched 2-acetamido-2-deoxy-beta-D-glucopyranose-(1-4)-2-acetamido-2-deoxy-beta-D-glucopyranose
3 branched alpha-D-mannopyranose-(1-2)-alpha-D-mannopyranose-(1-3)-alpha-D-mannopyranose-(1-6)-beta-D-mannopyranose-(1-4)-2-acetamido-2-deoxy-beta-D-glucopyranose-(1-4)-2-acetamido-2-deoxy-beta-D-glucopyranose
4 non-polymer 2-acetamido-2-deoxy-beta-D-glucopyranose
5 non-polymer Brassinolide
6 water water
#
_entity_poly.entity_id   1
_entity_poly.type   'polypeptide(L)'
_entity_poly.pdbx_seq_one_letter_code
;KHLINDDFNETALLLAFKQNSVKSDPNNVLGNWKYESGRGSCSWRGVSCSDDGRIVGLDLRNSGLTGTLNLVNLTALPNL
QNLYLQGNYFSSGGDSSGSDCYLQVLDLSSNSISDYSMVDYVFSKCSNLVSVNISNNKLVGKLGFAPSSLQSLTTVDLSY
NILSDKIPESFISDFPASLKYLDLTHNNLSGDFSDLSFGICGNLTFFSLSQNNLSGDKFPITLPNCKFLETLNISRNNLA
GKIPNGEYWGSFQNLKQLSLAHNRLSGEIPPELSLLCKTLVILDLSGNTFSGELPSQFTACVWLQNLNLGNNYLSGDFLN
TVVSKITGITYLYVAYNNISGSVPISLTNCSNLRVLDLSSNGFTGNVPSGFCSLQSSPVLEKILIANNYLSGTVPMELGK
CKSLKTIDLSFNELTGPIPKEIWMLPNLSDLVMWANNLTGTIPEGVCVKGGNLETLILNNNLLTGSIPESISRCTNMIWI
SLSSNRLTGKIPSGIGNLSKLAILQLGNNSLSGNVPRQLGNCKSLIWLDLNSNNLTGDLPGELASQAGLVMPGSVSGKQF
AFVRNEGGTDCRGAGGLVEFEGIRAERLERLPMVHSCPATRIYSGMTMYTFSANGSMIYFDISYNAVSGFIPPGYGNMGY
LQVLNLGHNRITGTIPDSFGGLKAIGVLDLSHNNLQGYLPGSLGSLSFLSDLDVSNNNLTGPIPFGGQLTTFPVSRYANN
SGLCGVPLRPCGSAHHHHHH
;
_entity_poly.pdbx_strand_id   A,B
#
loop_
_chem_comp.id
_chem_comp.type
_chem_comp.name
_chem_comp.formula
BLD non-polymer Brassinolide 'C28 H48 O6'
BMA D-saccharide, beta linking beta-D-mannopyranose 'C6 H12 O6'
MAN D-saccharide, alpha linking alpha-D-mannopyranose 'C6 H12 O6'
NAG D-saccharide, beta linking 2-acetamido-2-deoxy-beta-D-glucopyranose 'C8 H15 N O6'
#
# COMPACT_ATOMS: atom_id res chain seq x y z
N ASP A 7 -35.46 13.93 75.89
CA ASP A 7 -34.84 13.07 74.88
C ASP A 7 -35.33 11.62 75.03
N PHE A 8 -36.13 11.17 74.08
CA PHE A 8 -36.70 9.82 74.14
C PHE A 8 -36.58 9.08 72.81
N ASN A 9 -35.98 7.88 72.85
CA ASN A 9 -36.08 6.94 71.73
C ASN A 9 -35.51 7.52 70.42
N GLU A 10 -36.31 7.52 69.36
CA GLU A 10 -35.85 8.01 68.05
C GLU A 10 -35.40 9.46 68.10
N THR A 11 -36.20 10.29 68.76
CA THR A 11 -35.84 11.69 68.92
C THR A 11 -34.47 11.84 69.56
N ALA A 12 -34.19 11.00 70.56
CA ALA A 12 -32.92 11.06 71.25
C ALA A 12 -31.79 10.75 70.28
N LEU A 13 -32.01 9.72 69.47
CA LEU A 13 -31.08 9.30 68.43
C LEU A 13 -30.66 10.47 67.50
N LEU A 14 -31.65 11.15 66.91
CA LEU A 14 -31.40 12.31 66.05
C LEU A 14 -30.66 13.43 66.78
N LEU A 15 -31.07 13.70 68.01
CA LEU A 15 -30.38 14.73 68.80
C LEU A 15 -28.92 14.33 69.00
N ALA A 16 -28.69 13.03 69.17
CA ALA A 16 -27.34 12.50 69.32
C ALA A 16 -26.52 12.81 68.06
N PHE A 17 -27.15 12.66 66.90
CA PHE A 17 -26.51 12.91 65.61
C PHE A 17 -26.10 14.38 65.50
N LYS A 18 -27.03 15.28 65.83
CA LYS A 18 -26.77 16.70 65.70
C LYS A 18 -25.67 17.19 66.64
N GLN A 19 -25.64 16.64 67.85
CA GLN A 19 -24.66 17.06 68.85
C GLN A 19 -23.29 16.41 68.65
N ASN A 20 -23.29 15.22 68.06
CA ASN A 20 -22.10 14.38 67.98
C ASN A 20 -21.49 14.23 66.59
N SER A 21 -22.28 13.75 65.64
CA SER A 21 -21.82 13.62 64.27
C SER A 21 -21.53 14.96 63.59
N VAL A 22 -22.37 15.96 63.85
CA VAL A 22 -22.25 17.23 63.13
C VAL A 22 -21.43 18.26 63.90
N LYS A 23 -20.28 18.62 63.34
CA LYS A 23 -19.48 19.68 63.92
C LYS A 23 -19.92 21.11 63.51
N SER A 24 -20.28 21.33 62.24
CA SER A 24 -20.87 22.62 61.89
C SER A 24 -22.09 22.58 60.95
N ASP A 25 -23.06 23.43 61.25
CA ASP A 25 -24.27 23.59 60.45
C ASP A 25 -24.42 25.07 60.10
N PRO A 26 -23.47 25.60 59.33
CA PRO A 26 -23.46 27.04 59.03
C PRO A 26 -24.78 27.56 58.45
N ASN A 27 -25.56 26.71 57.76
CA ASN A 27 -26.82 27.17 57.16
C ASN A 27 -28.01 27.03 58.10
N ASN A 28 -27.80 26.47 59.28
CA ASN A 28 -28.86 26.25 60.27
C ASN A 28 -29.94 25.27 59.82
N VAL A 29 -29.57 24.32 58.96
CA VAL A 29 -30.50 23.31 58.48
C VAL A 29 -31.10 22.44 59.60
N LEU A 30 -30.34 22.26 60.67
CA LEU A 30 -30.82 21.51 61.83
C LEU A 30 -31.43 22.38 62.95
N GLY A 31 -31.58 23.68 62.68
CA GLY A 31 -32.07 24.60 63.69
C GLY A 31 -33.36 24.19 64.38
N ASN A 32 -34.20 23.44 63.68
CA ASN A 32 -35.44 22.96 64.27
C ASN A 32 -35.34 21.55 64.87
N TRP A 33 -34.14 20.99 64.95
CA TRP A 33 -34.03 19.72 65.65
C TRP A 33 -33.88 20.13 67.11
N LYS A 34 -35.02 20.13 67.81
CA LYS A 34 -35.12 20.70 69.16
C LYS A 34 -36.12 19.94 70.02
N TYR A 35 -35.69 19.58 71.22
CA TYR A 35 -36.49 18.74 72.11
C TYR A 35 -37.86 19.39 72.33
N GLU A 36 -38.92 18.64 72.04
CA GLU A 36 -40.30 19.12 72.12
C GLU A 36 -40.49 20.51 71.51
N GLY A 40 -42.67 15.71 69.14
CA GLY A 40 -42.63 14.85 67.97
C GLY A 40 -41.58 15.22 66.92
N SER A 41 -40.73 14.25 66.59
CA SER A 41 -39.57 14.52 65.73
C SER A 41 -39.86 14.45 64.23
N CYS A 42 -41.10 14.16 63.86
CA CYS A 42 -41.45 13.94 62.47
C CYS A 42 -41.61 15.23 61.67
N SER A 43 -41.66 16.35 62.37
CA SER A 43 -41.76 17.65 61.72
C SER A 43 -40.38 18.26 61.52
N TRP A 44 -39.34 17.51 61.88
CA TRP A 44 -37.98 18.00 61.78
C TRP A 44 -37.48 18.10 60.33
N ARG A 45 -36.58 19.04 60.08
CA ARG A 45 -36.12 19.25 58.71
C ARG A 45 -35.35 18.04 58.21
N GLY A 46 -35.73 17.54 57.04
CA GLY A 46 -35.11 16.37 56.44
C GLY A 46 -35.74 15.05 56.87
N VAL A 47 -36.44 15.08 57.99
CA VAL A 47 -37.06 13.88 58.53
C VAL A 47 -38.39 13.60 57.85
N SER A 48 -38.61 12.36 57.44
CA SER A 48 -39.91 11.96 56.89
C SER A 48 -40.40 10.74 57.65
N CYS A 49 -41.70 10.66 57.87
CA CYS A 49 -42.24 9.60 58.73
C CYS A 49 -43.19 8.68 57.98
N SER A 50 -43.28 7.45 58.44
CA SER A 50 -44.31 6.54 57.99
C SER A 50 -45.52 6.67 58.92
N ASP A 51 -46.60 5.97 58.63
CA ASP A 51 -47.85 6.15 59.38
C ASP A 51 -47.76 5.80 60.87
N ASP A 52 -46.91 4.84 61.23
CA ASP A 52 -46.66 4.53 62.64
C ASP A 52 -46.14 5.77 63.35
N GLY A 53 -45.67 6.74 62.55
CA GLY A 53 -45.01 7.92 63.09
C GLY A 53 -43.55 7.65 63.40
N ARG A 54 -42.99 6.63 62.77
CA ARG A 54 -41.56 6.34 62.91
C ARG A 54 -40.81 6.84 61.69
N ILE A 55 -39.60 7.33 61.91
CA ILE A 55 -38.82 7.92 60.82
C ILE A 55 -38.58 6.87 59.75
N VAL A 56 -39.04 7.15 58.53
CA VAL A 56 -38.74 6.27 57.40
C VAL A 56 -37.63 6.80 56.47
N GLY A 57 -37.17 8.01 56.75
CA GLY A 57 -36.17 8.65 55.91
C GLY A 57 -35.56 9.92 56.49
N LEU A 58 -34.34 10.20 56.09
CA LEU A 58 -33.60 11.38 56.48
C LEU A 58 -32.94 11.92 55.20
N ASP A 59 -33.30 13.13 54.79
CA ASP A 59 -32.67 13.73 53.62
C ASP A 59 -32.02 15.05 54.02
N LEU A 60 -30.70 15.01 54.15
CA LEU A 60 -29.84 16.17 54.42
C LEU A 60 -28.97 16.64 53.24
N ARG A 61 -29.25 16.16 52.05
CA ARG A 61 -28.35 16.36 50.92
C ARG A 61 -27.96 17.84 50.72
N ASN A 62 -26.73 18.09 50.28
CA ASN A 62 -26.31 19.42 49.83
C ASN A 62 -26.58 20.54 50.85
N SER A 63 -26.39 20.23 52.12
CA SER A 63 -26.68 21.16 53.19
C SER A 63 -25.48 21.86 53.80
N GLY A 64 -24.27 21.53 53.34
CA GLY A 64 -23.08 22.13 53.91
C GLY A 64 -22.73 21.67 55.33
N LEU A 65 -23.17 20.48 55.70
CA LEU A 65 -22.83 19.89 56.99
C LEU A 65 -21.40 19.34 57.05
N THR A 66 -20.72 19.57 58.18
CA THR A 66 -19.43 18.98 58.42
C THR A 66 -19.49 18.11 59.67
N GLY A 67 -18.76 17.00 59.66
CA GLY A 67 -18.83 16.11 60.79
C GLY A 67 -18.25 14.75 60.55
N THR A 68 -18.36 13.93 61.58
CA THR A 68 -17.87 12.57 61.57
C THR A 68 -19.08 11.68 61.50
N LEU A 69 -19.25 11.01 60.37
CA LEU A 69 -20.35 10.10 60.18
C LEU A 69 -19.99 8.80 60.87
N ASN A 70 -20.88 8.32 61.73
CA ASN A 70 -20.85 6.92 62.11
C ASN A 70 -22.20 6.37 61.70
N LEU A 71 -22.21 5.57 60.64
CA LEU A 71 -23.45 5.20 59.97
C LEU A 71 -24.38 4.45 60.91
N VAL A 72 -23.79 3.52 61.67
CA VAL A 72 -24.54 2.72 62.63
C VAL A 72 -25.35 3.56 63.61
N ASN A 73 -24.88 4.79 63.85
CA ASN A 73 -25.59 5.70 64.74
C ASN A 73 -26.94 6.17 64.17
N LEU A 74 -27.04 6.28 62.85
CA LEU A 74 -28.32 6.55 62.19
C LEU A 74 -29.16 5.29 61.92
N THR A 75 -28.52 4.21 61.49
CA THR A 75 -29.23 3.01 61.05
C THR A 75 -29.84 2.20 62.19
N ALA A 76 -29.47 2.55 63.42
CA ALA A 76 -30.13 2.01 64.60
C ALA A 76 -31.61 2.39 64.58
N LEU A 77 -31.95 3.44 63.83
CA LEU A 77 -33.35 3.81 63.64
C LEU A 77 -34.09 2.64 63.02
N PRO A 78 -35.10 2.13 63.74
CA PRO A 78 -35.81 0.87 63.40
C PRO A 78 -36.42 0.87 62.00
N ASN A 79 -37.10 1.95 61.63
CA ASN A 79 -37.80 2.02 60.35
C ASN A 79 -37.13 2.79 59.20
N LEU A 80 -35.91 3.27 59.40
CA LEU A 80 -35.31 4.14 58.38
C LEU A 80 -34.99 3.34 57.11
N GLN A 81 -35.71 3.64 56.03
CA GLN A 81 -35.44 2.99 54.75
C GLN A 81 -34.63 3.83 53.73
N ASN A 82 -34.53 5.13 53.98
CA ASN A 82 -33.94 6.07 53.01
C ASN A 82 -33.02 7.08 53.67
N LEU A 83 -31.78 7.14 53.21
CA LEU A 83 -30.80 8.05 53.79
C LEU A 83 -30.01 8.77 52.70
N TYR A 84 -30.16 10.07 52.61
CA TYR A 84 -29.36 10.86 51.68
C TYR A 84 -28.56 11.89 52.44
N LEU A 85 -27.27 11.60 52.56
CA LEU A 85 -26.30 12.53 53.11
C LEU A 85 -25.38 13.14 52.06
N GLN A 86 -25.65 12.90 50.79
CA GLN A 86 -24.67 13.23 49.75
C GLN A 86 -24.43 14.73 49.62
N GLY A 87 -23.24 15.09 49.16
CA GLY A 87 -22.92 16.47 48.88
C GLY A 87 -22.67 17.25 50.15
N ASN A 88 -22.06 16.60 51.13
CA ASN A 88 -21.71 17.26 52.37
C ASN A 88 -20.23 17.09 52.68
N TYR A 89 -19.85 17.48 53.88
CA TYR A 89 -18.48 17.32 54.42
C TYR A 89 -18.25 16.18 55.40
N PHE A 90 -19.11 15.18 55.38
CA PHE A 90 -18.94 14.06 56.31
C PHE A 90 -17.65 13.26 56.06
N SER A 91 -16.94 12.96 57.15
CA SER A 91 -15.70 12.21 57.05
C SER A 91 -15.79 10.92 57.88
N SER A 92 -14.70 10.16 57.93
CA SER A 92 -14.70 8.92 58.71
C SER A 92 -15.77 7.96 58.16
N GLY A 93 -16.84 7.78 58.93
CA GLY A 93 -17.95 6.93 58.52
C GLY A 93 -18.26 5.68 59.33
N GLY A 94 -19.43 5.10 59.03
CA GLY A 94 -20.13 4.20 59.90
C GLY A 94 -19.30 3.15 60.61
N ASP A 95 -18.29 2.62 59.94
CA ASP A 95 -17.28 1.85 60.63
C ASP A 95 -17.95 0.74 61.49
N SER A 96 -17.36 0.49 62.66
CA SER A 96 -17.97 -0.31 63.71
C SER A 96 -18.62 -1.61 63.21
N SER A 97 -19.73 -1.91 63.87
CA SER A 97 -20.62 -3.03 63.61
C SER A 97 -21.76 -2.60 64.50
N GLY A 98 -22.87 -3.30 64.53
CA GLY A 98 -24.01 -2.69 65.17
C GLY A 98 -25.36 -3.37 65.03
N SER A 99 -26.39 -2.54 65.10
CA SER A 99 -27.77 -3.00 65.08
C SER A 99 -28.23 -3.39 63.68
N ASP A 100 -29.49 -3.81 63.62
CA ASP A 100 -30.16 -4.12 62.37
C ASP A 100 -30.26 -2.92 61.43
N CYS A 101 -30.18 -3.17 60.13
CA CYS A 101 -30.22 -2.12 59.12
C CYS A 101 -31.41 -2.34 58.19
N TYR A 102 -32.32 -1.37 58.14
CA TYR A 102 -33.47 -1.46 57.24
C TYR A 102 -33.36 -0.68 55.92
N LEU A 103 -32.20 -0.10 55.67
CA LEU A 103 -32.01 0.71 54.49
C LEU A 103 -32.38 0.03 53.19
N GLN A 104 -33.08 0.77 52.35
CA GLN A 104 -33.38 0.37 50.99
C GLN A 104 -32.54 1.21 50.01
N VAL A 105 -32.65 2.53 50.13
CA VAL A 105 -31.80 3.44 49.35
C VAL A 105 -30.76 4.13 50.24
N LEU A 106 -29.51 4.11 49.82
CA LEU A 106 -28.45 4.79 50.56
C LEU A 106 -27.62 5.66 49.61
N ASP A 107 -27.54 6.97 49.89
CA ASP A 107 -26.63 7.83 49.11
C ASP A 107 -25.70 8.62 50.02
N LEU A 108 -24.44 8.21 50.02
CA LEU A 108 -23.36 8.84 50.78
C LEU A 108 -22.35 9.61 49.93
N SER A 109 -22.63 9.70 48.63
CA SER A 109 -21.63 10.24 47.70
C SER A 109 -21.25 11.67 47.97
N SER A 110 -20.10 12.06 47.43
CA SER A 110 -19.67 13.44 47.51
C SER A 110 -19.56 13.88 48.97
N ASN A 111 -18.76 13.11 49.70
CA ASN A 111 -18.38 13.44 51.05
C ASN A 111 -16.90 13.11 51.21
N SER A 112 -16.42 13.14 52.45
CA SER A 112 -15.06 12.74 52.80
C SER A 112 -14.84 11.33 53.40
N ILE A 113 -15.84 10.45 53.29
CA ILE A 113 -15.78 9.14 53.97
C ILE A 113 -14.58 8.31 53.53
N SER A 114 -13.77 7.90 54.53
CA SER A 114 -12.62 7.03 54.29
C SER A 114 -12.69 5.57 54.79
N ASP A 115 -13.68 5.22 55.60
CA ASP A 115 -13.56 3.95 56.30
C ASP A 115 -14.29 2.86 55.58
N TYR A 116 -13.54 1.93 54.99
CA TYR A 116 -14.13 0.87 54.23
C TYR A 116 -14.94 -0.06 55.14
N SER A 117 -14.68 -0.01 56.44
CA SER A 117 -15.45 -0.79 57.40
C SER A 117 -16.92 -0.45 57.25
N MET A 118 -17.20 0.78 56.83
CA MET A 118 -18.57 1.23 56.66
C MET A 118 -19.26 0.46 55.53
N VAL A 119 -18.57 0.36 54.40
CA VAL A 119 -19.07 -0.44 53.29
C VAL A 119 -19.28 -1.91 53.68
N ASP A 120 -18.33 -2.47 54.44
CA ASP A 120 -18.46 -3.81 54.99
C ASP A 120 -19.72 -3.96 55.82
N TYR A 121 -20.02 -2.94 56.62
CA TYR A 121 -21.22 -3.00 57.42
C TYR A 121 -22.42 -3.00 56.49
N VAL A 122 -22.42 -2.12 55.49
CA VAL A 122 -23.54 -2.07 54.55
C VAL A 122 -23.74 -3.39 53.80
N PHE A 123 -22.66 -3.96 53.28
CA PHE A 123 -22.72 -5.21 52.52
C PHE A 123 -23.10 -6.43 53.37
N SER A 124 -23.04 -6.28 54.69
CA SER A 124 -23.27 -7.38 55.61
C SER A 124 -24.67 -7.34 56.19
N LYS A 125 -24.95 -6.24 56.88
CA LYS A 125 -26.21 -6.05 57.59
C LYS A 125 -27.41 -5.60 56.75
N CYS A 126 -27.21 -4.81 55.69
CA CYS A 126 -28.40 -4.13 55.16
C CYS A 126 -29.05 -4.98 54.08
N SER A 127 -30.01 -5.80 54.49
CA SER A 127 -30.40 -6.88 53.59
C SER A 127 -31.50 -6.51 52.61
N ASN A 128 -32.17 -5.39 52.87
CA ASN A 128 -33.20 -4.86 51.98
C ASN A 128 -32.73 -3.80 50.99
N LEU A 129 -31.42 -3.58 50.96
CA LEU A 129 -30.84 -2.52 50.14
C LEU A 129 -31.07 -2.68 48.63
N VAL A 130 -31.70 -1.70 48.01
CA VAL A 130 -31.82 -1.63 46.54
C VAL A 130 -30.62 -0.96 45.83
N SER A 131 -30.16 0.15 46.39
CA SER A 131 -29.09 0.91 45.75
C SER A 131 -28.16 1.56 46.78
N VAL A 132 -26.87 1.56 46.44
CA VAL A 132 -25.84 2.20 47.25
C VAL A 132 -24.96 3.08 46.40
N ASN A 133 -24.92 4.36 46.73
CA ASN A 133 -23.96 5.24 46.12
C ASN A 133 -22.99 5.78 47.17
N ILE A 134 -21.75 5.26 47.17
CA ILE A 134 -20.64 5.75 47.98
C ILE A 134 -19.57 6.53 47.20
N SER A 135 -19.87 6.87 45.95
CA SER A 135 -18.90 7.47 45.04
C SER A 135 -18.40 8.85 45.47
N ASN A 136 -17.26 9.25 44.92
CA ASN A 136 -16.70 10.56 45.19
C ASN A 136 -16.44 10.78 46.66
N ASN A 137 -15.72 9.84 47.25
CA ASN A 137 -15.30 9.90 48.64
C ASN A 137 -13.79 9.62 48.74
N LYS A 138 -13.31 9.44 49.97
CA LYS A 138 -11.91 9.12 50.26
C LYS A 138 -11.58 7.65 50.58
N LEU A 139 -12.51 6.73 50.33
CA LEU A 139 -12.35 5.33 50.75
C LEU A 139 -11.00 4.76 50.32
N VAL A 140 -10.29 4.19 51.30
CA VAL A 140 -8.99 3.55 51.11
C VAL A 140 -9.08 2.11 51.55
N GLY A 141 -8.13 1.29 51.12
CA GLY A 141 -8.15 -0.13 51.47
C GLY A 141 -8.60 -0.99 50.32
N LYS A 142 -8.83 -2.26 50.57
CA LYS A 142 -9.16 -3.16 49.49
C LYS A 142 -10.57 -3.74 49.59
N LEU A 143 -11.11 -4.15 48.46
CA LEU A 143 -12.44 -4.71 48.41
C LEU A 143 -12.51 -5.99 49.23
N GLY A 144 -13.60 -6.14 49.96
CA GLY A 144 -13.83 -7.29 50.83
C GLY A 144 -14.72 -8.33 50.20
N PHE A 145 -15.56 -8.93 51.03
CA PHE A 145 -16.53 -9.90 50.58
C PHE A 145 -17.65 -9.22 49.76
N ALA A 146 -18.27 -9.98 48.86
CA ALA A 146 -19.43 -9.46 48.15
C ALA A 146 -20.69 -9.45 49.03
N PRO A 147 -21.65 -8.56 48.72
CA PRO A 147 -22.90 -8.51 49.49
C PRO A 147 -23.88 -9.63 49.08
N SER A 148 -23.49 -10.89 49.30
CA SER A 148 -24.27 -12.03 48.83
C SER A 148 -25.66 -12.13 49.41
N SER A 149 -25.87 -11.60 50.61
CA SER A 149 -27.19 -11.69 51.23
C SER A 149 -28.18 -10.62 50.77
N LEU A 150 -27.71 -9.60 50.06
CA LEU A 150 -28.62 -8.53 49.68
C LEU A 150 -29.24 -8.84 48.32
N GLN A 151 -30.48 -9.31 48.36
CA GLN A 151 -31.07 -9.91 47.18
C GLN A 151 -31.97 -8.99 46.34
N SER A 152 -32.19 -7.78 46.84
CA SER A 152 -32.83 -6.73 46.06
C SER A 152 -31.83 -5.73 45.44
N LEU A 153 -30.53 -5.96 45.61
CA LEU A 153 -29.56 -4.93 45.29
C LEU A 153 -29.37 -4.81 43.80
N THR A 154 -29.77 -3.69 43.23
CA THR A 154 -29.55 -3.42 41.81
C THR A 154 -28.23 -2.72 41.48
N THR A 155 -27.87 -1.78 42.35
CA THR A 155 -26.97 -0.68 42.01
C THR A 155 -25.92 -0.38 43.08
N VAL A 156 -24.65 -0.41 42.67
CA VAL A 156 -23.53 -0.11 43.55
C VAL A 156 -22.55 0.80 42.83
N ASP A 157 -22.36 2.00 43.37
CA ASP A 157 -21.41 2.95 42.80
C ASP A 157 -20.34 3.27 43.85
N LEU A 158 -19.16 2.69 43.63
CA LEU A 158 -17.96 2.87 44.43
C LEU A 158 -16.93 3.76 43.73
N SER A 159 -17.34 4.40 42.62
CA SER A 159 -16.42 5.16 41.80
C SER A 159 -15.81 6.41 42.49
N TYR A 160 -14.67 6.85 41.98
CA TYR A 160 -14.02 8.06 42.49
C TYR A 160 -13.71 7.92 43.97
N ASN A 161 -12.98 6.87 44.26
CA ASN A 161 -12.39 6.65 45.58
C ASN A 161 -10.90 6.37 45.45
N ILE A 162 -10.28 5.99 46.56
CA ILE A 162 -8.90 5.50 46.60
C ILE A 162 -8.71 3.98 46.77
N LEU A 163 -9.75 3.20 46.54
CA LEU A 163 -9.65 1.76 46.71
C LEU A 163 -8.44 1.18 45.96
N SER A 164 -7.74 0.25 46.61
CA SER A 164 -6.55 -0.36 46.04
C SER A 164 -6.50 -1.87 46.13
N ASP A 165 -5.32 -2.39 45.81
CA ASP A 165 -5.05 -3.81 45.64
C ASP A 165 -5.91 -4.39 44.51
N LYS A 166 -6.37 -5.62 44.64
CA LYS A 166 -6.98 -6.27 43.50
C LYS A 166 -8.45 -6.53 43.78
N ILE A 167 -9.23 -6.65 42.73
CA ILE A 167 -10.58 -7.15 42.89
C ILE A 167 -10.44 -8.64 43.22
N PRO A 168 -10.97 -9.07 44.37
CA PRO A 168 -10.92 -10.50 44.67
C PRO A 168 -11.49 -11.31 43.51
N GLU A 169 -10.93 -12.49 43.29
CA GLU A 169 -11.31 -13.33 42.15
C GLU A 169 -12.81 -13.59 42.07
N SER A 170 -13.44 -13.83 43.20
CA SER A 170 -14.85 -14.19 43.20
C SER A 170 -15.77 -13.03 43.55
N PHE A 171 -15.19 -11.85 43.75
CA PHE A 171 -15.96 -10.68 44.19
C PHE A 171 -17.24 -10.47 43.36
N ILE A 172 -17.10 -10.41 42.05
CA ILE A 172 -18.25 -10.14 41.22
C ILE A 172 -19.22 -11.33 41.16
N SER A 173 -18.70 -12.54 41.04
CA SER A 173 -19.59 -13.69 40.99
C SER A 173 -20.38 -13.91 42.29
N ASP A 174 -19.90 -13.33 43.39
CA ASP A 174 -20.61 -13.49 44.67
C ASP A 174 -21.69 -12.45 44.93
N PHE A 175 -21.92 -11.55 43.97
CA PHE A 175 -22.96 -10.56 44.11
C PHE A 175 -24.31 -11.21 43.91
N PRO A 176 -25.36 -10.64 44.48
CA PRO A 176 -26.69 -11.24 44.30
C PRO A 176 -27.12 -11.15 42.83
N ALA A 177 -28.00 -12.05 42.43
CA ALA A 177 -28.41 -12.21 41.04
C ALA A 177 -29.08 -10.95 40.54
N SER A 178 -29.61 -10.16 41.46
CA SER A 178 -30.30 -8.94 41.11
C SER A 178 -29.44 -7.76 40.61
N LEU A 179 -28.10 -7.88 40.63
CA LEU A 179 -27.24 -6.72 40.31
C LEU A 179 -27.30 -6.27 38.83
N LYS A 180 -27.75 -5.02 38.63
CA LYS A 180 -27.78 -4.33 37.34
C LYS A 180 -26.55 -3.50 36.97
N TYR A 181 -26.03 -2.80 37.97
CA TYR A 181 -25.10 -1.70 37.76
C TYR A 181 -23.95 -1.74 38.77
N LEU A 182 -22.73 -1.91 38.26
CA LEU A 182 -21.54 -1.87 39.09
C LEU A 182 -20.49 -0.92 38.48
N ASP A 183 -20.14 0.13 39.22
CA ASP A 183 -19.12 1.10 38.80
C ASP A 183 -17.96 1.20 39.78
N LEU A 184 -16.78 0.76 39.35
CA LEU A 184 -15.51 0.91 40.05
C LEU A 184 -14.58 2.00 39.51
N THR A 185 -15.08 2.81 38.57
CA THR A 185 -14.30 3.84 37.87
C THR A 185 -13.47 4.72 38.82
N HIS A 186 -12.22 4.99 38.41
CA HIS A 186 -11.37 5.95 39.11
C HIS A 186 -11.10 5.55 40.53
N ASN A 187 -10.32 4.49 40.65
CA ASN A 187 -9.81 4.02 41.92
C ASN A 187 -8.36 3.64 41.70
N ASN A 188 -7.79 2.95 42.66
CA ASN A 188 -6.43 2.42 42.57
C ASN A 188 -6.26 0.93 42.29
N LEU A 189 -7.33 0.27 41.85
CA LEU A 189 -7.36 -1.19 41.68
C LEU A 189 -6.30 -1.70 40.71
N SER A 190 -5.75 -2.87 41.01
CA SER A 190 -4.68 -3.44 40.21
C SER A 190 -4.89 -4.94 40.11
N GLY A 191 -3.94 -5.64 39.50
CA GLY A 191 -4.09 -7.07 39.32
C GLY A 191 -4.46 -7.50 37.91
N ASP A 192 -4.53 -8.80 37.72
CA ASP A 192 -4.77 -9.39 36.43
C ASP A 192 -6.26 -9.30 36.11
N PHE A 193 -6.62 -8.63 35.03
CA PHE A 193 -8.01 -8.56 34.59
C PHE A 193 -8.58 -9.97 34.32
N SER A 194 -7.73 -10.87 33.88
CA SER A 194 -8.16 -12.23 33.54
C SER A 194 -8.56 -13.07 34.77
N ASP A 195 -8.19 -12.63 35.97
CA ASP A 195 -8.52 -13.39 37.17
C ASP A 195 -9.91 -13.11 37.76
N LEU A 196 -10.67 -12.22 37.15
CA LEU A 196 -12.03 -11.96 37.64
C LEU A 196 -12.96 -13.06 37.14
N SER A 197 -13.80 -13.58 38.04
CA SER A 197 -14.92 -14.39 37.57
C SER A 197 -16.24 -13.66 37.77
N PHE A 198 -17.14 -13.77 36.80
CA PHE A 198 -18.38 -13.00 36.84
C PHE A 198 -19.59 -13.78 37.35
N GLY A 199 -19.44 -15.08 37.56
CA GLY A 199 -20.57 -15.88 37.95
C GLY A 199 -21.63 -15.88 36.86
N ILE A 200 -22.87 -16.09 37.25
CA ILE A 200 -23.97 -16.24 36.30
C ILE A 200 -24.26 -14.95 35.54
N CYS A 201 -24.28 -13.83 36.26
CA CYS A 201 -24.33 -12.52 35.62
C CYS A 201 -25.59 -12.35 34.78
N GLY A 202 -26.75 -12.69 35.38
CA GLY A 202 -28.02 -12.63 34.67
C GLY A 202 -28.61 -11.25 34.50
N ASN A 203 -28.40 -10.37 35.48
CA ASN A 203 -28.94 -9.01 35.39
C ASN A 203 -28.02 -7.85 35.03
N LEU A 204 -26.73 -8.07 34.84
CA LEU A 204 -25.80 -6.96 34.83
C LEU A 204 -25.81 -6.24 33.49
N THR A 205 -26.24 -4.98 33.48
CA THR A 205 -26.20 -4.19 32.26
C THR A 205 -25.14 -3.08 32.21
N PHE A 206 -24.53 -2.75 33.34
CA PHE A 206 -23.50 -1.73 33.37
C PHE A 206 -22.27 -2.20 34.16
N PHE A 207 -21.11 -2.23 33.53
CA PHE A 207 -19.91 -2.61 34.24
C PHE A 207 -18.74 -1.72 33.85
N SER A 208 -18.18 -1.01 34.82
CA SER A 208 -17.06 -0.17 34.50
C SER A 208 -15.90 -0.29 35.47
N LEU A 209 -14.77 -0.70 34.93
CA LEU A 209 -13.46 -0.65 35.61
C LEU A 209 -12.58 0.52 35.19
N SER A 210 -13.11 1.46 34.43
CA SER A 210 -12.24 2.47 33.78
C SER A 210 -11.42 3.31 34.77
N GLN A 211 -10.27 3.77 34.29
CA GLN A 211 -9.31 4.52 35.10
C GLN A 211 -8.87 3.76 36.36
N ASN A 212 -8.23 2.61 36.16
CA ASN A 212 -7.64 1.85 37.25
C ASN A 212 -6.28 1.33 36.79
N ASN A 213 -5.69 0.43 37.58
CA ASN A 213 -4.45 -0.26 37.22
C ASN A 213 -4.45 -1.70 36.72
N LEU A 214 -5.61 -2.19 36.36
CA LEU A 214 -5.72 -3.54 35.85
C LEU A 214 -4.72 -3.85 34.72
N SER A 215 -4.22 -5.07 34.71
CA SER A 215 -3.14 -5.45 33.79
C SER A 215 -3.43 -6.85 33.26
N GLY A 216 -2.42 -7.45 32.66
CA GLY A 216 -2.58 -8.80 32.14
C GLY A 216 -2.59 -8.95 30.64
N ASP A 217 -2.49 -10.20 30.22
CA ASP A 217 -2.37 -10.63 28.84
C ASP A 217 -3.71 -11.09 28.24
N LYS A 218 -4.76 -11.18 29.04
CA LYS A 218 -5.93 -11.93 28.60
C LYS A 218 -7.24 -11.41 29.17
N PHE A 219 -8.32 -11.57 28.42
CA PHE A 219 -9.64 -11.24 28.96
C PHE A 219 -10.18 -12.36 29.83
N PRO A 220 -10.99 -12.00 30.84
CA PRO A 220 -11.57 -13.00 31.76
C PRO A 220 -12.48 -13.92 30.97
N ILE A 221 -12.28 -15.23 31.12
CA ILE A 221 -13.10 -16.22 30.43
C ILE A 221 -14.60 -16.11 30.72
N THR A 222 -14.97 -15.67 31.93
CA THR A 222 -16.39 -15.66 32.29
C THR A 222 -17.16 -14.37 31.98
N LEU A 223 -16.47 -13.32 31.55
CA LEU A 223 -17.14 -12.06 31.21
C LEU A 223 -18.28 -12.28 30.22
N PRO A 224 -18.06 -13.14 29.19
CA PRO A 224 -19.09 -13.44 28.20
C PRO A 224 -20.36 -14.06 28.81
N ASN A 225 -20.27 -14.51 30.05
CA ASN A 225 -21.46 -14.90 30.80
C ASN A 225 -22.48 -13.77 30.90
N CYS A 226 -22.03 -12.51 30.85
CA CYS A 226 -23.01 -11.45 31.04
C CYS A 226 -23.59 -11.11 29.67
N LYS A 227 -24.74 -11.72 29.37
CA LYS A 227 -25.27 -11.75 28.02
C LYS A 227 -26.03 -10.46 27.76
N PHE A 228 -26.43 -9.85 28.87
CA PHE A 228 -27.25 -8.65 28.88
C PHE A 228 -26.47 -7.37 29.11
N LEU A 229 -25.14 -7.47 29.16
CA LEU A 229 -24.30 -6.28 29.38
C LEU A 229 -24.57 -5.20 28.31
N GLU A 230 -24.96 -4.00 28.72
CA GLU A 230 -25.13 -2.84 27.79
C GLU A 230 -23.92 -1.95 27.57
N THR A 231 -23.18 -1.70 28.64
CA THR A 231 -21.96 -0.92 28.56
C THR A 231 -20.86 -1.61 29.33
N LEU A 232 -19.74 -1.77 28.65
CA LEU A 232 -18.59 -2.45 29.20
C LEU A 232 -17.46 -1.49 28.97
N ASN A 233 -16.92 -0.96 30.06
CA ASN A 233 -15.91 0.08 29.98
C ASN A 233 -14.70 -0.33 30.80
N ILE A 234 -13.64 -0.73 30.10
CA ILE A 234 -12.31 -1.00 30.69
C ILE A 234 -11.22 0.03 30.35
N SER A 235 -11.63 1.18 29.85
CA SER A 235 -10.68 2.16 29.37
C SER A 235 -9.75 2.71 30.45
N ARG A 236 -8.60 3.22 29.98
CA ARG A 236 -7.58 3.80 30.84
C ARG A 236 -7.16 2.83 31.95
N ASN A 237 -6.58 1.71 31.51
CA ASN A 237 -5.96 0.72 32.37
C ASN A 237 -4.66 0.28 31.70
N ASN A 238 -4.03 -0.74 32.24
CA ASN A 238 -2.85 -1.38 31.65
C ASN A 238 -3.01 -2.67 30.86
N LEU A 239 -4.22 -3.03 30.46
CA LEU A 239 -4.43 -4.28 29.74
C LEU A 239 -3.52 -4.43 28.52
N ALA A 240 -2.85 -5.59 28.44
CA ALA A 240 -1.98 -5.88 27.30
C ALA A 240 -2.50 -7.12 26.57
N GLY A 241 -1.85 -7.50 25.47
CA GLY A 241 -2.33 -8.60 24.66
C GLY A 241 -3.34 -8.13 23.62
N LYS A 242 -4.09 -9.05 23.02
CA LYS A 242 -4.94 -8.67 21.92
C LYS A 242 -6.40 -8.59 22.32
N ILE A 243 -7.24 -8.11 21.42
CA ILE A 243 -8.68 -8.17 21.61
C ILE A 243 -9.09 -9.62 21.39
N PRO A 244 -9.76 -10.23 22.37
CA PRO A 244 -10.10 -11.64 22.23
C PRO A 244 -10.96 -11.88 21.00
N ASN A 245 -10.55 -12.85 20.19
CA ASN A 245 -11.31 -13.29 19.02
C ASN A 245 -12.11 -14.57 19.30
N GLY A 246 -12.52 -15.22 18.23
CA GLY A 246 -13.29 -16.44 18.34
C GLY A 246 -14.72 -16.20 18.71
N GLU A 247 -15.19 -16.89 19.75
CA GLU A 247 -16.59 -16.77 20.13
C GLU A 247 -16.84 -15.79 21.27
N TYR A 248 -15.76 -15.22 21.80
CA TYR A 248 -15.81 -14.38 22.99
C TYR A 248 -16.91 -13.32 22.99
N TRP A 249 -17.14 -12.69 21.83
CA TRP A 249 -18.14 -11.63 21.71
C TRP A 249 -19.51 -12.15 21.26
N GLY A 250 -19.57 -13.46 20.96
CA GLY A 250 -20.75 -14.04 20.35
C GLY A 250 -22.02 -14.06 21.19
N SER A 251 -21.90 -14.03 22.52
CA SER A 251 -23.08 -14.16 23.38
C SER A 251 -23.65 -12.83 23.91
N PHE A 252 -23.02 -11.72 23.55
CA PHE A 252 -23.49 -10.45 24.08
C PHE A 252 -24.71 -10.10 23.23
N GLN A 253 -25.86 -10.02 23.87
CA GLN A 253 -27.11 -9.70 23.18
C GLN A 253 -27.41 -8.22 22.99
N ASN A 254 -27.15 -7.46 24.03
CA ASN A 254 -27.43 -6.03 24.08
C ASN A 254 -26.27 -5.01 24.12
N LEU A 255 -25.04 -5.41 23.83
CA LEU A 255 -23.93 -4.49 24.09
C LEU A 255 -23.98 -3.22 23.21
N LYS A 256 -24.08 -2.08 23.87
CA LYS A 256 -24.29 -0.79 23.23
C LYS A 256 -23.03 0.09 23.26
N GLN A 257 -22.50 0.34 24.45
CA GLN A 257 -21.23 1.05 24.63
C GLN A 257 -20.07 0.12 24.99
N LEU A 258 -19.10 0.02 24.10
CA LEU A 258 -17.87 -0.67 24.41
C LEU A 258 -16.68 0.30 24.39
N SER A 259 -15.88 0.28 25.45
CA SER A 259 -14.63 1.04 25.46
C SER A 259 -13.49 0.19 25.98
N LEU A 260 -12.52 -0.08 25.09
CA LEU A 260 -11.22 -0.67 25.43
C LEU A 260 -10.09 0.37 25.43
N ALA A 261 -10.46 1.64 25.28
CA ALA A 261 -9.52 2.73 25.05
C ALA A 261 -8.40 2.93 26.09
N HIS A 262 -7.27 3.45 25.62
CA HIS A 262 -6.15 3.82 26.49
C HIS A 262 -5.67 2.68 27.37
N ASN A 263 -5.15 1.66 26.71
CA ASN A 263 -4.60 0.47 27.34
C ASN A 263 -3.31 0.15 26.59
N ARG A 264 -2.75 -1.03 26.84
CA ARG A 264 -1.57 -1.50 26.10
C ARG A 264 -1.90 -2.51 24.97
N LEU A 265 -3.18 -2.67 24.68
CA LEU A 265 -3.63 -3.66 23.71
C LEU A 265 -2.97 -3.57 22.33
N SER A 266 -2.72 -4.71 21.71
CA SER A 266 -2.02 -4.71 20.43
C SER A 266 -2.66 -5.68 19.45
N GLY A 267 -2.01 -5.83 18.30
CA GLY A 267 -2.47 -6.71 17.24
C GLY A 267 -3.52 -6.03 16.39
N GLU A 268 -4.13 -6.82 15.50
CA GLU A 268 -5.23 -6.35 14.67
C GLU A 268 -6.58 -6.39 15.39
N ILE A 269 -7.51 -5.56 14.93
CA ILE A 269 -8.88 -5.64 15.42
C ILE A 269 -9.59 -6.83 14.78
N PRO A 270 -9.97 -7.82 15.60
CA PRO A 270 -10.52 -9.11 15.16
C PRO A 270 -11.85 -8.95 14.42
N PRO A 271 -12.01 -9.65 13.30
CA PRO A 271 -13.29 -9.63 12.58
C PRO A 271 -14.46 -10.07 13.46
N GLU A 272 -14.21 -11.03 14.36
CA GLU A 272 -15.24 -11.55 15.25
C GLU A 272 -15.84 -10.49 16.16
N LEU A 273 -15.09 -9.40 16.41
CA LEU A 273 -15.62 -8.31 17.22
C LEU A 273 -16.90 -7.78 16.57
N SER A 274 -16.98 -7.95 15.25
CA SER A 274 -18.14 -7.50 14.47
C SER A 274 -19.46 -8.17 14.87
N LEU A 275 -19.38 -9.28 15.62
CA LEU A 275 -20.58 -9.89 16.19
C LEU A 275 -21.38 -8.87 17.01
N LEU A 276 -20.70 -7.88 17.58
CA LEU A 276 -21.37 -6.82 18.37
C LEU A 276 -22.16 -5.81 17.53
N CYS A 277 -21.99 -5.87 16.22
CA CYS A 277 -22.58 -4.89 15.30
C CYS A 277 -24.11 -4.83 15.28
N LYS A 278 -24.76 -5.90 15.75
CA LYS A 278 -26.22 -5.91 15.79
C LYS A 278 -26.80 -4.92 16.82
N THR A 279 -25.92 -4.41 17.68
CA THR A 279 -26.26 -3.55 18.83
C THR A 279 -25.43 -2.25 18.97
N LEU A 280 -24.12 -2.37 18.77
CA LEU A 280 -23.14 -1.33 19.16
C LEU A 280 -23.48 0.06 18.63
N VAL A 281 -23.69 1.02 19.53
CA VAL A 281 -23.75 2.41 19.09
C VAL A 281 -22.52 3.27 19.42
N ILE A 282 -21.67 2.81 20.35
CA ILE A 282 -20.46 3.55 20.67
C ILE A 282 -19.25 2.64 20.88
N LEU A 283 -18.22 2.85 20.07
CA LEU A 283 -17.03 2.01 20.11
C LEU A 283 -15.79 2.89 20.26
N ASP A 284 -15.00 2.68 21.30
CA ASP A 284 -13.79 3.42 21.52
C ASP A 284 -12.68 2.41 21.70
N LEU A 285 -11.84 2.32 20.68
CA LEU A 285 -10.60 1.54 20.67
C LEU A 285 -9.33 2.41 20.77
N SER A 286 -9.54 3.70 21.01
CA SER A 286 -8.48 4.72 21.04
C SER A 286 -7.32 4.36 21.93
N GLY A 287 -6.14 4.85 21.54
CA GLY A 287 -5.00 4.89 22.44
C GLY A 287 -4.40 3.54 22.78
N ASN A 288 -4.24 2.71 21.76
CA ASN A 288 -3.63 1.40 21.88
C ASN A 288 -2.57 1.24 20.80
N THR A 289 -2.07 0.03 20.60
CA THR A 289 -1.11 -0.31 19.53
C THR A 289 -1.68 -0.99 18.28
N PHE A 290 -2.99 -1.01 18.14
CA PHE A 290 -3.65 -1.69 17.02
C PHE A 290 -3.12 -1.34 15.62
N SER A 291 -2.89 -2.36 14.79
CA SER A 291 -2.53 -2.18 13.39
C SER A 291 -3.54 -2.85 12.47
N GLY A 292 -3.34 -2.68 11.17
CA GLY A 292 -4.25 -3.22 10.19
C GLY A 292 -5.47 -2.34 9.95
N GLU A 293 -6.61 -2.96 9.68
CA GLU A 293 -7.80 -2.20 9.31
C GLU A 293 -8.94 -2.48 10.26
N LEU A 294 -9.95 -1.62 10.21
CA LEU A 294 -11.25 -1.96 10.74
C LEU A 294 -11.84 -2.99 9.76
N PRO A 295 -12.14 -4.21 10.24
CA PRO A 295 -12.59 -5.33 9.40
C PRO A 295 -13.84 -4.99 8.58
N SER A 296 -13.94 -5.59 7.40
CA SER A 296 -15.08 -5.34 6.50
C SER A 296 -16.44 -5.72 7.10
N GLN A 297 -16.44 -6.68 8.02
CA GLN A 297 -17.67 -7.10 8.66
C GLN A 297 -18.36 -5.95 9.39
N PHE A 298 -17.61 -4.89 9.69
CA PHE A 298 -18.17 -3.74 10.39
C PHE A 298 -19.16 -2.92 9.57
N THR A 299 -19.30 -3.25 8.29
CA THR A 299 -20.39 -2.68 7.49
C THR A 299 -21.79 -3.05 8.05
N ALA A 300 -21.85 -4.03 8.94
CA ALA A 300 -23.12 -4.41 9.57
C ALA A 300 -23.45 -3.45 10.72
N CYS A 301 -22.55 -2.51 10.98
CA CYS A 301 -22.56 -1.70 12.21
C CYS A 301 -23.54 -0.53 12.17
N VAL A 302 -24.59 -0.74 11.39
CA VAL A 302 -25.60 0.25 11.05
C VAL A 302 -26.12 1.17 12.19
N TRP A 303 -26.05 0.74 13.45
CA TRP A 303 -26.44 1.62 14.56
C TRP A 303 -25.27 2.38 15.23
N LEU A 304 -24.06 2.24 14.68
CA LEU A 304 -22.89 2.90 15.26
C LEU A 304 -22.94 4.43 15.06
N GLN A 305 -23.03 5.15 16.17
CA GLN A 305 -23.04 6.61 16.21
C GLN A 305 -21.66 7.27 16.38
N ASN A 306 -20.84 6.70 17.26
CA ASN A 306 -19.60 7.30 17.71
C ASN A 306 -18.48 6.27 17.66
N LEU A 307 -17.50 6.50 16.79
CA LEU A 307 -16.41 5.56 16.55
C LEU A 307 -15.06 6.22 16.80
N ASN A 308 -14.34 5.77 17.81
CA ASN A 308 -13.03 6.34 18.11
C ASN A 308 -11.94 5.30 17.91
N LEU A 309 -11.18 5.43 16.83
CA LEU A 309 -9.97 4.63 16.56
C LEU A 309 -8.67 5.40 16.73
N GLY A 310 -8.76 6.63 17.21
CA GLY A 310 -7.61 7.52 17.30
C GLY A 310 -6.46 6.92 18.09
N ASN A 311 -5.25 7.39 17.80
CA ASN A 311 -4.05 6.92 18.47
C ASN A 311 -3.82 5.41 18.45
N ASN A 312 -3.66 4.90 17.23
CA ASN A 312 -3.21 3.54 17.01
C ASN A 312 -2.22 3.57 15.82
N TYR A 313 -1.94 2.39 15.29
CA TYR A 313 -1.21 2.20 14.06
C TYR A 313 -2.03 1.80 12.82
N LEU A 314 -3.33 2.03 12.86
CA LEU A 314 -4.21 1.59 11.77
C LEU A 314 -3.80 2.14 10.38
N SER A 315 -4.12 1.38 9.33
CA SER A 315 -3.86 1.81 7.95
C SER A 315 -4.81 1.13 6.95
N GLY A 316 -4.70 1.49 5.69
CA GLY A 316 -5.54 0.90 4.66
C GLY A 316 -6.75 1.74 4.32
N ASP A 317 -7.64 1.17 3.52
CA ASP A 317 -8.75 1.93 2.93
C ASP A 317 -10.09 1.85 3.67
N PHE A 318 -10.09 1.31 4.88
CA PHE A 318 -11.34 1.03 5.60
C PHE A 318 -12.33 2.20 5.78
N LEU A 319 -11.87 3.45 5.73
CA LEU A 319 -12.77 4.60 5.86
C LEU A 319 -13.67 4.66 4.64
N ASN A 320 -13.13 4.14 3.55
CA ASN A 320 -13.82 4.08 2.27
C ASN A 320 -14.70 2.83 2.21
N THR A 321 -14.06 1.66 2.29
CA THR A 321 -14.76 0.39 2.15
C THR A 321 -15.70 0.08 3.32
N VAL A 322 -15.44 0.64 4.49
CA VAL A 322 -16.27 0.33 5.66
C VAL A 322 -17.08 1.51 6.19
N VAL A 323 -16.39 2.52 6.73
CA VAL A 323 -17.06 3.63 7.42
C VAL A 323 -17.95 4.49 6.49
N SER A 324 -17.59 4.62 5.21
CA SER A 324 -18.49 5.24 4.22
C SER A 324 -19.87 4.64 4.31
N LYS A 325 -19.92 3.32 4.49
CA LYS A 325 -21.16 2.57 4.47
C LYS A 325 -22.10 2.76 5.67
N ILE A 326 -21.59 3.26 6.80
CA ILE A 326 -22.50 3.43 7.93
C ILE A 326 -23.06 4.82 7.85
N THR A 327 -24.32 4.91 7.44
CA THR A 327 -24.88 6.20 7.03
C THR A 327 -25.21 7.11 8.19
N GLY A 328 -25.38 6.51 9.38
CA GLY A 328 -25.80 7.25 10.55
C GLY A 328 -24.67 7.65 11.49
N ILE A 329 -23.43 7.41 11.10
CA ILE A 329 -22.31 7.75 11.96
C ILE A 329 -22.27 9.25 12.20
N THR A 330 -22.37 9.67 13.47
CA THR A 330 -22.29 11.08 13.83
C THR A 330 -20.87 11.64 14.13
N TYR A 331 -20.04 10.85 14.82
CA TYR A 331 -18.69 11.27 15.25
C TYR A 331 -17.64 10.23 14.85
N LEU A 332 -16.61 10.69 14.12
CA LEU A 332 -15.56 9.79 13.63
C LEU A 332 -14.15 10.28 13.99
N TYR A 333 -13.47 9.56 14.88
CA TYR A 333 -12.14 9.98 15.33
C TYR A 333 -11.05 9.00 14.93
N VAL A 334 -10.31 9.34 13.88
CA VAL A 334 -9.21 8.53 13.38
C VAL A 334 -7.79 9.10 13.50
N ALA A 335 -7.65 10.19 14.22
CA ALA A 335 -6.37 10.90 14.26
C ALA A 335 -5.25 10.07 14.90
N TYR A 336 -4.01 10.38 14.52
CA TYR A 336 -2.85 9.66 15.01
C TYR A 336 -2.89 8.19 14.62
N ASN A 337 -2.85 7.96 13.31
CA ASN A 337 -2.76 6.64 12.72
C ASN A 337 -1.86 6.68 11.50
N ASN A 338 -1.80 5.56 10.79
CA ASN A 338 -1.01 5.39 9.57
C ASN A 338 -1.72 5.37 8.21
N ILE A 339 -2.97 5.81 8.17
CA ILE A 339 -3.70 5.85 6.90
C ILE A 339 -3.11 6.77 5.83
N SER A 340 -2.78 6.20 4.67
CA SER A 340 -2.38 7.00 3.50
C SER A 340 -3.45 7.06 2.39
N GLY A 341 -3.07 7.63 1.25
CA GLY A 341 -3.99 7.80 0.12
C GLY A 341 -4.75 9.11 0.27
N SER A 342 -5.71 9.33 -0.62
CA SER A 342 -6.59 10.49 -0.49
C SER A 342 -7.67 10.26 0.54
N VAL A 343 -8.17 11.35 1.12
CA VAL A 343 -9.33 11.32 2.00
C VAL A 343 -10.47 10.82 1.14
N PRO A 344 -11.11 9.71 1.53
CA PRO A 344 -12.15 9.12 0.67
C PRO A 344 -13.28 10.10 0.47
N ILE A 345 -13.72 10.30 -0.77
CA ILE A 345 -14.83 11.20 -1.03
C ILE A 345 -16.15 10.56 -0.60
N SER A 346 -16.15 9.23 -0.54
CA SER A 346 -17.30 8.51 -0.03
C SER A 346 -17.64 9.01 1.36
N LEU A 347 -16.64 9.55 2.06
CA LEU A 347 -16.86 10.02 3.42
C LEU A 347 -17.93 11.09 3.44
N THR A 348 -18.13 11.75 2.30
CA THR A 348 -19.10 12.85 2.22
C THR A 348 -20.53 12.35 2.01
N ASN A 349 -20.70 11.04 1.91
CA ASN A 349 -22.03 10.42 1.97
C ASN A 349 -22.51 10.29 3.42
N CYS A 350 -21.66 10.62 4.40
CA CYS A 350 -22.14 10.51 5.76
C CYS A 350 -22.72 11.87 6.11
N SER A 351 -24.04 11.94 6.04
CA SER A 351 -24.72 13.21 6.07
C SER A 351 -25.09 13.56 7.50
N ASN A 352 -24.87 12.61 8.41
CA ASN A 352 -25.07 12.90 9.81
C ASN A 352 -23.77 13.23 10.54
N LEU A 353 -22.64 13.17 9.84
CA LEU A 353 -21.35 13.45 10.44
C LEU A 353 -21.27 14.87 11.04
N ARG A 354 -21.08 14.94 12.36
CA ARG A 354 -20.80 16.17 13.08
C ARG A 354 -19.31 16.54 13.22
N VAL A 355 -18.47 15.55 13.50
CA VAL A 355 -17.05 15.80 13.68
C VAL A 355 -16.27 14.79 12.88
N LEU A 356 -15.29 15.27 12.13
CA LEU A 356 -14.44 14.37 11.37
C LEU A 356 -12.99 14.71 11.73
N ASP A 357 -12.29 13.82 12.44
CA ASP A 357 -10.91 14.07 12.84
C ASP A 357 -10.00 13.07 12.14
N LEU A 358 -9.34 13.55 11.10
CA LEU A 358 -8.34 12.80 10.34
C LEU A 358 -6.89 13.19 10.65
N SER A 359 -6.70 14.02 11.67
CA SER A 359 -5.38 14.61 11.95
C SER A 359 -4.25 13.61 12.18
N SER A 360 -3.03 14.01 11.84
CA SER A 360 -1.84 13.16 12.00
C SER A 360 -1.93 11.77 11.37
N ASN A 361 -2.22 11.76 10.07
CA ASN A 361 -2.21 10.54 9.26
C ASN A 361 -1.29 10.76 8.07
N GLY A 362 -1.39 9.93 7.04
CA GLY A 362 -0.61 10.11 5.83
C GLY A 362 -1.36 10.63 4.60
N PHE A 363 -2.51 11.25 4.81
CA PHE A 363 -3.35 11.67 3.69
C PHE A 363 -2.66 12.61 2.70
N THR A 364 -2.83 12.32 1.41
CA THR A 364 -2.34 13.15 0.30
C THR A 364 -3.54 13.64 -0.50
N GLY A 365 -3.29 14.39 -1.58
CA GLY A 365 -4.36 14.84 -2.44
C GLY A 365 -5.10 16.05 -1.90
N ASN A 366 -6.26 16.33 -2.47
CA ASN A 366 -7.04 17.50 -2.10
C ASN A 366 -7.90 17.37 -0.85
N VAL A 367 -8.17 18.50 -0.21
CA VAL A 367 -9.22 18.58 0.79
C VAL A 367 -10.52 18.24 0.11
N PRO A 368 -11.39 17.45 0.78
CA PRO A 368 -12.67 17.05 0.17
C PRO A 368 -13.57 18.26 -0.14
N SER A 369 -14.05 18.34 -1.38
CA SER A 369 -14.89 19.47 -1.83
C SER A 369 -16.40 19.20 -1.83
N GLY A 370 -16.81 18.01 -1.41
CA GLY A 370 -18.20 17.61 -1.50
C GLY A 370 -18.97 17.57 -0.19
N PHE A 371 -18.40 18.08 0.88
CA PHE A 371 -18.90 17.75 2.20
C PHE A 371 -20.34 18.16 2.54
N CYS A 372 -20.86 19.18 1.91
CA CYS A 372 -22.29 19.42 2.06
C CYS A 372 -22.89 19.62 0.66
N SER A 373 -23.66 18.62 0.22
CA SER A 373 -24.10 18.54 -1.18
C SER A 373 -25.61 18.65 -1.29
N LEU A 374 -26.30 17.59 -0.93
CA LEU A 374 -27.77 17.63 -0.92
C LEU A 374 -28.25 18.44 0.28
N GLN A 375 -27.31 18.87 1.12
CA GLN A 375 -27.65 19.70 2.27
C GLN A 375 -28.69 19.01 3.14
N SER A 376 -29.83 19.66 3.28
CA SER A 376 -31.00 19.09 3.92
C SER A 376 -30.84 18.75 5.40
N SER A 377 -30.01 19.48 6.15
CA SER A 377 -29.15 20.57 5.70
C SER A 377 -27.82 20.40 6.44
N PRO A 378 -26.74 21.08 6.00
CA PRO A 378 -25.41 20.71 6.49
C PRO A 378 -25.32 20.60 8.00
N VAL A 379 -24.84 19.46 8.48
CA VAL A 379 -24.77 19.20 9.91
C VAL A 379 -23.35 19.24 10.52
N LEU A 380 -22.34 19.37 9.67
CA LEU A 380 -20.94 19.21 10.07
C LEU A 380 -20.35 20.39 10.87
N GLU A 381 -19.93 20.11 12.10
CA GLU A 381 -19.33 21.08 13.00
C GLU A 381 -17.81 21.30 12.97
N LYS A 382 -17.03 20.23 12.80
CA LYS A 382 -15.59 20.30 12.94
C LYS A 382 -14.99 19.40 11.88
N ILE A 383 -14.02 19.93 11.15
CA ILE A 383 -13.25 19.11 10.25
C ILE A 383 -11.76 19.33 10.58
N LEU A 384 -11.10 18.27 11.03
CA LEU A 384 -9.72 18.36 11.46
C LEU A 384 -8.88 17.43 10.59
N ILE A 385 -8.12 18.02 9.69
CA ILE A 385 -7.11 17.32 8.91
C ILE A 385 -5.64 17.70 9.14
N ALA A 386 -5.35 18.38 10.25
CA ALA A 386 -3.98 18.84 10.54
C ALA A 386 -2.93 17.75 10.48
N ASN A 387 -1.72 18.15 10.08
CA ASN A 387 -0.55 17.27 10.10
C ASN A 387 -0.71 16.08 9.16
N ASN A 388 -1.07 16.40 7.93
CA ASN A 388 -1.05 15.46 6.83
C ASN A 388 -0.25 16.03 5.67
N TYR A 389 -0.34 15.37 4.53
CA TYR A 389 0.26 15.81 3.27
C TYR A 389 -0.63 16.47 2.21
N LEU A 390 -1.79 16.96 2.60
CA LEU A 390 -2.75 17.57 1.68
C LEU A 390 -2.17 18.65 0.75
N SER A 391 -2.57 18.64 -0.52
CA SER A 391 -2.10 19.65 -1.48
C SER A 391 -3.26 20.37 -2.17
N GLY A 392 -2.94 21.29 -3.07
CA GLY A 392 -3.97 22.12 -3.69
C GLY A 392 -4.45 23.24 -2.78
N THR A 393 -5.65 23.76 -3.06
CA THR A 393 -6.16 24.87 -2.29
C THR A 393 -7.25 24.45 -1.30
N VAL A 394 -7.72 25.40 -0.50
CA VAL A 394 -8.86 25.19 0.38
C VAL A 394 -10.12 25.42 -0.45
N PRO A 395 -10.90 24.36 -0.67
CA PRO A 395 -12.06 24.48 -1.57
C PRO A 395 -13.11 25.45 -1.06
N MET A 396 -13.60 26.27 -1.97
CA MET A 396 -14.62 27.25 -1.64
C MET A 396 -15.92 26.57 -1.23
N GLU A 397 -16.09 25.31 -1.62
CA GLU A 397 -17.27 24.54 -1.27
C GLU A 397 -17.44 24.46 0.24
N LEU A 398 -16.33 24.47 0.97
CA LEU A 398 -16.42 24.35 2.42
C LEU A 398 -17.38 25.38 2.95
N GLY A 399 -17.47 26.50 2.22
CA GLY A 399 -18.37 27.60 2.54
C GLY A 399 -19.83 27.17 2.60
N LYS A 400 -20.14 25.99 2.08
CA LYS A 400 -21.50 25.44 2.13
C LYS A 400 -21.90 24.92 3.51
N CYS A 401 -20.94 24.56 4.36
CA CYS A 401 -21.35 23.91 5.60
C CYS A 401 -21.55 24.99 6.64
N LYS A 402 -22.80 25.37 6.80
CA LYS A 402 -23.16 26.55 7.54
C LYS A 402 -22.98 26.30 9.01
N SER A 403 -22.79 25.02 9.31
CA SER A 403 -22.69 24.58 10.69
C SER A 403 -21.23 24.53 11.19
N LEU A 404 -20.26 24.73 10.30
CA LEU A 404 -18.84 24.62 10.68
C LEU A 404 -18.50 25.52 11.84
N LYS A 405 -18.00 24.91 12.92
CA LYS A 405 -17.47 25.66 14.05
C LYS A 405 -15.94 25.72 14.08
N THR A 406 -15.31 24.72 13.46
CA THR A 406 -13.85 24.59 13.50
C THR A 406 -13.33 24.01 12.20
N ILE A 407 -12.35 24.68 11.60
CA ILE A 407 -11.61 24.10 10.49
C ILE A 407 -10.15 24.06 10.88
N ASP A 408 -9.52 22.88 10.87
CA ASP A 408 -8.09 22.81 11.15
C ASP A 408 -7.35 22.04 10.07
N LEU A 409 -6.66 22.81 9.23
CA LEU A 409 -5.82 22.34 8.13
C LEU A 409 -4.31 22.49 8.34
N SER A 410 -3.92 22.79 9.59
CA SER A 410 -2.53 23.09 9.94
C SER A 410 -1.51 22.05 9.49
N PHE A 411 -0.38 22.51 8.98
CA PHE A 411 0.74 21.64 8.59
C PHE A 411 0.36 20.64 7.52
N ASN A 412 -0.03 21.16 6.36
CA ASN A 412 -0.19 20.38 5.14
C ASN A 412 0.62 21.08 4.05
N GLU A 413 0.40 20.68 2.81
CA GLU A 413 1.01 21.28 1.63
C GLU A 413 0.15 22.35 0.94
N LEU A 414 -0.87 22.85 1.64
CA LEU A 414 -1.86 23.75 1.03
C LEU A 414 -1.30 25.03 0.41
N THR A 415 -1.98 25.51 -0.62
CA THR A 415 -1.53 26.70 -1.34
C THR A 415 -2.71 27.54 -1.85
N GLY A 416 -2.40 28.66 -2.50
CA GLY A 416 -3.43 29.53 -3.08
C GLY A 416 -4.13 30.33 -2.00
N PRO A 417 -5.08 31.19 -2.38
CA PRO A 417 -5.65 32.00 -1.30
C PRO A 417 -6.79 31.29 -0.60
N ILE A 418 -7.31 31.93 0.44
CA ILE A 418 -8.45 31.40 1.18
C ILE A 418 -9.70 32.03 0.61
N PRO A 419 -10.61 31.20 0.06
CA PRO A 419 -11.81 31.70 -0.61
C PRO A 419 -12.60 32.59 0.33
N LYS A 420 -13.22 33.64 -0.18
CA LYS A 420 -14.01 34.53 0.65
C LYS A 420 -15.09 33.75 1.39
N GLU A 421 -15.52 32.63 0.81
CA GLU A 421 -16.64 31.84 1.33
C GLU A 421 -16.35 31.27 2.72
N ILE A 422 -15.09 30.94 2.98
CA ILE A 422 -14.72 30.44 4.28
C ILE A 422 -14.82 31.55 5.33
N TRP A 423 -14.41 32.76 4.96
CA TRP A 423 -14.55 33.91 5.85
C TRP A 423 -16.01 34.32 6.05
N MET A 424 -16.92 33.87 5.20
CA MET A 424 -18.34 34.16 5.44
C MET A 424 -19.14 33.06 6.15
N LEU A 425 -18.47 31.97 6.55
CA LEU A 425 -19.11 30.94 7.36
C LEU A 425 -19.64 31.58 8.64
N PRO A 426 -20.97 31.55 8.82
CA PRO A 426 -21.66 32.29 9.89
C PRO A 426 -21.35 31.81 11.31
N ASN A 427 -21.07 30.52 11.48
CA ASN A 427 -20.78 29.97 12.81
C ASN A 427 -19.30 29.72 13.11
N LEU A 428 -18.44 30.11 12.18
CA LEU A 428 -17.03 29.80 12.35
C LEU A 428 -16.51 30.38 13.65
N SER A 429 -15.74 29.57 14.35
CA SER A 429 -15.16 29.92 15.65
C SER A 429 -13.64 29.88 15.56
N ASP A 430 -13.12 28.74 15.11
CA ASP A 430 -11.69 28.55 14.99
C ASP A 430 -11.28 28.29 13.55
N LEU A 431 -10.46 29.19 13.01
CA LEU A 431 -9.84 28.98 11.71
C LEU A 431 -8.34 28.75 11.96
N VAL A 432 -7.89 27.51 11.79
CA VAL A 432 -6.53 27.17 12.18
C VAL A 432 -5.87 26.50 10.98
N MET A 433 -5.09 27.32 10.27
CA MET A 433 -4.40 26.90 9.05
C MET A 433 -2.87 26.95 8.98
N TRP A 434 -2.21 27.10 10.11
CA TRP A 434 -0.77 27.38 10.14
C TRP A 434 0.14 26.31 9.52
N ALA A 435 1.36 26.72 9.16
CA ALA A 435 2.32 25.89 8.44
C ALA A 435 1.80 25.41 7.09
N ASN A 436 1.28 26.33 6.29
CA ASN A 436 0.95 26.03 4.92
C ASN A 436 1.66 26.98 3.97
N ASN A 437 1.30 26.90 2.70
CA ASN A 437 1.69 27.90 1.71
C ASN A 437 0.64 28.92 1.26
N LEU A 438 -0.39 29.10 2.07
CA LEU A 438 -1.50 30.02 1.79
C LEU A 438 -1.09 31.46 1.44
N THR A 439 -1.78 32.05 0.46
CA THR A 439 -1.50 33.40 0.01
C THR A 439 -2.77 34.24 0.09
N GLY A 440 -2.66 35.48 -0.39
CA GLY A 440 -3.79 36.40 -0.35
C GLY A 440 -3.77 37.23 0.90
N THR A 441 -4.93 37.79 1.23
CA THR A 441 -5.05 38.77 2.28
C THR A 441 -6.18 38.38 3.22
N ILE A 442 -6.22 39.03 4.38
CA ILE A 442 -7.33 38.88 5.30
C ILE A 442 -8.37 39.93 4.93
N PRO A 443 -9.59 39.50 4.62
CA PRO A 443 -10.58 40.41 4.05
C PRO A 443 -11.13 41.40 5.05
N GLU A 444 -11.50 42.58 4.55
CA GLU A 444 -12.14 43.61 5.36
C GLU A 444 -13.46 43.17 5.98
N GLY A 445 -14.03 42.08 5.52
CA GLY A 445 -15.32 41.68 6.05
C GLY A 445 -15.30 40.83 7.31
N VAL A 446 -14.10 40.50 7.78
CA VAL A 446 -13.91 39.51 8.85
C VAL A 446 -14.74 39.75 10.10
N CYS A 447 -15.38 38.68 10.58
CA CYS A 447 -16.10 38.70 11.84
C CYS A 447 -17.36 39.55 11.78
N VAL A 448 -17.51 40.25 10.67
CA VAL A 448 -18.74 40.96 10.35
C VAL A 448 -19.59 40.06 9.45
N LYS A 449 -19.03 39.77 8.27
CA LYS A 449 -19.72 39.04 7.22
C LYS A 449 -19.62 37.52 7.44
N GLY A 450 -19.02 37.14 8.56
CA GLY A 450 -18.85 35.73 8.90
C GLY A 450 -18.81 35.60 10.40
N GLY A 451 -18.58 34.39 10.89
CA GLY A 451 -18.60 34.14 12.32
C GLY A 451 -17.65 35.03 13.10
N ASN A 452 -17.99 35.24 14.37
CA ASN A 452 -17.13 36.05 15.23
C ASN A 452 -16.14 35.10 15.90
N LEU A 453 -14.90 35.15 15.41
CA LEU A 453 -13.85 34.16 15.72
C LEU A 453 -13.26 34.19 17.14
N GLU A 454 -13.04 33.01 17.72
CA GLU A 454 -12.24 32.84 18.92
C GLU A 454 -10.73 32.72 18.64
N THR A 455 -10.35 31.96 17.62
CA THR A 455 -8.94 31.88 17.23
C THR A 455 -8.76 32.02 15.72
N LEU A 456 -7.70 32.70 15.35
CA LEU A 456 -7.29 32.73 13.97
C LEU A 456 -5.81 32.40 13.98
N ILE A 457 -5.44 31.19 13.57
CA ILE A 457 -4.04 30.81 13.63
C ILE A 457 -3.58 30.49 12.24
N LEU A 458 -2.93 31.49 11.63
CA LEU A 458 -2.36 31.46 10.27
C LEU A 458 -0.83 31.60 10.13
N ASN A 459 -0.11 31.52 11.25
CA ASN A 459 1.33 31.71 11.21
C ASN A 459 2.03 30.80 10.21
N ASN A 460 3.18 31.24 9.72
CA ASN A 460 4.00 30.46 8.79
C ASN A 460 3.26 30.14 7.50
N ASN A 461 2.65 31.16 6.91
CA ASN A 461 2.12 31.12 5.57
C ASN A 461 2.73 32.29 4.77
N LEU A 462 2.19 32.50 3.57
CA LEU A 462 2.55 33.60 2.67
C LEU A 462 1.57 34.77 2.60
N LEU A 463 0.68 34.90 3.58
CA LEU A 463 -0.31 35.97 3.55
C LEU A 463 0.33 37.36 3.38
N THR A 464 -0.38 38.25 2.68
CA THR A 464 0.11 39.60 2.37
C THR A 464 -0.95 40.63 2.72
N GLY A 465 -0.60 41.90 2.54
CA GLY A 465 -1.53 42.97 2.82
C GLY A 465 -1.53 43.37 4.29
N SER A 466 -2.64 43.93 4.75
CA SER A 466 -2.74 44.52 6.07
C SER A 466 -3.62 43.68 6.95
N ILE A 467 -3.40 43.78 8.25
CA ILE A 467 -4.41 43.31 9.18
C ILE A 467 -5.53 44.32 9.04
N PRO A 468 -6.73 43.86 8.65
CA PRO A 468 -7.86 44.75 8.38
C PRO A 468 -8.34 45.43 9.66
N GLU A 469 -8.66 46.72 9.60
CA GLU A 469 -9.19 47.44 10.75
C GLU A 469 -10.42 46.72 11.29
N SER A 470 -11.03 45.88 10.45
CA SER A 470 -12.22 45.12 10.81
C SER A 470 -11.97 44.04 11.88
N ILE A 471 -10.72 43.73 12.15
CA ILE A 471 -10.40 42.71 13.16
C ILE A 471 -10.98 43.10 14.55
N SER A 472 -11.32 44.38 14.71
CA SER A 472 -11.91 44.92 15.94
C SER A 472 -13.32 44.40 16.28
N ARG A 473 -13.99 43.78 15.31
CA ARG A 473 -15.34 43.25 15.52
C ARG A 473 -15.31 41.76 15.89
N CYS A 474 -14.10 41.26 16.02
CA CYS A 474 -13.78 39.88 16.40
C CYS A 474 -13.82 39.70 17.92
N THR A 475 -14.69 40.46 18.56
CA THR A 475 -14.73 40.58 20.00
C THR A 475 -14.71 39.26 20.77
N ASN A 476 -15.01 38.15 20.12
CA ASN A 476 -14.79 36.85 20.75
C ASN A 476 -13.33 36.42 20.79
N MET A 477 -12.49 37.17 20.08
CA MET A 477 -11.12 36.73 19.87
C MET A 477 -10.30 36.50 21.14
N ILE A 478 -9.56 35.41 21.11
CA ILE A 478 -8.78 34.87 22.21
C ILE A 478 -7.30 34.81 21.79
N TRP A 479 -7.06 34.19 20.64
CA TRP A 479 -5.70 33.92 20.19
C TRP A 479 -5.52 34.21 18.72
N ILE A 480 -4.65 35.17 18.42
CA ILE A 480 -4.30 35.52 17.04
C ILE A 480 -2.82 35.23 16.77
N SER A 481 -2.56 34.35 15.80
CA SER A 481 -1.19 34.11 15.36
C SER A 481 -1.06 34.26 13.85
N LEU A 482 -0.43 35.37 13.46
CA LEU A 482 -0.08 35.70 12.08
C LEU A 482 1.42 35.67 11.80
N SER A 483 2.21 35.22 12.77
CA SER A 483 3.65 35.40 12.60
C SER A 483 4.18 34.66 11.36
N SER A 484 5.33 35.12 10.88
CA SER A 484 5.99 34.53 9.73
C SER A 484 5.11 34.46 8.49
N ASN A 485 4.56 35.61 8.13
CA ASN A 485 3.86 35.79 6.87
C ASN A 485 4.54 36.93 6.19
N ARG A 486 3.91 37.44 5.15
CA ARG A 486 4.29 38.66 4.45
C ARG A 486 3.52 39.96 4.81
N LEU A 487 2.79 39.99 5.91
CA LEU A 487 1.99 41.17 6.28
C LEU A 487 2.76 42.53 6.35
N THR A 488 2.09 43.58 5.88
CA THR A 488 2.62 44.93 5.89
C THR A 488 1.59 45.85 6.49
N GLY A 489 1.88 47.14 6.51
CA GLY A 489 0.97 48.11 7.10
C GLY A 489 1.13 48.21 8.60
N LYS A 490 0.36 49.09 9.22
CA LYS A 490 0.38 49.28 10.65
C LYS A 490 -0.49 48.25 11.39
N ILE A 491 -0.15 48.00 12.65
CA ILE A 491 -1.00 47.21 13.53
C ILE A 491 -2.22 48.07 13.84
N PRO A 492 -3.41 47.60 13.46
CA PRO A 492 -4.60 48.44 13.62
C PRO A 492 -4.95 48.72 15.08
N SER A 493 -5.24 49.97 15.38
CA SER A 493 -5.58 50.38 16.75
C SER A 493 -6.84 49.68 17.25
N GLY A 494 -7.64 49.16 16.33
CA GLY A 494 -8.87 48.51 16.69
C GLY A 494 -8.69 47.25 17.48
N ILE A 495 -7.51 46.64 17.39
CA ILE A 495 -7.22 45.41 18.13
C ILE A 495 -7.49 45.61 19.62
N GLY A 496 -7.45 46.88 20.04
CA GLY A 496 -7.76 47.24 21.42
C GLY A 496 -9.18 46.97 21.85
N ASN A 497 -10.06 46.66 20.89
CA ASN A 497 -11.46 46.42 21.17
C ASN A 497 -11.67 44.98 21.59
N LEU A 498 -10.61 44.18 21.51
CA LEU A 498 -10.76 42.77 21.77
C LEU A 498 -10.42 42.55 23.22
N SER A 499 -11.44 42.37 24.03
CA SER A 499 -11.25 42.40 25.48
C SER A 499 -10.88 41.04 26.00
N LYS A 500 -11.08 40.02 25.17
CA LYS A 500 -10.69 38.67 25.54
C LYS A 500 -9.38 38.23 24.91
N LEU A 501 -8.80 39.05 24.06
CA LEU A 501 -7.55 38.65 23.42
C LEU A 501 -6.48 38.36 24.49
N ALA A 502 -5.93 37.15 24.43
CA ALA A 502 -4.92 36.66 25.38
C ALA A 502 -3.56 36.68 24.74
N ILE A 503 -3.46 36.06 23.57
CA ILE A 503 -2.19 35.89 22.88
C ILE A 503 -2.23 36.58 21.52
N LEU A 504 -1.27 37.47 21.27
CA LEU A 504 -1.12 38.09 19.96
C LEU A 504 0.30 37.90 19.41
N GLN A 505 0.44 37.12 18.34
CA GLN A 505 1.75 36.86 17.76
C GLN A 505 1.78 37.36 16.32
N LEU A 506 2.49 38.46 16.15
CA LEU A 506 2.68 39.12 14.88
C LEU A 506 4.10 39.04 14.31
N GLY A 507 4.95 38.24 14.94
CA GLY A 507 6.36 38.26 14.63
C GLY A 507 6.76 37.84 13.22
N ASN A 508 7.95 38.29 12.79
CA ASN A 508 8.52 37.95 11.50
C ASN A 508 7.61 38.29 10.34
N ASN A 509 7.18 39.54 10.30
CA ASN A 509 6.46 40.12 9.19
C ASN A 509 7.16 41.40 8.74
N SER A 510 6.48 42.14 7.87
CA SER A 510 6.83 43.51 7.50
C SER A 510 6.04 44.69 8.14
N LEU A 511 5.37 44.44 9.26
CA LEU A 511 4.59 45.47 9.94
C LEU A 511 5.40 46.76 10.23
N SER A 512 4.76 47.91 10.12
CA SER A 512 5.47 49.17 10.32
C SER A 512 4.62 50.18 11.08
N GLY A 513 5.13 51.40 11.16
CA GLY A 513 4.48 52.39 12.00
C GLY A 513 4.75 52.06 13.47
N ASN A 514 3.94 52.66 14.33
CA ASN A 514 4.14 52.53 15.77
C ASN A 514 3.15 51.55 16.38
N VAL A 515 3.57 50.93 17.48
CA VAL A 515 2.69 50.06 18.23
C VAL A 515 1.60 50.91 18.84
N PRO A 516 0.34 50.68 18.45
CA PRO A 516 -0.79 51.47 18.92
C PRO A 516 -0.96 51.40 20.44
N ARG A 517 -1.08 52.56 21.08
CA ARG A 517 -1.25 52.60 22.53
C ARG A 517 -2.54 51.88 22.96
N GLN A 518 -3.47 51.68 22.02
CA GLN A 518 -4.75 51.02 22.33
C GLN A 518 -4.61 49.53 22.66
N LEU A 519 -3.49 48.92 22.28
CA LEU A 519 -3.19 47.56 22.69
C LEU A 519 -3.27 47.42 24.22
N GLY A 520 -3.01 48.51 24.92
CA GLY A 520 -3.02 48.49 26.36
C GLY A 520 -4.44 48.39 26.89
N ASN A 521 -5.41 48.57 26.00
CA ASN A 521 -6.79 48.46 26.39
C ASN A 521 -7.30 47.01 26.32
N CYS A 522 -6.47 46.09 25.81
CA CYS A 522 -6.86 44.68 25.80
C CYS A 522 -6.74 44.16 27.22
N LYS A 523 -7.87 43.76 27.79
CA LYS A 523 -7.91 43.47 29.22
C LYS A 523 -7.30 42.14 29.54
N SER A 524 -7.31 41.24 28.57
CA SER A 524 -6.81 39.90 28.81
C SER A 524 -5.39 39.60 28.32
N LEU A 525 -4.70 40.57 27.72
CA LEU A 525 -3.48 40.23 26.98
C LEU A 525 -2.35 39.78 27.90
N ILE A 526 -1.92 38.52 27.76
CA ILE A 526 -0.74 38.06 28.49
C ILE A 526 0.51 37.79 27.65
N TRP A 527 0.34 37.76 26.34
CA TRP A 527 1.42 37.34 25.45
C TRP A 527 1.44 38.21 24.19
N LEU A 528 2.52 38.98 24.03
CA LEU A 528 2.66 39.90 22.91
C LEU A 528 4.02 39.71 22.25
N ASP A 529 4.01 39.20 21.03
CA ASP A 529 5.23 39.01 20.28
C ASP A 529 5.17 39.80 18.98
N LEU A 530 5.90 40.92 18.95
CA LEU A 530 6.04 41.79 17.79
C LEU A 530 7.40 41.71 17.09
N ASN A 531 8.25 40.73 17.45
CA ASN A 531 9.67 40.74 17.03
C ASN A 531 9.91 40.65 15.52
N SER A 532 11.05 41.14 15.06
CA SER A 532 11.42 41.04 13.63
C SER A 532 10.38 41.64 12.68
N ASN A 533 10.05 42.89 12.94
CA ASN A 533 9.19 43.64 12.05
C ASN A 533 9.87 44.93 11.63
N ASN A 534 9.09 45.80 11.03
CA ASN A 534 9.52 47.13 10.67
C ASN A 534 9.09 48.28 11.58
N LEU A 535 8.67 47.94 12.79
CA LEU A 535 8.13 48.90 13.73
C LEU A 535 9.08 50.04 14.19
N THR A 536 8.49 51.24 14.25
CA THR A 536 9.19 52.43 14.72
C THR A 536 8.35 53.05 15.83
N GLY A 537 8.73 54.24 16.27
CA GLY A 537 7.98 54.95 17.27
C GLY A 537 8.44 54.57 18.67
N ASP A 538 7.58 54.79 19.65
CA ASP A 538 7.94 54.63 21.06
C ASP A 538 7.15 53.48 21.62
N LEU A 539 7.65 52.89 22.71
CA LEU A 539 6.92 51.88 23.45
C LEU A 539 5.82 52.57 24.22
N PRO A 540 4.56 52.29 23.89
CA PRO A 540 3.49 52.96 24.62
C PRO A 540 3.44 52.55 26.09
N GLY A 541 3.31 53.53 27.00
CA GLY A 541 3.22 53.26 28.42
C GLY A 541 1.98 52.43 28.77
N GLU A 542 0.93 52.60 27.97
CA GLU A 542 -0.35 51.96 28.23
C GLU A 542 -0.29 50.45 28.11
N LEU A 543 0.82 49.93 27.58
CA LEU A 543 0.98 48.49 27.47
C LEU A 543 1.01 47.78 28.84
N ALA A 544 1.38 48.54 29.88
CA ALA A 544 1.45 48.01 31.23
C ALA A 544 0.22 48.38 32.08
N SER A 545 -0.76 49.02 31.49
CA SER A 545 -1.86 49.56 32.29
C SER A 545 -2.78 48.49 32.90
N GLN A 546 -2.73 47.26 32.38
CA GLN A 546 -3.53 46.17 32.96
C GLN A 546 -2.76 45.42 34.03
N ALA A 547 -1.52 45.86 34.31
CA ALA A 547 -0.69 45.20 35.31
C ALA A 547 -1.38 45.15 36.66
N GLY A 548 -1.50 43.95 37.22
CA GLY A 548 -2.22 43.75 38.46
C GLY A 548 -3.70 43.46 38.31
N LEU A 549 -4.30 43.85 37.18
CA LEU A 549 -5.74 43.64 36.92
C LEU A 549 -6.14 42.40 36.10
N VAL A 550 -5.17 41.75 35.46
CA VAL A 550 -5.49 40.72 34.47
C VAL A 550 -6.12 39.47 35.10
N MET A 551 -7.25 39.03 34.53
CA MET A 551 -7.93 37.82 34.98
C MET A 551 -7.69 36.64 34.04
N PRO A 552 -7.33 35.47 34.61
CA PRO A 552 -7.07 34.31 33.75
C PRO A 552 -8.32 33.94 32.96
N GLY A 553 -8.17 33.87 31.64
CA GLY A 553 -9.27 33.81 30.70
C GLY A 553 -9.46 32.51 29.95
N SER A 554 -10.08 32.63 28.77
CA SER A 554 -10.52 31.46 28.02
C SER A 554 -9.46 30.81 27.11
N VAL A 555 -8.24 31.37 27.09
CA VAL A 555 -7.18 30.70 26.33
C VAL A 555 -6.62 29.44 27.03
N SER A 556 -6.95 29.26 28.30
CA SER A 556 -6.61 28.02 29.02
C SER A 556 -7.30 26.78 28.43
N GLY A 557 -6.64 25.63 28.56
CA GLY A 557 -7.17 24.39 28.04
C GLY A 557 -6.96 24.14 26.55
N LYS A 558 -6.03 24.86 25.93
CA LYS A 558 -5.71 24.60 24.52
C LYS A 558 -4.35 23.93 24.38
N GLN A 559 -4.26 22.99 23.45
CA GLN A 559 -3.01 22.28 23.20
C GLN A 559 -2.02 23.26 22.61
N PHE A 560 -0.84 23.37 23.22
CA PHE A 560 0.24 24.19 22.68
C PHE A 560 1.53 23.40 22.69
N ALA A 561 2.53 23.93 22.01
CA ALA A 561 3.89 23.43 22.12
C ALA A 561 4.75 24.67 22.19
N PHE A 562 5.86 24.62 22.91
CA PHE A 562 6.85 25.69 22.89
C PHE A 562 8.22 25.10 22.57
N VAL A 563 8.79 25.48 21.44
CA VAL A 563 10.10 24.96 21.04
C VAL A 563 11.21 25.87 21.55
N ARG A 564 12.07 25.30 22.39
CA ARG A 564 13.19 26.00 22.97
C ARG A 564 14.48 25.63 22.23
N ASN A 565 15.28 26.63 21.91
CA ASN A 565 16.57 26.39 21.27
C ASN A 565 17.72 27.07 22.02
N GLU A 566 18.94 26.58 21.85
CA GLU A 566 20.08 27.13 22.56
C GLU A 566 20.54 28.47 21.98
N GLY A 567 20.16 28.73 20.73
CA GLY A 567 20.41 30.04 20.13
C GLY A 567 19.76 31.10 20.99
N GLY A 568 20.21 32.35 20.87
CA GLY A 568 21.10 32.75 19.81
C GLY A 568 20.34 33.66 18.87
N THR A 569 21.06 34.50 18.14
CA THR A 569 20.43 35.53 17.33
C THR A 569 19.81 35.00 16.03
N ASP A 570 20.38 33.94 15.47
CA ASP A 570 19.83 33.31 14.28
C ASP A 570 18.51 32.58 14.61
N CYS A 571 18.36 32.22 15.88
CA CYS A 571 17.27 31.36 16.33
C CYS A 571 16.02 32.12 16.75
N ARG A 572 16.10 33.44 16.80
CA ARG A 572 14.89 34.23 17.03
C ARG A 572 13.91 33.89 15.89
N GLY A 573 12.63 33.88 16.20
CA GLY A 573 11.63 33.54 15.20
C GLY A 573 11.51 32.03 14.98
N ALA A 574 12.54 31.27 15.39
CA ALA A 574 12.51 29.81 15.28
C ALA A 574 11.91 29.20 16.55
N GLY A 575 11.08 28.17 16.38
CA GLY A 575 10.44 27.56 17.52
C GLY A 575 9.54 28.55 18.22
N GLY A 576 9.56 28.54 19.55
CA GLY A 576 8.64 29.35 20.30
C GLY A 576 7.28 28.69 20.37
N LEU A 577 6.25 29.52 20.52
CA LEU A 577 4.94 29.01 20.89
C LEU A 577 4.01 28.76 19.69
N VAL A 578 3.47 27.55 19.62
CA VAL A 578 2.55 27.16 18.56
C VAL A 578 1.30 26.44 19.09
N GLU A 579 0.20 26.62 18.37
CA GLU A 579 -1.01 25.85 18.60
C GLU A 579 -0.73 24.39 18.19
N PHE A 580 -0.97 23.47 19.12
CA PHE A 580 -0.59 22.06 18.95
C PHE A 580 -1.69 21.00 18.64
N GLU A 581 -2.95 21.39 18.51
CA GLU A 581 -4.02 20.40 18.31
C GLU A 581 -3.80 19.49 17.09
N GLY A 582 -3.81 18.18 17.33
CA GLY A 582 -3.77 17.19 16.27
C GLY A 582 -2.44 17.03 15.57
N ILE A 583 -1.36 17.50 16.21
CA ILE A 583 -0.05 17.49 15.60
C ILE A 583 0.95 16.68 16.41
N ARG A 584 1.83 15.95 15.73
CA ARG A 584 2.86 15.18 16.43
C ARG A 584 4.12 16.01 16.53
N ALA A 585 4.81 15.88 17.66
CA ALA A 585 6.05 16.61 17.91
C ALA A 585 7.05 16.51 16.76
N GLU A 586 7.19 15.31 16.18
CA GLU A 586 8.09 15.08 15.06
C GLU A 586 7.89 16.02 13.88
N ARG A 587 6.64 16.40 13.60
CA ARG A 587 6.40 17.33 12.49
C ARG A 587 7.00 18.71 12.79
N LEU A 588 7.16 19.03 14.07
CA LEU A 588 7.76 20.30 14.46
C LEU A 588 9.16 20.50 13.88
N GLU A 589 9.90 19.43 13.65
CA GLU A 589 11.27 19.53 13.14
C GLU A 589 11.34 19.97 11.67
N ARG A 590 10.19 20.06 11.01
CA ARG A 590 10.13 20.61 9.66
C ARG A 590 9.82 22.10 9.62
N LEU A 591 9.71 22.71 10.80
CA LEU A 591 9.63 24.16 10.89
C LEU A 591 10.91 24.80 10.34
N PRO A 592 10.82 26.08 9.97
CA PRO A 592 11.94 26.86 9.44
C PRO A 592 13.08 27.03 10.47
N MET A 593 14.32 27.06 9.98
CA MET A 593 15.52 27.29 10.79
C MET A 593 15.87 26.18 11.77
N VAL A 594 15.41 24.96 11.50
CA VAL A 594 15.64 23.86 12.43
C VAL A 594 17.08 23.33 12.40
N HIS A 595 17.73 23.47 11.25
CA HIS A 595 19.15 23.11 11.12
C HIS A 595 20.05 24.01 11.98
N SER A 596 19.90 25.33 11.80
CA SER A 596 20.62 26.31 12.62
C SER A 596 20.18 26.21 14.08
N CYS A 597 18.90 25.89 14.28
CA CYS A 597 18.33 25.96 15.62
C CYS A 597 17.63 24.67 16.04
N PRO A 598 18.43 23.61 16.26
CA PRO A 598 17.87 22.34 16.71
C PRO A 598 17.13 22.50 18.03
N ALA A 599 15.92 21.96 18.12
CA ALA A 599 15.17 22.07 19.37
C ALA A 599 15.99 21.42 20.47
N THR A 600 16.31 22.21 21.49
CA THR A 600 17.01 21.67 22.64
C THR A 600 15.98 21.01 23.54
N ARG A 601 14.81 21.62 23.60
CA ARG A 601 13.72 21.09 24.41
C ARG A 601 12.38 21.51 23.82
N ILE A 602 11.37 20.65 23.95
CA ILE A 602 10.03 20.98 23.50
C ILE A 602 9.04 20.76 24.62
N TYR A 603 8.46 21.83 25.14
CA TYR A 603 7.37 21.72 26.11
C TYR A 603 6.03 21.53 25.38
N SER A 604 5.12 20.78 25.99
CA SER A 604 3.82 20.53 25.40
C SER A 604 2.78 20.38 26.49
N GLY A 605 1.52 20.48 26.11
CA GLY A 605 0.48 20.27 27.10
C GLY A 605 -0.71 21.15 26.87
N MET A 606 -1.52 21.27 27.92
CA MET A 606 -2.66 22.16 27.99
C MET A 606 -2.16 23.50 28.52
N THR A 607 -2.67 24.60 27.97
CA THR A 607 -2.26 25.92 28.43
C THR A 607 -2.88 26.19 29.80
N MET A 608 -2.06 26.64 30.73
CA MET A 608 -2.54 27.08 32.03
C MET A 608 -1.88 28.39 32.48
N TYR A 609 -2.70 29.29 33.02
CA TYR A 609 -2.23 30.58 33.47
C TYR A 609 -1.29 30.42 34.67
N THR A 610 -0.48 31.43 34.93
CA THR A 610 0.46 31.41 36.05
C THR A 610 -0.08 32.18 37.27
N PHE A 611 -1.29 32.70 37.16
CA PHE A 611 -1.92 33.44 38.25
C PHE A 611 -3.44 33.14 38.39
N SER A 612 -3.96 33.19 39.61
CA SER A 612 -5.38 32.96 39.87
C SER A 612 -6.19 34.21 39.56
N ALA A 613 -5.55 35.36 39.70
CA ALA A 613 -6.23 36.62 39.49
C ALA A 613 -5.27 37.78 39.67
N ASN A 614 -5.69 38.97 39.29
CA ASN A 614 -4.84 40.16 39.43
C ASN A 614 -3.44 39.95 38.81
N GLY A 615 -3.41 39.49 37.56
CA GLY A 615 -2.17 39.13 36.90
C GLY A 615 -1.60 40.23 36.01
N SER A 616 -0.54 39.91 35.28
CA SER A 616 -0.01 40.81 34.25
C SER A 616 0.30 40.04 32.98
N MET A 617 0.94 40.72 32.03
CA MET A 617 1.54 40.06 30.90
C MET A 617 2.62 39.04 31.33
N ILE A 618 2.63 37.87 30.70
CA ILE A 618 3.69 36.87 30.88
C ILE A 618 4.89 37.09 29.94
N TYR A 619 4.60 37.45 28.69
CA TYR A 619 5.58 37.42 27.63
C TYR A 619 5.47 38.65 26.74
N PHE A 620 6.57 39.38 26.59
CA PHE A 620 6.58 40.54 25.70
C PHE A 620 7.89 40.57 24.90
N ASP A 621 7.80 40.44 23.59
CA ASP A 621 8.96 40.49 22.70
C ASP A 621 8.69 41.49 21.58
N ILE A 622 9.38 42.62 21.62
CA ILE A 622 9.46 43.58 20.53
C ILE A 622 10.83 43.66 19.81
N SER A 623 11.72 42.72 20.10
CA SER A 623 13.10 42.82 19.62
C SER A 623 13.22 42.85 18.08
N TYR A 624 14.34 43.40 17.59
CA TYR A 624 14.60 43.50 16.14
C TYR A 624 13.59 44.37 15.38
N ASN A 625 13.38 45.56 15.91
CA ASN A 625 12.57 46.57 15.25
C ASN A 625 13.43 47.84 15.24
N ALA A 626 12.85 48.98 14.91
CA ALA A 626 13.46 50.31 15.08
C ALA A 626 12.91 51.14 16.22
N VAL A 627 12.23 50.53 17.17
CA VAL A 627 11.68 51.25 18.30
C VAL A 627 12.66 52.20 19.01
N SER A 628 12.18 53.41 19.28
CA SER A 628 12.96 54.48 19.87
C SER A 628 12.25 54.94 21.14
N GLY A 629 12.73 56.04 21.73
CA GLY A 629 12.13 56.56 22.96
C GLY A 629 12.74 55.92 24.19
N PHE A 630 12.13 56.15 25.35
CA PHE A 630 12.65 55.53 26.55
C PHE A 630 11.80 54.34 26.99
N ILE A 631 12.27 53.60 27.99
CA ILE A 631 11.46 52.53 28.54
C ILE A 631 10.52 53.12 29.57
N PRO A 632 9.22 52.87 29.42
CA PRO A 632 8.25 53.35 30.41
C PRO A 632 8.43 52.64 31.75
N PRO A 633 8.54 53.39 32.87
CA PRO A 633 8.79 52.77 34.18
C PRO A 633 7.61 51.90 34.60
N GLY A 634 6.42 52.21 34.11
CA GLY A 634 5.26 51.36 34.35
C GLY A 634 5.44 49.88 34.01
N TYR A 635 6.32 49.58 33.04
CA TYR A 635 6.61 48.21 32.63
C TYR A 635 7.11 47.39 33.81
N GLY A 636 7.77 48.05 34.74
CA GLY A 636 8.28 47.41 35.95
C GLY A 636 7.20 46.91 36.88
N ASN A 637 5.95 47.31 36.66
CA ASN A 637 4.83 46.85 37.49
C ASN A 637 4.27 45.50 37.08
N MET A 638 4.89 44.82 36.11
CA MET A 638 4.29 43.56 35.67
C MET A 638 4.86 42.39 36.47
N GLY A 639 4.07 41.88 37.39
CA GLY A 639 4.58 40.97 38.41
C GLY A 639 4.74 39.54 37.93
N TYR A 640 3.97 39.22 36.90
CA TYR A 640 4.02 37.90 36.27
C TYR A 640 4.82 37.80 34.97
N LEU A 641 5.45 38.90 34.58
CA LEU A 641 6.16 38.91 33.31
C LEU A 641 7.42 38.03 33.42
N GLN A 642 7.51 37.01 32.58
CA GLN A 642 8.70 36.17 32.54
C GLN A 642 9.66 36.45 31.39
N VAL A 643 9.19 37.17 30.38
CA VAL A 643 10.05 37.50 29.26
C VAL A 643 9.82 38.95 28.85
N LEU A 644 10.89 39.71 28.88
CA LEU A 644 10.86 41.03 28.33
C LEU A 644 12.04 41.10 27.34
N ASN A 645 11.76 41.14 26.05
CA ASN A 645 12.84 41.19 25.08
C ASN A 645 12.69 42.46 24.24
N LEU A 646 13.53 43.45 24.57
CA LEU A 646 13.59 44.75 23.90
C LEU A 646 14.81 44.94 23.00
N GLY A 647 15.64 43.91 22.90
CA GLY A 647 16.90 44.02 22.19
C GLY A 647 16.81 44.37 20.72
N HIS A 648 17.95 44.79 20.16
CA HIS A 648 18.04 45.24 18.78
C HIS A 648 16.96 46.25 18.40
N ASN A 649 17.01 47.40 19.06
CA ASN A 649 16.19 48.55 18.72
C ASN A 649 17.03 49.84 18.83
N ARG A 650 16.35 50.97 18.80
CA ARG A 650 16.90 52.29 19.08
C ARG A 650 16.58 52.93 20.44
N ILE A 651 16.10 52.12 21.39
CA ILE A 651 15.72 52.61 22.72
C ILE A 651 16.81 53.38 23.50
N THR A 652 16.44 54.58 23.96
CA THR A 652 17.32 55.46 24.72
C THR A 652 16.85 55.69 26.17
N GLY A 653 17.59 56.51 26.88
CA GLY A 653 17.25 56.77 28.27
C GLY A 653 17.92 55.78 29.20
N THR A 654 17.33 55.59 30.37
CA THR A 654 17.94 54.76 31.38
C THR A 654 17.04 53.58 31.65
N ILE A 655 17.62 52.53 32.22
CA ILE A 655 16.82 51.41 32.69
C ILE A 655 16.09 51.84 33.96
N PRO A 656 14.77 51.75 33.96
CA PRO A 656 13.97 52.21 35.11
C PRO A 656 14.30 51.46 36.39
N ASP A 657 14.47 52.19 37.49
CA ASP A 657 14.66 51.55 38.79
C ASP A 657 13.53 50.60 39.11
N SER A 658 12.36 50.88 38.53
CA SER A 658 11.16 50.09 38.76
C SER A 658 11.30 48.64 38.33
N PHE A 659 12.34 48.31 37.56
CA PHE A 659 12.47 46.96 37.06
C PHE A 659 12.68 45.96 38.17
N GLY A 660 12.91 46.47 39.38
CA GLY A 660 13.03 45.62 40.56
C GLY A 660 11.75 44.88 40.91
N GLY A 661 10.62 45.33 40.36
CA GLY A 661 9.32 44.73 40.62
C GLY A 661 8.92 43.72 39.55
N LEU A 662 9.91 43.34 38.77
CA LEU A 662 9.83 42.31 37.74
C LEU A 662 10.01 40.91 38.36
N LYS A 663 9.55 40.75 39.59
CA LYS A 663 9.91 39.58 40.40
C LYS A 663 9.81 38.21 39.72
N ALA A 664 9.03 38.08 38.65
CA ALA A 664 8.96 36.81 37.93
C ALA A 664 9.93 36.67 36.75
N ILE A 665 10.63 37.74 36.41
CA ILE A 665 11.38 37.79 35.15
C ILE A 665 12.50 36.75 35.11
N GLY A 666 12.46 35.86 34.12
CA GLY A 666 13.57 34.99 33.80
C GLY A 666 14.48 35.50 32.69
N VAL A 667 13.90 36.20 31.72
CA VAL A 667 14.65 36.65 30.54
C VAL A 667 14.49 38.14 30.33
N LEU A 668 15.60 38.88 30.44
CA LEU A 668 15.56 40.31 30.25
C LEU A 668 16.66 40.73 29.27
N ASP A 669 16.26 41.06 28.04
CA ASP A 669 17.22 41.36 26.97
C ASP A 669 17.05 42.81 26.59
N LEU A 670 17.98 43.63 27.03
CA LEU A 670 18.05 45.06 26.68
C LEU A 670 19.14 45.37 25.66
N SER A 671 19.78 44.33 25.14
CA SER A 671 21.00 44.49 24.36
C SER A 671 20.79 45.23 23.05
N HIS A 672 21.88 45.78 22.51
CA HIS A 672 21.88 46.46 21.22
C HIS A 672 20.85 47.56 21.14
N ASN A 673 20.93 48.46 22.10
CA ASN A 673 20.13 49.67 22.12
C ASN A 673 21.02 50.90 22.38
N ASN A 674 20.37 52.02 22.66
CA ASN A 674 21.05 53.24 23.11
C ASN A 674 20.99 53.58 24.61
N LEU A 675 20.66 52.60 25.44
CA LEU A 675 20.53 52.84 26.88
C LEU A 675 21.77 53.47 27.51
N GLN A 676 21.56 54.36 28.47
CA GLN A 676 22.68 54.92 29.22
C GLN A 676 22.42 55.04 30.72
N GLY A 677 23.43 55.50 31.45
CA GLY A 677 23.35 55.59 32.90
C GLY A 677 23.75 54.32 33.62
N TYR A 678 23.30 54.19 34.85
CA TYR A 678 23.68 53.04 35.68
C TYR A 678 22.67 51.93 35.61
N LEU A 679 23.11 50.68 35.71
CA LEU A 679 22.18 49.58 35.96
C LEU A 679 21.56 49.75 37.35
N PRO A 680 20.22 49.67 37.44
CA PRO A 680 19.51 49.79 38.73
C PRO A 680 19.95 48.70 39.70
N GLY A 681 20.31 49.07 40.93
CA GLY A 681 20.75 48.09 41.92
C GLY A 681 19.63 47.13 42.24
N SER A 682 18.41 47.62 42.00
CA SER A 682 17.18 46.85 42.14
C SER A 682 17.20 45.51 41.37
N LEU A 683 17.93 45.47 40.26
CA LEU A 683 18.04 44.25 39.47
C LEU A 683 18.56 43.07 40.30
N GLY A 684 19.29 43.38 41.37
CA GLY A 684 19.82 42.36 42.24
C GLY A 684 18.76 41.63 43.03
N SER A 685 17.55 42.18 43.05
CA SER A 685 16.48 41.57 43.86
C SER A 685 15.59 40.66 43.02
N LEU A 686 15.97 40.47 41.75
CA LEU A 686 15.19 39.62 40.88
C LEU A 686 15.78 38.23 40.99
N SER A 687 15.07 37.33 41.66
CA SER A 687 15.67 36.07 42.05
C SER A 687 15.60 34.96 41.01
N PHE A 688 14.73 35.13 40.01
CA PHE A 688 14.60 34.15 38.92
C PHE A 688 15.35 34.52 37.66
N LEU A 689 16.07 35.65 37.67
CA LEU A 689 16.60 36.14 36.42
C LEU A 689 17.66 35.14 35.97
N SER A 690 17.38 34.43 34.89
CA SER A 690 18.33 33.42 34.42
C SER A 690 19.03 33.78 33.13
N ASP A 691 18.50 34.78 32.43
CA ASP A 691 19.10 35.23 31.20
C ASP A 691 19.04 36.74 31.14
N LEU A 692 20.19 37.39 31.27
CA LEU A 692 20.26 38.85 31.20
C LEU A 692 21.22 39.23 30.08
N ASP A 693 20.77 40.09 29.18
CA ASP A 693 21.68 40.62 28.18
C ASP A 693 21.55 42.12 28.12
N VAL A 694 22.61 42.77 28.58
CA VAL A 694 22.65 44.21 28.64
C VAL A 694 23.63 44.84 27.63
N SER A 695 24.25 44.00 26.82
CA SER A 695 25.41 44.41 26.02
C SER A 695 25.09 45.31 24.82
N ASN A 696 26.13 45.99 24.32
CA ASN A 696 25.98 46.95 23.20
C ASN A 696 25.04 48.12 23.49
N ASN A 697 25.30 48.80 24.60
CA ASN A 697 24.63 50.03 24.96
C ASN A 697 25.69 51.05 25.37
N ASN A 698 25.20 52.15 25.92
CA ASN A 698 25.99 53.18 26.55
C ASN A 698 26.11 53.14 28.09
N LEU A 699 25.76 52.02 28.70
CA LEU A 699 25.75 51.91 30.16
C LEU A 699 27.12 52.12 30.81
N THR A 700 27.11 52.62 32.04
CA THR A 700 28.35 52.85 32.78
C THR A 700 28.21 52.58 34.30
N GLY A 701 29.33 52.46 35.00
CA GLY A 701 29.30 52.36 36.44
C GLY A 701 29.28 50.92 36.92
N PRO A 702 29.11 50.74 38.24
CA PRO A 702 29.16 49.42 38.88
C PRO A 702 28.01 48.49 38.50
N ILE A 703 28.39 47.24 38.26
CA ILE A 703 27.43 46.18 38.03
C ILE A 703 26.92 45.79 39.40
N PRO A 704 25.59 45.85 39.63
CA PRO A 704 25.05 45.53 40.93
C PRO A 704 25.64 44.22 41.49
N PHE A 705 26.00 44.19 42.77
CA PHE A 705 26.71 43.05 43.34
C PHE A 705 25.75 41.95 43.82
N GLY A 706 24.47 42.29 43.97
CA GLY A 706 23.49 41.35 44.47
C GLY A 706 22.78 40.52 43.42
N GLY A 707 22.05 39.51 43.88
CA GLY A 707 21.30 38.61 43.01
C GLY A 707 22.15 37.89 41.98
N GLN A 708 21.66 37.83 40.75
CA GLN A 708 22.28 37.04 39.69
C GLN A 708 23.28 37.80 38.83
N LEU A 709 23.36 39.11 39.00
CA LEU A 709 24.13 39.93 38.08
C LEU A 709 25.61 39.54 37.92
N THR A 710 26.24 39.04 38.98
CA THR A 710 27.67 38.69 38.89
C THR A 710 27.87 37.27 38.38
N THR A 711 26.77 36.60 38.10
CA THR A 711 26.82 35.23 37.62
C THR A 711 26.81 35.11 36.09
N PHE A 712 26.65 36.23 35.39
CA PHE A 712 26.54 36.17 33.93
C PHE A 712 27.89 36.22 33.19
N PRO A 713 27.95 35.58 32.01
CA PRO A 713 29.13 35.67 31.15
C PRO A 713 29.48 37.11 30.79
N VAL A 714 30.77 37.38 30.65
CA VAL A 714 31.25 38.72 30.37
C VAL A 714 30.58 39.32 29.13
N SER A 715 30.21 38.45 28.21
CA SER A 715 29.61 38.87 26.94
C SER A 715 28.26 39.60 27.13
N ARG A 716 27.53 39.25 28.18
CA ARG A 716 26.28 39.94 28.50
C ARG A 716 26.47 41.42 28.89
N TYR A 717 27.68 41.79 29.29
CA TYR A 717 28.01 43.18 29.60
C TYR A 717 28.86 43.95 28.57
N ALA A 718 29.27 43.29 27.49
CA ALA A 718 30.28 43.84 26.59
C ALA A 718 29.81 45.08 25.81
N ASN A 719 30.78 45.83 25.32
CA ASN A 719 30.51 46.99 24.46
C ASN A 719 29.62 48.06 25.07
N ASN A 720 29.97 48.47 26.28
CA ASN A 720 29.28 49.54 26.96
C ASN A 720 30.27 50.68 27.23
N SER A 721 29.80 51.71 27.91
CA SER A 721 30.52 52.97 28.15
C SER A 721 31.43 53.04 29.38
N GLY A 722 31.92 51.90 29.89
CA GLY A 722 32.60 51.91 31.18
C GLY A 722 31.99 51.18 32.38
N LEU A 723 31.11 50.21 32.12
CA LEU A 723 30.70 49.29 33.19
C LEU A 723 31.93 48.71 33.89
N CYS A 724 31.79 48.38 35.17
CA CYS A 724 32.90 47.86 35.96
C CYS A 724 32.37 47.03 37.10
N GLY A 725 33.25 46.30 37.79
CA GLY A 725 32.83 45.39 38.83
C GLY A 725 32.57 43.99 38.29
N VAL A 726 32.71 42.99 39.16
CA VAL A 726 32.61 41.60 38.74
C VAL A 726 31.34 41.44 37.92
N PRO A 727 31.39 40.66 36.83
CA PRO A 727 32.47 39.87 36.20
C PRO A 727 33.54 40.66 35.48
N LEU A 728 33.35 41.95 35.23
CA LEU A 728 34.41 42.77 34.64
C LEU A 728 35.49 43.18 35.65
N ARG A 729 36.42 44.02 35.21
CA ARG A 729 37.48 44.54 36.06
C ARG A 729 36.89 45.40 37.19
N PRO A 730 37.41 45.24 38.41
CA PRO A 730 36.81 45.97 39.55
C PRO A 730 36.87 47.48 39.40
N CYS A 731 35.95 48.18 40.04
CA CYS A 731 35.80 49.63 39.89
C CYS A 731 36.91 50.45 40.53
N GLY A 732 37.66 49.84 41.44
CA GLY A 732 38.73 50.52 42.16
C GLY A 732 40.09 50.48 41.46
N SER A 733 40.09 50.29 40.15
CA SER A 733 41.34 50.21 39.37
C SER A 733 42.34 51.28 39.77
N ASP B 7 -10.22 10.49 -70.57
CA ASP B 7 -8.84 10.05 -70.68
C ASP B 7 -7.92 11.27 -70.80
N PHE B 8 -7.82 12.05 -69.73
CA PHE B 8 -7.03 13.28 -69.77
C PHE B 8 -6.18 13.51 -68.54
N ASN B 9 -4.87 13.65 -68.74
CA ASN B 9 -3.98 14.10 -67.69
C ASN B 9 -4.03 13.22 -66.44
N GLU B 10 -4.35 13.82 -65.31
CA GLU B 10 -4.38 13.12 -64.04
C GLU B 10 -5.28 11.89 -64.10
N THR B 11 -6.48 12.09 -64.64
CA THR B 11 -7.46 11.02 -64.74
C THR B 11 -6.93 9.83 -65.54
N ALA B 12 -6.29 10.14 -66.67
CA ALA B 12 -5.68 9.11 -67.50
C ALA B 12 -4.67 8.31 -66.69
N LEU B 13 -3.77 9.04 -66.03
CA LEU B 13 -2.75 8.43 -65.21
C LEU B 13 -3.37 7.46 -64.21
N LEU B 14 -4.38 7.93 -63.48
CA LEU B 14 -5.12 7.09 -62.53
C LEU B 14 -5.71 5.85 -63.19
N LEU B 15 -6.29 6.05 -64.37
CA LEU B 15 -6.86 4.95 -65.12
C LEU B 15 -5.81 3.98 -65.65
N ALA B 16 -4.64 4.49 -66.03
CA ALA B 16 -3.58 3.60 -66.48
C ALA B 16 -3.18 2.66 -65.33
N PHE B 17 -3.17 3.22 -64.12
CA PHE B 17 -2.84 2.47 -62.93
C PHE B 17 -3.84 1.33 -62.72
N LYS B 18 -5.13 1.64 -62.74
CA LYS B 18 -6.15 0.60 -62.59
C LYS B 18 -6.05 -0.49 -63.66
N GLN B 19 -5.73 -0.08 -64.88
CA GLN B 19 -5.63 -1.02 -66.00
C GLN B 19 -4.31 -1.79 -65.98
N ASN B 20 -3.20 -1.09 -65.73
CA ASN B 20 -1.87 -1.68 -65.81
C ASN B 20 -1.34 -2.24 -64.51
N SER B 21 -1.17 -1.36 -63.52
CA SER B 21 -0.54 -1.73 -62.26
C SER B 21 -1.36 -2.71 -61.42
N VAL B 22 -2.67 -2.55 -61.43
CA VAL B 22 -3.53 -3.38 -60.58
C VAL B 22 -4.04 -4.57 -61.35
N LYS B 23 -3.61 -5.77 -60.97
CA LYS B 23 -4.06 -6.99 -61.60
C LYS B 23 -5.41 -7.51 -61.08
N SER B 24 -5.64 -7.47 -59.77
CA SER B 24 -6.95 -7.84 -59.24
C SER B 24 -7.49 -6.93 -58.11
N ASP B 25 -8.80 -6.67 -58.16
CA ASP B 25 -9.51 -5.83 -57.22
C ASP B 25 -10.81 -6.51 -56.77
N PRO B 26 -10.68 -7.65 -56.08
CA PRO B 26 -11.81 -8.48 -55.67
C PRO B 26 -12.83 -7.74 -54.78
N ASN B 27 -12.42 -6.67 -54.11
CA ASN B 27 -13.33 -5.90 -53.27
C ASN B 27 -14.03 -4.82 -54.07
N ASN B 28 -13.57 -4.62 -55.30
CA ASN B 28 -14.13 -3.59 -56.16
C ASN B 28 -13.95 -2.18 -55.59
N VAL B 29 -12.83 -1.94 -54.91
CA VAL B 29 -12.53 -0.62 -54.35
C VAL B 29 -12.32 0.47 -55.43
N LEU B 30 -11.84 0.06 -56.60
CA LEU B 30 -11.65 0.98 -57.72
C LEU B 30 -12.86 0.99 -58.70
N GLY B 31 -13.96 0.35 -58.33
CA GLY B 31 -15.13 0.32 -59.17
C GLY B 31 -15.66 1.66 -59.63
N ASN B 32 -15.42 2.72 -58.85
CA ASN B 32 -15.82 4.06 -59.28
C ASN B 32 -14.71 4.83 -60.01
N TRP B 33 -13.59 4.17 -60.33
CA TRP B 33 -12.61 4.88 -61.14
C TRP B 33 -13.05 4.62 -62.58
N LYS B 34 -13.76 5.59 -63.13
CA LYS B 34 -14.53 5.39 -64.36
C LYS B 34 -14.54 6.68 -65.15
N TYR B 35 -14.20 6.63 -66.42
CA TYR B 35 -14.05 7.86 -67.19
C TYR B 35 -15.37 8.64 -67.30
N GLU B 36 -15.34 9.91 -66.92
CA GLU B 36 -16.51 10.78 -66.90
C GLU B 36 -17.71 10.17 -66.18
N GLY B 40 -14.80 14.69 -63.24
CA GLY B 40 -14.27 15.05 -61.93
C GLY B 40 -13.66 13.86 -61.18
N SER B 41 -12.33 13.77 -61.23
CA SER B 41 -11.64 12.59 -60.70
C SER B 41 -11.44 12.60 -59.19
N CYS B 42 -11.76 13.72 -58.56
CA CYS B 42 -11.54 13.88 -57.14
C CYS B 42 -12.59 13.16 -56.30
N SER B 43 -13.61 12.64 -56.98
CA SER B 43 -14.68 11.94 -56.31
C SER B 43 -14.36 10.46 -56.21
N TRP B 44 -13.29 10.04 -56.88
CA TRP B 44 -12.90 8.64 -56.95
C TRP B 44 -12.46 8.09 -55.59
N ARG B 45 -12.68 6.80 -55.39
CA ARG B 45 -12.44 6.16 -54.11
C ARG B 45 -10.96 6.21 -53.78
N GLY B 46 -10.63 6.74 -52.61
CA GLY B 46 -9.25 6.73 -52.14
C GLY B 46 -8.47 7.97 -52.54
N VAL B 47 -9.07 8.81 -53.38
CA VAL B 47 -8.40 9.96 -53.94
C VAL B 47 -8.78 11.20 -53.15
N SER B 48 -7.81 12.08 -52.90
CA SER B 48 -8.14 13.40 -52.35
C SER B 48 -7.50 14.54 -53.14
N CYS B 49 -8.12 15.70 -53.06
CA CYS B 49 -7.67 16.82 -53.86
C CYS B 49 -7.32 18.03 -53.02
N SER B 50 -6.58 18.94 -53.63
CA SER B 50 -6.40 20.29 -53.10
C SER B 50 -7.45 21.20 -53.73
N ASP B 51 -7.51 22.45 -53.29
CA ASP B 51 -8.46 23.41 -53.86
C ASP B 51 -8.33 23.58 -55.38
N ASP B 52 -7.10 23.47 -55.89
CA ASP B 52 -6.86 23.54 -57.34
C ASP B 52 -7.63 22.44 -58.08
N GLY B 53 -8.01 21.38 -57.37
CA GLY B 53 -8.63 20.24 -58.00
C GLY B 53 -7.64 19.24 -58.58
N ARG B 54 -6.40 19.32 -58.10
CA ARG B 54 -5.36 18.36 -58.45
C ARG B 54 -5.24 17.34 -57.31
N ILE B 55 -4.95 16.10 -57.67
CA ILE B 55 -4.88 15.04 -56.67
C ILE B 55 -3.73 15.32 -55.71
N VAL B 56 -4.04 15.45 -54.42
CA VAL B 56 -3.00 15.67 -53.43
C VAL B 56 -2.66 14.41 -52.64
N GLY B 57 -3.45 13.35 -52.83
CA GLY B 57 -3.27 12.14 -52.07
C GLY B 57 -4.04 10.94 -52.60
N LEU B 58 -3.49 9.76 -52.35
CA LEU B 58 -4.09 8.50 -52.76
C LEU B 58 -3.94 7.51 -51.59
N ASP B 59 -5.05 7.05 -51.03
CA ASP B 59 -5.01 6.10 -49.93
C ASP B 59 -5.81 4.84 -50.32
N LEU B 60 -5.05 3.81 -50.69
CA LEU B 60 -5.55 2.48 -51.04
C LEU B 60 -5.27 1.40 -49.99
N ARG B 61 -4.87 1.82 -48.81
CA ARG B 61 -4.43 0.89 -47.77
C ARG B 61 -5.41 -0.27 -47.52
N ASN B 62 -4.87 -1.44 -47.23
CA ASN B 62 -5.64 -2.61 -46.79
C ASN B 62 -6.85 -2.97 -47.67
N SER B 63 -6.69 -2.86 -48.99
CA SER B 63 -7.79 -3.07 -49.92
C SER B 63 -7.84 -4.42 -50.64
N GLY B 64 -6.91 -5.32 -50.34
CA GLY B 64 -6.86 -6.57 -51.07
C GLY B 64 -6.47 -6.43 -52.55
N LEU B 65 -5.82 -5.32 -52.90
CA LEU B 65 -5.32 -5.10 -54.26
C LEU B 65 -4.08 -5.93 -54.54
N THR B 66 -4.07 -6.58 -55.70
CA THR B 66 -2.88 -7.30 -56.16
C THR B 66 -2.35 -6.70 -57.44
N GLY B 67 -1.03 -6.57 -57.57
CA GLY B 67 -0.48 -6.07 -58.79
C GLY B 67 0.99 -5.69 -58.74
N THR B 68 1.42 -5.06 -59.82
CA THR B 68 2.79 -4.66 -60.04
C THR B 68 2.89 -3.17 -59.81
N LEU B 69 3.58 -2.77 -58.75
CA LEU B 69 3.80 -1.35 -58.51
C LEU B 69 4.98 -0.77 -59.31
N ASN B 70 4.71 0.30 -60.04
CA ASN B 70 5.80 1.10 -60.55
C ASN B 70 5.55 2.48 -59.98
N LEU B 71 6.39 2.86 -59.01
CA LEU B 71 6.12 4.05 -58.22
C LEU B 71 6.06 5.27 -59.13
N VAL B 72 6.91 5.27 -60.16
CA VAL B 72 7.03 6.43 -61.03
C VAL B 72 5.76 6.71 -61.83
N ASN B 73 4.95 5.69 -62.07
CA ASN B 73 3.68 5.90 -62.77
C ASN B 73 2.71 6.73 -61.92
N LEU B 74 2.76 6.55 -60.60
CA LEU B 74 1.94 7.34 -59.70
C LEU B 74 2.53 8.71 -59.34
N THR B 75 3.84 8.76 -59.10
CA THR B 75 4.47 10.00 -58.61
C THR B 75 4.56 11.06 -59.69
N ALA B 76 4.26 10.66 -60.93
CA ALA B 76 4.16 11.60 -62.03
C ALA B 76 3.00 12.56 -61.82
N LEU B 77 2.15 12.28 -60.83
CA LEU B 77 1.09 13.22 -60.45
C LEU B 77 1.72 14.50 -59.92
N PRO B 78 1.44 15.62 -60.59
CA PRO B 78 2.10 16.90 -60.25
C PRO B 78 2.01 17.23 -58.77
N ASN B 79 0.84 17.09 -58.17
CA ASN B 79 0.62 17.46 -56.76
C ASN B 79 0.57 16.36 -55.67
N LEU B 80 0.81 15.10 -56.03
CA LEU B 80 0.56 14.02 -55.07
C LEU B 80 1.57 14.09 -53.91
N GLN B 81 1.08 14.40 -52.72
CA GLN B 81 1.91 14.51 -51.53
C GLN B 81 1.88 13.33 -50.55
N ASN B 82 0.87 12.48 -50.65
CA ASN B 82 0.64 11.42 -49.67
C ASN B 82 0.19 10.19 -50.38
N LEU B 83 0.92 9.11 -50.19
CA LEU B 83 0.62 7.86 -50.86
C LEU B 83 0.57 6.72 -49.85
N TYR B 84 -0.61 6.14 -49.64
CA TYR B 84 -0.72 4.97 -48.76
C TYR B 84 -1.20 3.74 -49.53
N LEU B 85 -0.26 2.86 -49.86
CA LEU B 85 -0.52 1.58 -50.49
C LEU B 85 -0.34 0.38 -49.56
N GLN B 86 -0.09 0.64 -48.29
CA GLN B 86 0.30 -0.41 -47.37
C GLN B 86 -0.78 -1.46 -47.20
N GLY B 87 -0.36 -2.71 -47.03
CA GLY B 87 -1.28 -3.78 -46.69
C GLY B 87 -2.01 -4.39 -47.87
N ASN B 88 -1.39 -4.34 -49.04
CA ASN B 88 -1.95 -4.94 -50.25
C ASN B 88 -0.98 -6.01 -50.74
N TYR B 89 -1.21 -6.59 -51.91
CA TYR B 89 -0.12 -7.37 -52.49
C TYR B 89 0.35 -6.71 -53.77
N PHE B 90 1.34 -5.84 -53.63
CA PHE B 90 1.96 -5.17 -54.76
C PHE B 90 3.38 -5.70 -54.79
N SER B 91 3.84 -6.07 -55.97
CA SER B 91 5.13 -6.70 -56.12
C SER B 91 5.94 -5.78 -56.99
N SER B 92 7.16 -6.19 -57.34
CA SER B 92 7.99 -5.35 -58.17
C SER B 92 8.28 -4.02 -57.45
N GLY B 93 7.72 -2.92 -57.96
CA GLY B 93 8.09 -1.59 -57.52
C GLY B 93 8.82 -0.86 -58.64
N GLY B 94 9.01 0.44 -58.51
CA GLY B 94 9.60 1.21 -59.58
C GLY B 94 10.88 0.61 -60.17
N ASP B 95 11.03 0.72 -61.49
CA ASP B 95 12.33 0.56 -62.14
C ASP B 95 13.05 1.86 -61.81
N SER B 96 12.25 2.90 -61.70
CA SER B 96 12.63 4.13 -61.00
C SER B 96 13.83 4.95 -61.51
N SER B 97 13.60 5.56 -62.66
CA SER B 97 14.17 6.84 -63.03
C SER B 97 12.94 7.45 -63.66
N GLY B 98 12.86 8.78 -63.79
CA GLY B 98 11.56 9.34 -64.12
C GLY B 98 11.37 10.79 -63.78
N SER B 99 10.12 11.13 -63.49
CA SER B 99 9.68 12.51 -63.35
C SER B 99 9.85 13.09 -61.93
N ASP B 100 9.30 14.29 -61.72
CA ASP B 100 9.36 14.97 -60.44
C ASP B 100 8.50 14.30 -59.34
N CYS B 101 9.02 14.27 -58.12
CA CYS B 101 8.36 13.62 -56.99
C CYS B 101 8.06 14.61 -55.88
N TYR B 102 6.78 14.90 -55.66
CA TYR B 102 6.38 15.87 -54.64
C TYR B 102 5.93 15.27 -53.31
N LEU B 103 6.09 13.96 -53.19
CA LEU B 103 5.71 13.21 -52.00
C LEU B 103 6.28 13.75 -50.69
N GLN B 104 5.41 13.82 -49.70
CA GLN B 104 5.77 14.17 -48.33
C GLN B 104 5.73 12.94 -47.43
N VAL B 105 4.60 12.24 -47.44
CA VAL B 105 4.42 11.00 -46.68
C VAL B 105 4.23 9.80 -47.60
N LEU B 106 5.00 8.73 -47.34
CA LEU B 106 4.96 7.55 -48.20
C LEU B 106 4.90 6.26 -47.38
N ASP B 107 3.85 5.47 -47.60
CA ASP B 107 3.76 4.17 -46.93
C ASP B 107 3.48 3.06 -47.94
N LEU B 108 4.51 2.26 -48.16
CA LEU B 108 4.44 1.07 -48.99
C LEU B 108 4.51 -0.25 -48.22
N SER B 109 4.50 -0.17 -46.89
CA SER B 109 4.74 -1.35 -46.05
C SER B 109 3.71 -2.47 -46.26
N SER B 110 4.09 -3.69 -45.86
CA SER B 110 3.21 -4.87 -45.98
C SER B 110 2.73 -5.11 -47.41
N ASN B 111 3.70 -5.22 -48.31
CA ASN B 111 3.43 -5.64 -49.69
C ASN B 111 4.54 -6.59 -50.09
N SER B 112 4.58 -6.94 -51.37
CA SER B 112 5.64 -7.80 -51.94
C SER B 112 6.78 -7.09 -52.69
N ILE B 113 6.91 -5.78 -52.57
CA ILE B 113 7.93 -5.03 -53.29
C ILE B 113 9.36 -5.57 -53.08
N SER B 114 10.02 -5.92 -54.18
CA SER B 114 11.38 -6.47 -54.12
C SER B 114 12.53 -5.58 -54.62
N ASP B 115 12.22 -4.46 -55.24
CA ASP B 115 13.22 -3.80 -56.06
C ASP B 115 13.81 -2.57 -55.39
N TYR B 116 15.04 -2.69 -54.96
CA TYR B 116 15.68 -1.58 -54.25
C TYR B 116 15.72 -0.33 -55.12
N SER B 117 15.67 -0.49 -56.43
CA SER B 117 15.70 0.66 -57.34
C SER B 117 14.59 1.65 -57.00
N MET B 118 13.47 1.13 -56.51
CA MET B 118 12.39 2.03 -56.12
C MET B 118 12.82 2.87 -54.94
N VAL B 119 13.55 2.26 -54.01
CA VAL B 119 14.09 3.03 -52.89
C VAL B 119 15.11 4.08 -53.39
N ASP B 120 15.97 3.70 -54.35
CA ASP B 120 16.91 4.65 -54.93
C ASP B 120 16.18 5.85 -55.50
N TYR B 121 15.10 5.60 -56.24
CA TYR B 121 14.29 6.67 -56.78
C TYR B 121 13.82 7.62 -55.68
N VAL B 122 13.21 7.04 -54.65
CA VAL B 122 12.67 7.86 -53.56
C VAL B 122 13.78 8.64 -52.86
N PHE B 123 14.89 7.98 -52.56
CA PHE B 123 15.99 8.63 -51.84
C PHE B 123 16.66 9.70 -52.70
N SER B 124 16.37 9.67 -53.99
CA SER B 124 17.01 10.53 -54.96
C SER B 124 16.12 11.71 -55.31
N LYS B 125 14.94 11.39 -55.83
CA LYS B 125 14.03 12.38 -56.36
C LYS B 125 13.13 13.10 -55.37
N CYS B 126 12.72 12.46 -54.27
CA CYS B 126 11.61 13.05 -53.51
C CYS B 126 12.15 13.93 -52.39
N SER B 127 12.24 15.22 -52.68
CA SER B 127 13.07 16.07 -51.85
C SER B 127 12.26 16.72 -50.75
N ASN B 128 10.95 16.57 -50.82
CA ASN B 128 10.07 17.06 -49.77
C ASN B 128 9.65 15.99 -48.75
N LEU B 129 10.15 14.77 -48.93
CA LEU B 129 9.73 13.61 -48.13
C LEU B 129 9.97 13.79 -46.64
N VAL B 130 8.91 13.70 -45.86
CA VAL B 130 9.03 13.69 -44.41
C VAL B 130 9.30 12.30 -43.82
N SER B 131 8.57 11.29 -44.31
CA SER B 131 8.65 9.93 -43.76
C SER B 131 8.43 8.81 -44.79
N VAL B 132 9.20 7.72 -44.69
CA VAL B 132 9.05 6.59 -45.60
C VAL B 132 8.96 5.30 -44.81
N ASN B 133 7.88 4.56 -45.00
CA ASN B 133 7.77 3.22 -44.47
C ASN B 133 7.71 2.18 -45.62
N ILE B 134 8.81 1.47 -45.82
CA ILE B 134 8.88 0.32 -46.73
C ILE B 134 8.96 -1.05 -46.05
N SER B 135 8.73 -1.09 -44.76
CA SER B 135 8.95 -2.30 -43.98
C SER B 135 8.03 -3.44 -44.43
N ASN B 136 8.36 -4.66 -44.03
CA ASN B 136 7.53 -5.82 -44.32
C ASN B 136 7.26 -6.01 -45.81
N ASN B 137 8.34 -6.11 -46.57
CA ASN B 137 8.29 -6.31 -48.01
C ASN B 137 9.30 -7.39 -48.36
N LYS B 138 9.57 -7.52 -49.66
CA LYS B 138 10.55 -8.45 -50.21
C LYS B 138 11.91 -7.86 -50.63
N LEU B 139 12.20 -6.62 -50.26
CA LEU B 139 13.37 -5.91 -50.79
C LEU B 139 14.67 -6.68 -50.70
N VAL B 140 15.35 -6.83 -51.83
CA VAL B 140 16.65 -7.50 -51.87
C VAL B 140 17.65 -6.51 -52.38
N GLY B 141 18.93 -6.89 -52.37
CA GLY B 141 19.98 -5.97 -52.77
C GLY B 141 20.72 -5.35 -51.60
N LYS B 142 21.53 -4.34 -51.88
CA LYS B 142 22.27 -3.68 -50.81
C LYS B 142 21.95 -2.18 -50.69
N LEU B 143 22.10 -1.63 -49.49
CA LEU B 143 21.84 -0.23 -49.25
C LEU B 143 22.70 0.65 -50.17
N GLY B 144 22.08 1.69 -50.72
CA GLY B 144 22.71 2.57 -51.68
C GLY B 144 23.33 3.81 -51.06
N PHE B 145 23.21 4.92 -51.76
CA PHE B 145 23.56 6.23 -51.24
C PHE B 145 22.50 6.66 -50.20
N ALA B 146 22.89 7.50 -49.26
CA ALA B 146 21.93 8.08 -48.33
C ALA B 146 21.05 9.08 -49.07
N PRO B 147 19.84 9.33 -48.56
CA PRO B 147 18.98 10.40 -49.09
C PRO B 147 19.46 11.78 -48.65
N SER B 148 20.70 12.13 -48.97
CA SER B 148 21.32 13.40 -48.52
C SER B 148 20.53 14.68 -48.82
N SER B 149 19.76 14.66 -49.90
CA SER B 149 19.06 15.88 -50.32
C SER B 149 17.69 16.09 -49.68
N LEU B 150 17.12 15.09 -49.02
CA LEU B 150 15.80 15.33 -48.49
C LEU B 150 15.98 15.87 -47.08
N GLN B 151 15.81 17.18 -46.94
CA GLN B 151 16.23 17.82 -45.70
C GLN B 151 15.11 17.95 -44.69
N SER B 152 13.92 17.49 -45.07
CA SER B 152 12.80 17.33 -44.16
C SER B 152 12.58 15.89 -43.64
N LEU B 153 13.42 14.94 -44.03
CA LEU B 153 13.12 13.56 -43.72
C LEU B 153 13.40 13.21 -42.26
N THR B 154 12.34 12.91 -41.51
CA THR B 154 12.47 12.42 -40.14
C THR B 154 12.59 10.91 -39.96
N THR B 155 11.89 10.16 -40.80
CA THR B 155 11.56 8.76 -40.49
C THR B 155 11.72 7.83 -41.68
N VAL B 156 12.55 6.79 -41.49
CA VAL B 156 12.80 5.79 -42.52
C VAL B 156 12.69 4.40 -41.92
N ASP B 157 11.74 3.59 -42.40
CA ASP B 157 11.59 2.23 -41.89
C ASP B 157 11.78 1.22 -43.01
N LEU B 158 12.92 0.54 -42.98
CA LEU B 158 13.29 -0.52 -43.93
C LEU B 158 13.24 -1.92 -43.30
N SER B 159 12.68 -2.01 -42.10
CA SER B 159 12.66 -3.27 -41.38
C SER B 159 11.86 -4.40 -42.07
N TYR B 160 12.23 -5.64 -41.80
CA TYR B 160 11.49 -6.78 -42.31
C TYR B 160 11.52 -6.84 -43.82
N ASN B 161 12.76 -6.75 -44.32
CA ASN B 161 13.06 -6.98 -45.73
C ASN B 161 14.15 -8.05 -45.88
N ILE B 162 14.65 -8.24 -47.09
CA ILE B 162 15.80 -9.09 -47.34
C ILE B 162 17.15 -8.40 -47.59
N LEU B 163 17.25 -7.11 -47.28
CA LEU B 163 18.46 -6.35 -47.56
C LEU B 163 19.73 -7.05 -47.06
N SER B 164 20.74 -7.13 -47.93
CA SER B 164 21.95 -7.86 -47.61
C SER B 164 23.21 -7.03 -47.78
N ASP B 165 24.34 -7.72 -47.70
CA ASP B 165 25.66 -7.12 -47.70
C ASP B 165 25.85 -6.17 -46.53
N LYS B 166 26.61 -5.11 -46.74
CA LYS B 166 27.05 -4.32 -45.60
C LYS B 166 26.45 -2.93 -45.65
N ILE B 167 26.26 -2.34 -44.48
CA ILE B 167 25.89 -0.94 -44.41
C ILE B 167 27.11 -0.15 -44.86
N PRO B 168 26.97 0.69 -45.90
CA PRO B 168 28.12 1.48 -46.34
C PRO B 168 28.63 2.33 -45.19
N GLU B 169 29.94 2.53 -45.14
CA GLU B 169 30.59 3.29 -44.08
C GLU B 169 29.96 4.66 -43.85
N SER B 170 29.67 5.40 -44.91
CA SER B 170 29.15 6.76 -44.76
C SER B 170 27.62 6.89 -44.85
N PHE B 171 26.93 5.76 -45.00
CA PHE B 171 25.47 5.75 -45.16
C PHE B 171 24.74 6.55 -44.08
N ILE B 172 24.96 6.22 -42.81
CA ILE B 172 24.24 6.91 -41.74
C ILE B 172 24.67 8.38 -41.60
N SER B 173 25.97 8.65 -41.77
CA SER B 173 26.45 10.04 -41.66
C SER B 173 26.00 10.93 -42.83
N ASP B 174 25.67 10.33 -43.97
CA ASP B 174 25.20 11.11 -45.10
C ASP B 174 23.70 11.42 -45.07
N PHE B 175 22.99 10.96 -44.04
CA PHE B 175 21.55 11.24 -43.97
C PHE B 175 21.34 12.72 -43.67
N PRO B 176 20.13 13.24 -43.90
CA PRO B 176 19.96 14.67 -43.59
C PRO B 176 19.95 14.92 -42.08
N ALA B 177 20.25 16.15 -41.66
CA ALA B 177 20.38 16.48 -40.26
C ALA B 177 19.07 16.25 -39.52
N SER B 178 17.98 16.22 -40.27
CA SER B 178 16.65 16.03 -39.71
C SER B 178 16.29 14.60 -39.26
N LEU B 179 17.13 13.60 -39.55
CA LEU B 179 16.76 12.22 -39.23
C LEU B 179 16.52 11.96 -37.73
N LYS B 180 15.29 11.59 -37.38
CA LYS B 180 14.94 11.09 -36.04
C LYS B 180 15.00 9.57 -35.88
N TYR B 181 14.54 8.87 -36.90
CA TYR B 181 14.16 7.49 -36.75
C TYR B 181 14.65 6.63 -37.92
N LEU B 182 15.49 5.67 -37.62
CA LEU B 182 15.98 4.74 -38.62
C LEU B 182 15.88 3.29 -38.08
N ASP B 183 15.10 2.46 -38.77
CA ASP B 183 14.95 1.05 -38.42
C ASP B 183 15.35 0.15 -39.59
N LEU B 184 16.43 -0.60 -39.38
CA LEU B 184 16.88 -1.66 -40.28
C LEU B 184 16.63 -3.10 -39.76
N THR B 185 15.87 -3.22 -38.67
CA THR B 185 15.59 -4.51 -38.01
C THR B 185 15.13 -5.61 -38.97
N HIS B 186 15.63 -6.83 -38.74
CA HIS B 186 15.21 -8.01 -39.47
C HIS B 186 15.48 -7.91 -40.97
N ASN B 187 16.76 -7.94 -41.30
CA ASN B 187 17.23 -7.98 -42.67
C ASN B 187 18.39 -8.97 -42.71
N ASN B 188 19.11 -8.98 -43.81
CA ASN B 188 20.32 -9.80 -43.97
C ASN B 188 21.68 -9.08 -43.82
N LEU B 189 21.67 -7.86 -43.28
CA LEU B 189 22.88 -7.04 -43.20
C LEU B 189 24.04 -7.72 -42.46
N SER B 190 25.26 -7.42 -42.91
CA SER B 190 26.44 -8.01 -42.31
C SER B 190 27.59 -7.00 -42.36
N GLY B 191 28.79 -7.43 -41.99
CA GLY B 191 29.93 -6.55 -42.01
C GLY B 191 30.35 -6.12 -40.62
N ASP B 192 31.44 -5.36 -40.56
CA ASP B 192 32.02 -4.95 -39.29
C ASP B 192 31.24 -3.79 -38.70
N PHE B 193 30.65 -4.00 -37.52
CA PHE B 193 29.85 -2.95 -36.88
C PHE B 193 30.68 -1.66 -36.64
N SER B 194 31.98 -1.80 -36.41
CA SER B 194 32.83 -0.66 -36.08
C SER B 194 33.14 0.24 -37.28
N ASP B 195 32.90 -0.26 -38.48
CA ASP B 195 33.17 0.48 -39.70
C ASP B 195 32.07 1.48 -40.04
N LEU B 196 31.02 1.51 -39.22
CA LEU B 196 29.91 2.46 -39.42
C LEU B 196 30.23 3.84 -38.88
N SER B 197 29.96 4.89 -39.66
CA SER B 197 30.15 6.22 -39.14
C SER B 197 28.84 7.00 -39.10
N PHE B 198 28.62 7.72 -38.01
CA PHE B 198 27.31 8.30 -37.74
C PHE B 198 27.15 9.79 -38.03
N GLY B 199 28.24 10.50 -38.31
CA GLY B 199 28.19 11.94 -38.58
C GLY B 199 27.69 12.77 -37.40
N ILE B 200 27.16 13.96 -37.66
CA ILE B 200 26.71 14.81 -36.55
C ILE B 200 25.65 14.15 -35.65
N CYS B 201 24.68 13.50 -36.26
CA CYS B 201 23.71 12.73 -35.50
C CYS B 201 22.98 13.62 -34.51
N GLY B 202 22.71 14.85 -34.93
CA GLY B 202 22.05 15.83 -34.09
C GLY B 202 20.61 15.54 -33.70
N ASN B 203 19.85 14.97 -34.63
CA ASN B 203 18.44 14.62 -34.36
C ASN B 203 18.04 13.16 -34.08
N LEU B 204 18.98 12.22 -34.12
CA LEU B 204 18.59 10.82 -34.14
C LEU B 204 18.16 10.33 -32.74
N THR B 205 16.88 10.00 -32.60
CA THR B 205 16.39 9.40 -31.36
C THR B 205 16.07 7.88 -31.36
N PHE B 206 15.94 7.27 -32.53
CA PHE B 206 15.68 5.83 -32.59
C PHE B 206 16.60 5.15 -33.59
N PHE B 207 17.35 4.16 -33.16
CA PHE B 207 18.22 3.45 -34.07
C PHE B 207 18.24 1.97 -33.83
N SER B 208 17.79 1.20 -34.81
CA SER B 208 17.76 -0.24 -34.64
C SER B 208 18.34 -1.03 -35.81
N LEU B 209 19.42 -1.75 -35.54
CA LEU B 209 20.00 -2.77 -36.41
C LEU B 209 19.66 -4.21 -36.00
N SER B 210 18.73 -4.42 -35.07
CA SER B 210 18.58 -5.75 -34.50
C SER B 210 18.15 -6.79 -35.53
N GLN B 211 18.47 -8.05 -35.22
CA GLN B 211 18.18 -9.19 -36.07
C GLN B 211 18.84 -9.05 -37.44
N ASN B 212 20.14 -8.86 -37.42
CA ASN B 212 20.96 -8.87 -38.62
C ASN B 212 22.22 -9.73 -38.38
N ASN B 213 23.14 -9.71 -39.33
CA ASN B 213 24.40 -10.45 -39.25
C ASN B 213 25.67 -9.65 -38.89
N LEU B 214 25.50 -8.44 -38.38
CA LEU B 214 26.64 -7.60 -38.01
C LEU B 214 27.65 -8.27 -37.08
N SER B 215 28.93 -7.97 -37.29
CA SER B 215 30.02 -8.65 -36.57
C SER B 215 31.12 -7.66 -36.18
N GLY B 216 32.26 -8.19 -35.76
CA GLY B 216 33.40 -7.35 -35.38
C GLY B 216 33.64 -7.39 -33.88
N ASP B 217 34.81 -6.95 -33.43
CA ASP B 217 35.07 -6.82 -31.98
C ASP B 217 35.09 -5.41 -31.38
N LYS B 218 34.83 -4.40 -32.17
CA LYS B 218 34.85 -3.04 -31.64
C LYS B 218 33.53 -2.37 -31.94
N PHE B 219 33.07 -1.51 -31.05
CA PHE B 219 31.92 -0.67 -31.33
C PHE B 219 32.35 0.53 -32.14
N PRO B 220 31.43 1.08 -32.95
CA PRO B 220 31.76 2.24 -33.76
C PRO B 220 32.09 3.46 -32.91
N ILE B 221 33.24 4.04 -33.20
CA ILE B 221 33.76 5.24 -32.56
C ILE B 221 32.78 6.42 -32.57
N THR B 222 32.03 6.60 -33.66
CA THR B 222 31.15 7.77 -33.79
C THR B 222 29.71 7.61 -33.30
N LEU B 223 29.33 6.44 -32.80
CA LEU B 223 27.99 6.28 -32.23
C LEU B 223 27.74 7.25 -31.07
N PRO B 224 28.74 7.47 -30.22
CA PRO B 224 28.59 8.44 -29.13
C PRO B 224 28.27 9.86 -29.62
N ASN B 225 28.45 10.15 -30.90
CA ASN B 225 27.99 11.41 -31.45
C ASN B 225 26.45 11.57 -31.34
N CYS B 226 25.69 10.48 -31.24
CA CYS B 226 24.24 10.67 -31.20
C CYS B 226 23.82 10.82 -29.75
N LYS B 227 23.73 12.07 -29.32
CA LYS B 227 23.65 12.37 -27.89
C LYS B 227 22.22 12.32 -27.42
N PHE B 228 21.32 12.44 -28.39
CA PHE B 228 19.87 12.46 -28.20
C PHE B 228 19.20 11.12 -28.48
N LEU B 229 20.01 10.10 -28.72
CA LEU B 229 19.49 8.76 -28.94
C LEU B 229 18.61 8.32 -27.74
N GLU B 230 17.35 7.99 -28.01
CA GLU B 230 16.48 7.41 -26.97
C GLU B 230 16.45 5.87 -26.86
N THR B 231 16.58 5.24 -28.02
CA THR B 231 16.55 3.79 -28.16
C THR B 231 17.70 3.33 -29.04
N LEU B 232 18.51 2.42 -28.52
CA LEU B 232 19.63 1.90 -29.25
C LEU B 232 19.49 0.40 -29.18
N ASN B 233 19.15 -0.22 -30.31
CA ASN B 233 18.96 -1.65 -30.37
C ASN B 233 19.88 -2.34 -31.38
N ILE B 234 20.89 -3.02 -30.88
CA ILE B 234 21.77 -3.97 -31.62
C ILE B 234 21.59 -5.49 -31.33
N SER B 235 20.48 -5.86 -30.71
CA SER B 235 20.27 -7.25 -30.30
C SER B 235 20.20 -8.26 -31.44
N ARG B 236 20.46 -9.53 -31.12
CA ARG B 236 20.41 -10.61 -32.11
C ARG B 236 21.27 -10.31 -33.33
N ASN B 237 22.55 -10.02 -33.08
CA ASN B 237 23.55 -9.90 -34.13
C ASN B 237 24.70 -10.84 -33.78
N ASN B 238 25.82 -10.70 -34.47
CA ASN B 238 27.08 -11.38 -34.12
C ASN B 238 28.19 -10.62 -33.41
N LEU B 239 27.90 -9.44 -32.89
CA LEU B 239 28.95 -8.61 -32.29
C LEU B 239 29.79 -9.42 -31.31
N ALA B 240 31.11 -9.21 -31.37
CA ALA B 240 32.01 -9.86 -30.41
C ALA B 240 32.84 -8.84 -29.66
N GLY B 241 33.71 -9.30 -28.77
CA GLY B 241 34.48 -8.40 -27.93
C GLY B 241 33.65 -7.94 -26.73
N LYS B 242 34.10 -6.88 -26.07
CA LYS B 242 33.46 -6.43 -24.84
C LYS B 242 32.53 -5.25 -25.07
N ILE B 243 31.80 -4.87 -24.02
CA ILE B 243 31.01 -3.65 -24.06
C ILE B 243 32.01 -2.52 -23.91
N PRO B 244 31.96 -1.53 -24.82
CA PRO B 244 32.94 -0.44 -24.69
C PRO B 244 32.88 0.19 -23.31
N ASN B 245 34.04 0.36 -22.69
CA ASN B 245 34.17 1.05 -21.41
C ASN B 245 34.65 2.51 -21.55
N GLY B 246 35.08 3.08 -20.43
CA GLY B 246 35.55 4.46 -20.43
C GLY B 246 34.42 5.44 -20.60
N GLU B 247 34.57 6.39 -21.51
CA GLU B 247 33.61 7.48 -21.71
C GLU B 247 32.56 7.19 -22.82
N TYR B 248 32.64 6.01 -23.42
CA TYR B 248 31.80 5.66 -24.55
C TYR B 248 30.32 5.96 -24.30
N TRP B 249 29.86 5.67 -23.09
CA TRP B 249 28.45 5.86 -22.73
C TRP B 249 28.21 7.23 -22.09
N GLY B 250 29.29 7.98 -21.87
CA GLY B 250 29.22 9.22 -21.11
C GLY B 250 28.37 10.37 -21.67
N SER B 251 28.13 10.37 -22.97
CA SER B 251 27.38 11.47 -23.59
C SER B 251 25.91 11.21 -23.90
N PHE B 252 25.41 10.01 -23.65
CA PHE B 252 24.03 9.80 -24.04
C PHE B 252 23.16 10.43 -22.94
N GLN B 253 22.52 11.54 -23.28
CA GLN B 253 21.70 12.31 -22.34
C GLN B 253 20.31 11.75 -22.16
N ASN B 254 19.73 11.28 -23.24
CA ASN B 254 18.37 10.74 -23.25
C ASN B 254 18.12 9.23 -23.40
N LEU B 255 19.14 8.38 -23.29
CA LEU B 255 18.95 6.99 -23.69
C LEU B 255 18.08 6.20 -22.69
N LYS B 256 16.88 5.86 -23.13
CA LYS B 256 15.91 5.15 -22.31
C LYS B 256 15.98 3.61 -22.41
N GLN B 257 16.23 3.12 -23.61
CA GLN B 257 16.20 1.68 -23.87
C GLN B 257 17.46 1.25 -24.59
N LEU B 258 18.21 0.34 -23.97
CA LEU B 258 19.40 -0.22 -24.56
C LEU B 258 19.33 -1.76 -24.70
N SER B 259 19.51 -2.28 -25.90
CA SER B 259 19.66 -3.71 -26.07
C SER B 259 20.90 -4.14 -26.85
N LEU B 260 21.82 -4.80 -26.13
CA LEU B 260 22.93 -5.55 -26.71
C LEU B 260 22.67 -7.08 -26.75
N ALA B 261 21.43 -7.49 -26.46
CA ALA B 261 21.06 -8.90 -26.30
C ALA B 261 21.42 -9.82 -27.47
N HIS B 262 21.72 -11.06 -27.14
CA HIS B 262 21.94 -12.13 -28.11
C HIS B 262 22.97 -11.79 -29.17
N ASN B 263 24.19 -11.59 -28.68
CA ASN B 263 25.38 -11.36 -29.47
C ASN B 263 26.47 -12.33 -28.98
N ARG B 264 27.70 -12.12 -29.40
CA ARG B 264 28.82 -12.88 -28.83
C ARG B 264 29.64 -12.17 -27.75
N LEU B 265 29.13 -11.05 -27.26
CA LEU B 265 29.85 -10.21 -26.32
C LEU B 265 30.34 -10.96 -25.07
N SER B 266 31.53 -10.60 -24.61
CA SER B 266 32.14 -11.30 -23.49
C SER B 266 32.71 -10.32 -22.48
N GLY B 267 33.37 -10.87 -21.46
CA GLY B 267 34.03 -10.09 -20.44
C GLY B 267 33.05 -9.62 -19.39
N GLU B 268 33.53 -8.79 -18.47
CA GLU B 268 32.69 -8.20 -17.43
C GLU B 268 31.89 -7.02 -17.96
N ILE B 269 30.75 -6.76 -17.33
CA ILE B 269 30.00 -5.53 -17.56
C ILE B 269 30.72 -4.32 -16.93
N PRO B 270 31.12 -3.35 -17.76
CA PRO B 270 31.90 -2.21 -17.27
C PRO B 270 31.09 -1.35 -16.30
N PRO B 271 31.71 -0.86 -15.22
CA PRO B 271 30.96 0.08 -14.40
C PRO B 271 30.58 1.35 -15.18
N GLU B 272 31.37 1.70 -16.19
CA GLU B 272 31.15 2.94 -16.95
C GLU B 272 29.81 2.93 -17.69
N LEU B 273 29.20 1.74 -17.79
CA LEU B 273 27.91 1.61 -18.43
C LEU B 273 26.87 2.31 -17.58
N SER B 274 27.14 2.42 -16.30
CA SER B 274 26.21 3.05 -15.38
C SER B 274 26.08 4.55 -15.64
N LEU B 275 26.92 5.08 -16.52
CA LEU B 275 26.80 6.49 -16.86
C LEU B 275 25.50 6.79 -17.58
N LEU B 276 24.76 5.73 -17.97
CA LEU B 276 23.44 5.90 -18.57
C LEU B 276 22.32 6.01 -17.54
N CYS B 277 22.68 5.97 -16.25
CA CYS B 277 21.69 5.76 -15.19
C CYS B 277 20.71 6.91 -14.87
N LYS B 278 20.97 8.12 -15.34
CA LYS B 278 20.02 9.20 -15.09
C LYS B 278 18.77 9.04 -15.96
N THR B 279 18.84 8.12 -16.91
CA THR B 279 17.85 7.99 -17.98
C THR B 279 17.26 6.57 -18.12
N LEU B 280 18.14 5.56 -18.11
CA LEU B 280 17.82 4.20 -18.55
C LEU B 280 16.60 3.56 -17.87
N VAL B 281 15.59 3.18 -18.65
CA VAL B 281 14.50 2.39 -18.11
C VAL B 281 14.50 0.91 -18.51
N ILE B 282 15.20 0.58 -19.59
CA ILE B 282 15.20 -0.78 -20.14
C ILE B 282 16.58 -1.23 -20.60
N LEU B 283 17.09 -2.28 -19.97
CA LEU B 283 18.42 -2.77 -20.29
C LEU B 283 18.33 -4.25 -20.57
N ASP B 284 18.69 -4.66 -21.78
CA ASP B 284 18.76 -6.07 -22.12
C ASP B 284 20.19 -6.40 -22.55
N LEU B 285 20.88 -7.11 -21.67
CA LEU B 285 22.21 -7.73 -21.88
C LEU B 285 22.21 -9.26 -22.04
N SER B 286 21.01 -9.84 -22.12
CA SER B 286 20.74 -11.27 -22.30
C SER B 286 21.52 -11.96 -23.40
N GLY B 287 21.88 -13.22 -23.18
CA GLY B 287 22.27 -14.12 -24.25
C GLY B 287 23.64 -13.82 -24.82
N ASN B 288 24.58 -13.59 -23.92
CA ASN B 288 25.97 -13.27 -24.25
C ASN B 288 26.82 -14.16 -23.35
N THR B 289 28.12 -13.88 -23.27
CA THR B 289 29.03 -14.55 -22.34
C THR B 289 29.49 -13.80 -21.07
N PHE B 290 28.81 -12.72 -20.72
CA PHE B 290 29.20 -11.94 -19.55
C PHE B 290 29.40 -12.74 -18.27
N SER B 291 30.52 -12.48 -17.59
CA SER B 291 30.81 -13.02 -16.27
C SER B 291 31.02 -11.85 -15.30
N GLY B 292 31.30 -12.18 -14.03
CA GLY B 292 31.39 -11.15 -13.00
C GLY B 292 30.02 -10.69 -12.54
N GLU B 293 29.88 -9.41 -12.21
CA GLU B 293 28.64 -8.93 -11.64
C GLU B 293 28.11 -7.73 -12.40
N LEU B 294 26.85 -7.39 -12.12
CA LEU B 294 26.31 -6.06 -12.40
C LEU B 294 27.03 -5.12 -11.43
N PRO B 295 27.81 -4.17 -11.96
CA PRO B 295 28.63 -3.24 -11.15
C PRO B 295 27.79 -2.50 -10.12
N SER B 296 28.35 -2.25 -8.95
CA SER B 296 27.61 -1.61 -7.87
C SER B 296 27.11 -0.19 -8.23
N GLN B 297 27.82 0.44 -9.16
CA GLN B 297 27.46 1.78 -9.58
C GLN B 297 26.06 1.82 -10.22
N PHE B 298 25.46 0.66 -10.47
CA PHE B 298 24.10 0.61 -11.02
C PHE B 298 23.00 0.88 -10.02
N THR B 299 23.35 1.03 -8.74
CA THR B 299 22.35 1.46 -7.76
C THR B 299 21.78 2.83 -8.17
N ALA B 300 22.54 3.55 -9.00
CA ALA B 300 22.10 4.84 -9.49
C ALA B 300 21.03 4.77 -10.59
N CYS B 301 20.68 3.57 -11.08
CA CYS B 301 19.68 3.53 -12.14
C CYS B 301 18.37 3.39 -11.45
N VAL B 302 17.73 4.53 -11.19
CA VAL B 302 16.54 4.54 -10.36
C VAL B 302 15.30 4.46 -11.23
N TRP B 303 15.50 4.65 -12.54
CA TRP B 303 14.40 4.64 -13.48
C TRP B 303 14.25 3.28 -14.13
N LEU B 304 15.13 2.35 -13.76
CA LEU B 304 15.15 1.05 -14.40
C LEU B 304 13.92 0.23 -14.05
N GLN B 305 13.20 -0.19 -15.08
CA GLN B 305 11.98 -0.96 -14.96
C GLN B 305 12.21 -2.41 -15.39
N ASN B 306 12.69 -2.58 -16.62
CA ASN B 306 12.91 -3.88 -17.20
C ASN B 306 14.40 -4.22 -17.30
N LEU B 307 14.83 -5.29 -16.64
CA LEU B 307 16.26 -5.62 -16.61
C LEU B 307 16.50 -7.09 -16.93
N ASN B 308 17.20 -7.33 -18.04
CA ASN B 308 17.45 -8.69 -18.47
C ASN B 308 18.91 -9.03 -18.56
N LEU B 309 19.38 -9.83 -17.59
CA LEU B 309 20.72 -10.38 -17.58
C LEU B 309 20.79 -11.85 -17.96
N GLY B 310 19.64 -12.41 -18.32
CA GLY B 310 19.51 -13.85 -18.50
C GLY B 310 20.51 -14.42 -19.49
N ASN B 311 20.81 -15.70 -19.35
CA ASN B 311 21.75 -16.38 -20.24
C ASN B 311 23.14 -15.74 -20.37
N ASN B 312 23.88 -15.73 -19.26
CA ASN B 312 25.25 -15.26 -19.20
C ASN B 312 26.00 -16.13 -18.19
N TYR B 313 27.21 -15.70 -17.86
CA TYR B 313 28.04 -16.30 -16.83
C TYR B 313 28.11 -15.55 -15.49
N LEU B 314 27.13 -14.69 -15.24
CA LEU B 314 27.09 -13.87 -14.04
C LEU B 314 27.06 -14.65 -12.71
N SER B 315 27.64 -14.04 -11.67
CA SER B 315 27.72 -14.61 -10.33
C SER B 315 27.87 -13.49 -9.30
N GLY B 316 27.89 -13.86 -8.03
CA GLY B 316 28.02 -12.87 -6.96
C GLY B 316 26.70 -12.39 -6.38
N ASP B 317 26.82 -11.43 -5.47
CA ASP B 317 25.72 -10.99 -4.62
C ASP B 317 24.94 -9.80 -5.18
N PHE B 318 25.17 -9.43 -6.42
CA PHE B 318 24.60 -8.20 -6.96
C PHE B 318 23.06 -8.05 -6.90
N LEU B 319 22.32 -9.17 -6.85
CA LEU B 319 20.86 -9.07 -6.71
C LEU B 319 20.50 -8.38 -5.40
N ASN B 320 21.39 -8.55 -4.43
CA ASN B 320 21.22 -7.99 -3.09
C ASN B 320 21.80 -6.58 -2.97
N THR B 321 23.09 -6.44 -3.24
CA THR B 321 23.75 -5.14 -3.15
C THR B 321 23.36 -4.13 -4.23
N VAL B 322 22.84 -4.60 -5.36
CA VAL B 322 22.47 -3.66 -6.44
C VAL B 322 20.99 -3.59 -6.79
N VAL B 323 20.44 -4.71 -7.24
CA VAL B 323 19.09 -4.74 -7.79
C VAL B 323 18.04 -4.40 -6.73
N SER B 324 18.21 -4.91 -5.53
CA SER B 324 17.24 -4.65 -4.47
C SER B 324 17.19 -3.15 -4.16
N LYS B 325 18.17 -2.40 -4.62
CA LYS B 325 18.19 -0.96 -4.37
C LYS B 325 17.46 -0.14 -5.42
N ILE B 326 16.94 -0.78 -6.46
CA ILE B 326 16.17 -0.05 -7.44
C ILE B 326 14.71 -0.23 -7.11
N THR B 327 14.10 0.83 -6.62
CA THR B 327 12.77 0.78 -6.04
C THR B 327 11.68 0.38 -7.03
N GLY B 328 11.82 0.83 -8.27
CA GLY B 328 10.73 0.71 -9.23
C GLY B 328 10.93 -0.41 -10.24
N ILE B 329 11.89 -1.28 -9.98
CA ILE B 329 12.17 -2.40 -10.87
C ILE B 329 10.95 -3.31 -10.98
N THR B 330 10.52 -3.53 -12.21
CA THR B 330 9.27 -4.22 -12.50
C THR B 330 9.51 -5.66 -12.98
N TYR B 331 10.32 -5.83 -14.02
CA TYR B 331 10.67 -7.16 -14.51
C TYR B 331 12.15 -7.46 -14.32
N LEU B 332 12.45 -8.61 -13.73
CA LEU B 332 13.84 -8.99 -13.47
C LEU B 332 14.13 -10.38 -14.02
N TYR B 333 14.97 -10.46 -15.06
CA TYR B 333 15.32 -11.74 -15.67
C TYR B 333 16.80 -12.04 -15.51
N VAL B 334 17.12 -12.89 -14.52
CA VAL B 334 18.48 -13.37 -14.27
C VAL B 334 18.71 -14.85 -14.58
N ALA B 335 17.72 -15.49 -15.20
CA ALA B 335 17.80 -16.92 -15.46
C ALA B 335 19.03 -17.32 -16.27
N TYR B 336 19.49 -18.55 -16.06
CA TYR B 336 20.65 -19.09 -16.75
C TYR B 336 21.93 -18.29 -16.48
N ASN B 337 22.39 -18.35 -15.25
CA ASN B 337 23.66 -17.74 -14.85
C ASN B 337 24.32 -18.62 -13.79
N ASN B 338 25.38 -18.10 -13.18
CA ASN B 338 26.11 -18.78 -12.10
C ASN B 338 25.89 -18.32 -10.66
N ILE B 339 24.86 -17.52 -10.43
CA ILE B 339 24.63 -16.97 -9.09
C ILE B 339 24.37 -18.05 -8.04
N SER B 340 25.07 -17.96 -6.92
CA SER B 340 24.83 -18.87 -5.79
C SER B 340 24.41 -18.14 -4.52
N GLY B 341 24.35 -18.89 -3.43
CA GLY B 341 23.89 -18.37 -2.16
C GLY B 341 22.37 -18.45 -2.08
N SER B 342 21.80 -17.88 -1.02
CA SER B 342 20.36 -17.79 -0.90
C SER B 342 19.80 -16.68 -1.78
N VAL B 343 18.54 -16.82 -2.19
CA VAL B 343 17.85 -15.74 -2.83
C VAL B 343 17.77 -14.62 -1.80
N PRO B 344 18.29 -13.43 -2.15
CA PRO B 344 18.43 -12.38 -1.14
C PRO B 344 17.06 -11.98 -0.64
N ILE B 345 16.87 -11.97 0.66
CA ILE B 345 15.58 -11.59 1.23
C ILE B 345 15.30 -10.12 0.92
N SER B 346 16.36 -9.35 0.65
CA SER B 346 16.22 -7.94 0.29
C SER B 346 15.43 -7.73 -0.98
N LEU B 347 15.45 -8.73 -1.86
CA LEU B 347 14.71 -8.68 -3.12
C LEU B 347 13.21 -8.61 -2.84
N THR B 348 12.80 -9.05 -1.65
CA THR B 348 11.38 -9.06 -1.30
C THR B 348 10.86 -7.66 -0.95
N ASN B 349 11.75 -6.68 -0.90
CA ASN B 349 11.36 -5.31 -0.65
C ASN B 349 11.03 -4.51 -1.92
N CYS B 350 11.21 -5.10 -3.10
CA CYS B 350 10.88 -4.35 -4.30
C CYS B 350 9.38 -4.51 -4.48
N SER B 351 8.67 -3.41 -4.28
CA SER B 351 7.22 -3.49 -4.17
C SER B 351 6.56 -3.60 -5.54
N ASN B 352 7.28 -3.20 -6.59
CA ASN B 352 6.72 -3.16 -7.95
C ASN B 352 7.02 -4.38 -8.81
N LEU B 353 7.79 -5.32 -8.26
CA LEU B 353 8.23 -6.45 -9.06
C LEU B 353 7.03 -7.30 -9.51
N ARG B 354 6.84 -7.36 -10.83
CA ARG B 354 5.83 -8.20 -11.45
C ARG B 354 6.32 -9.60 -11.83
N VAL B 355 7.55 -9.69 -12.31
CA VAL B 355 8.14 -10.97 -12.70
C VAL B 355 9.51 -11.13 -12.08
N LEU B 356 9.77 -12.29 -11.50
CA LEU B 356 11.09 -12.59 -10.96
C LEU B 356 11.54 -13.92 -11.55
N ASP B 357 12.54 -13.91 -12.43
CA ASP B 357 13.00 -15.14 -13.05
C ASP B 357 14.42 -15.41 -12.61
N LEU B 358 14.54 -16.36 -11.68
CA LEU B 358 15.82 -16.80 -11.11
C LEU B 358 16.29 -18.18 -11.59
N SER B 359 15.58 -18.78 -12.52
CA SER B 359 15.82 -20.17 -12.90
C SER B 359 17.22 -20.48 -13.43
N SER B 360 17.63 -21.74 -13.25
CA SER B 360 18.93 -22.22 -13.71
C SER B 360 20.09 -21.39 -13.18
N ASN B 361 20.13 -21.29 -11.85
CA ASN B 361 21.26 -20.73 -11.12
C ASN B 361 21.73 -21.71 -10.07
N GLY B 362 22.57 -21.26 -9.15
CA GLY B 362 22.99 -22.09 -8.02
C GLY B 362 22.32 -21.75 -6.69
N PHE B 363 21.12 -21.16 -6.70
CA PHE B 363 20.48 -20.75 -5.46
C PHE B 363 20.24 -21.90 -4.48
N THR B 364 20.66 -21.70 -3.24
CA THR B 364 20.40 -22.64 -2.15
C THR B 364 19.46 -21.99 -1.13
N GLY B 365 19.11 -22.70 -0.08
CA GLY B 365 18.29 -22.12 0.97
C GLY B 365 16.81 -22.22 0.71
N ASN B 366 16.06 -21.33 1.34
CA ASN B 366 14.60 -21.38 1.29
C ASN B 366 14.02 -20.49 0.20
N VAL B 367 12.90 -20.94 -0.37
CA VAL B 367 12.10 -20.08 -1.23
C VAL B 367 11.75 -18.83 -0.44
N PRO B 368 11.87 -17.65 -1.07
CA PRO B 368 11.62 -16.42 -0.30
C PRO B 368 10.18 -16.37 0.22
N SER B 369 10.04 -16.21 1.54
CA SER B 369 8.72 -16.24 2.18
C SER B 369 8.11 -14.86 2.49
N GLY B 370 8.82 -13.80 2.10
CA GLY B 370 8.37 -12.46 2.42
C GLY B 370 7.79 -11.69 1.26
N PHE B 371 7.61 -12.36 0.13
CA PHE B 371 7.41 -11.65 -1.13
C PHE B 371 6.25 -10.64 -1.24
N CYS B 372 5.15 -10.87 -0.52
CA CYS B 372 4.16 -9.82 -0.43
C CYS B 372 3.85 -9.60 1.05
N SER B 373 4.36 -8.51 1.59
CA SER B 373 4.34 -8.28 3.04
C SER B 373 3.40 -7.14 3.33
N LEU B 374 3.73 -5.96 2.79
CA LEU B 374 2.79 -4.87 2.81
C LEU B 374 1.68 -5.19 1.80
N GLN B 375 0.75 -4.24 1.65
CA GLN B 375 -0.36 -4.36 0.73
C GLN B 375 -0.33 -3.15 -0.18
N SER B 376 -1.42 -2.95 -0.90
CA SER B 376 -1.56 -1.82 -1.80
C SER B 376 -0.67 -1.93 -3.04
N SER B 377 -0.43 -3.15 -3.52
CA SER B 377 -0.86 -4.39 -2.91
C SER B 377 0.01 -5.46 -3.57
N PRO B 378 -0.14 -6.74 -3.20
CA PRO B 378 0.78 -7.66 -3.87
C PRO B 378 0.63 -7.53 -5.38
N VAL B 379 1.74 -7.24 -6.06
CA VAL B 379 1.74 -7.09 -7.50
C VAL B 379 2.42 -8.22 -8.31
N LEU B 380 3.13 -9.11 -7.63
CA LEU B 380 3.93 -10.15 -8.27
C LEU B 380 3.06 -11.12 -9.08
N GLU B 381 3.32 -11.24 -10.39
CA GLU B 381 2.54 -12.16 -11.22
C GLU B 381 3.18 -13.52 -11.50
N LYS B 382 4.50 -13.60 -11.37
CA LYS B 382 5.22 -14.82 -11.69
C LYS B 382 6.47 -14.98 -10.85
N ILE B 383 6.69 -16.15 -10.30
CA ILE B 383 7.96 -16.41 -9.67
C ILE B 383 8.54 -17.70 -10.25
N LEU B 384 9.73 -17.62 -10.83
CA LEU B 384 10.29 -18.77 -11.52
C LEU B 384 11.67 -19.02 -10.94
N ILE B 385 11.74 -20.07 -10.12
CA ILE B 385 12.99 -20.54 -9.53
C ILE B 385 13.49 -21.91 -9.98
N ALA B 386 12.94 -22.43 -11.06
CA ALA B 386 13.26 -23.77 -11.49
C ALA B 386 14.77 -24.02 -11.68
N ASN B 387 15.16 -25.28 -11.49
CA ASN B 387 16.53 -25.71 -11.72
C ASN B 387 17.53 -25.01 -10.80
N ASN B 388 17.23 -25.06 -9.51
CA ASN B 388 18.14 -24.62 -8.50
C ASN B 388 18.26 -25.70 -7.41
N TYR B 389 18.93 -25.33 -6.33
CA TYR B 389 19.06 -26.14 -5.13
C TYR B 389 18.21 -25.75 -3.92
N LEU B 390 17.15 -24.99 -4.14
CA LEU B 390 16.28 -24.58 -3.03
C LEU B 390 15.87 -25.76 -2.13
N SER B 391 15.99 -25.57 -0.81
CA SER B 391 15.61 -26.57 0.19
C SER B 391 14.43 -26.10 1.03
N GLY B 392 13.98 -26.93 1.98
CA GLY B 392 12.82 -26.60 2.81
C GLY B 392 11.48 -26.83 2.12
N THR B 393 10.41 -26.26 2.66
CA THR B 393 9.10 -26.45 2.07
C THR B 393 8.64 -25.22 1.27
N VAL B 394 7.48 -25.32 0.63
CA VAL B 394 6.89 -24.20 -0.09
C VAL B 394 6.14 -23.33 0.89
N PRO B 395 6.61 -22.10 1.10
CA PRO B 395 6.01 -21.27 2.17
C PRO B 395 4.55 -20.94 1.89
N MET B 396 3.74 -20.94 2.93
CA MET B 396 2.33 -20.63 2.80
C MET B 396 2.15 -19.14 2.55
N GLU B 397 3.16 -18.36 2.89
CA GLU B 397 3.13 -16.93 2.65
C GLU B 397 2.88 -16.62 1.17
N LEU B 398 3.35 -17.49 0.29
CA LEU B 398 3.10 -17.30 -1.13
C LEU B 398 1.60 -17.17 -1.40
N GLY B 399 0.79 -17.80 -0.56
CA GLY B 399 -0.66 -17.69 -0.67
C GLY B 399 -1.12 -16.24 -0.54
N LYS B 400 -0.24 -15.38 -0.06
CA LYS B 400 -0.55 -13.97 0.11
C LYS B 400 -0.57 -13.15 -1.18
N CYS B 401 0.17 -13.56 -2.20
CA CYS B 401 0.27 -12.71 -3.39
C CYS B 401 -0.84 -13.11 -4.34
N LYS B 402 -1.90 -12.32 -4.31
CA LYS B 402 -3.16 -12.72 -4.90
C LYS B 402 -3.07 -12.50 -6.38
N SER B 403 -1.95 -11.91 -6.78
CA SER B 403 -1.72 -11.57 -8.18
C SER B 403 -0.96 -12.68 -8.95
N LEU B 404 -0.42 -13.67 -8.23
CA LEU B 404 0.37 -14.74 -8.87
C LEU B 404 -0.40 -15.48 -9.96
N LYS B 405 0.12 -15.47 -11.18
CA LYS B 405 -0.40 -16.33 -12.24
C LYS B 405 0.39 -17.64 -12.43
N THR B 406 1.67 -17.64 -12.03
CA THR B 406 2.56 -18.77 -12.31
C THR B 406 3.56 -18.95 -11.16
N ILE B 407 3.69 -20.17 -10.66
CA ILE B 407 4.77 -20.51 -9.73
C ILE B 407 5.56 -21.67 -10.34
N ASP B 408 6.85 -21.48 -10.63
CA ASP B 408 7.65 -22.58 -11.19
C ASP B 408 8.83 -22.83 -10.25
N LEU B 409 8.71 -23.91 -9.48
CA LEU B 409 9.73 -24.42 -8.54
C LEU B 409 10.39 -25.74 -8.98
N SER B 410 10.13 -26.16 -10.21
CA SER B 410 10.59 -27.45 -10.68
C SER B 410 12.09 -27.68 -10.47
N PHE B 411 12.47 -28.92 -10.16
CA PHE B 411 13.87 -29.33 -10.07
C PHE B 411 14.64 -28.52 -9.02
N ASN B 412 14.15 -28.56 -7.80
CA ASN B 412 14.88 -28.09 -6.64
C ASN B 412 14.99 -29.25 -5.66
N GLU B 413 15.35 -28.92 -4.43
CA GLU B 413 15.34 -29.87 -3.33
C GLU B 413 14.10 -29.83 -2.41
N LEU B 414 13.00 -29.25 -2.86
CA LEU B 414 11.85 -29.06 -1.99
C LEU B 414 11.23 -30.31 -1.32
N THR B 415 10.66 -30.13 -0.13
CA THR B 415 9.99 -31.21 0.60
C THR B 415 8.70 -30.77 1.30
N GLY B 416 8.07 -31.70 2.01
CA GLY B 416 6.85 -31.42 2.75
C GLY B 416 5.66 -31.17 1.85
N PRO B 417 4.50 -30.95 2.44
CA PRO B 417 3.31 -30.76 1.62
C PRO B 417 3.17 -29.36 1.02
N ILE B 418 2.42 -29.26 -0.07
CA ILE B 418 2.01 -27.99 -0.62
C ILE B 418 0.94 -27.42 0.30
N PRO B 419 1.15 -26.20 0.83
CA PRO B 419 0.19 -25.56 1.74
C PRO B 419 -1.14 -25.33 1.05
N LYS B 420 -2.25 -25.42 1.77
CA LYS B 420 -3.56 -25.16 1.17
C LYS B 420 -3.64 -23.77 0.57
N GLU B 421 -2.93 -22.82 1.17
CA GLU B 421 -2.97 -21.44 0.73
C GLU B 421 -2.63 -21.35 -0.76
N ILE B 422 -1.65 -22.14 -1.17
CA ILE B 422 -1.22 -22.12 -2.56
C ILE B 422 -2.31 -22.58 -3.54
N TRP B 423 -3.15 -23.53 -3.13
CA TRP B 423 -4.28 -23.96 -3.97
C TRP B 423 -5.45 -22.98 -3.94
N MET B 424 -5.44 -22.01 -3.02
CA MET B 424 -6.47 -20.98 -3.05
C MET B 424 -6.08 -19.64 -3.68
N LEU B 425 -4.85 -19.52 -4.18
CA LEU B 425 -4.48 -18.35 -4.94
C LEU B 425 -5.51 -18.19 -6.05
N PRO B 426 -6.18 -17.04 -6.08
CA PRO B 426 -7.34 -16.77 -6.94
C PRO B 426 -7.05 -16.71 -8.43
N ASN B 427 -5.89 -16.17 -8.79
CA ASN B 427 -5.57 -15.99 -10.20
C ASN B 427 -4.63 -17.05 -10.78
N LEU B 428 -4.28 -18.03 -9.96
CA LEU B 428 -3.30 -19.02 -10.35
C LEU B 428 -3.66 -19.71 -11.67
N SER B 429 -2.68 -19.72 -12.56
CA SER B 429 -2.80 -20.32 -13.87
C SER B 429 -1.88 -21.56 -13.98
N ASP B 430 -0.60 -21.36 -13.68
CA ASP B 430 0.38 -22.43 -13.79
C ASP B 430 1.00 -22.83 -12.45
N LEU B 431 0.85 -24.10 -12.10
CA LEU B 431 1.53 -24.60 -10.92
C LEU B 431 2.54 -25.65 -11.33
N VAL B 432 3.82 -25.32 -11.32
CA VAL B 432 4.81 -26.23 -11.90
C VAL B 432 5.92 -26.45 -10.89
N MET B 433 5.81 -27.57 -10.19
CA MET B 433 6.73 -28.02 -9.16
C MET B 433 7.49 -29.34 -9.35
N TRP B 434 7.49 -29.87 -10.55
CA TRP B 434 8.01 -31.22 -10.76
C TRP B 434 9.49 -31.40 -10.42
N ALA B 435 9.88 -32.65 -10.19
CA ALA B 435 11.22 -33.04 -9.79
C ALA B 435 11.65 -32.42 -8.47
N ASN B 436 10.79 -32.59 -7.48
CA ASN B 436 11.08 -32.27 -6.10
C ASN B 436 10.82 -33.48 -5.21
N ASN B 437 10.85 -33.26 -3.91
CA ASN B 437 10.37 -34.24 -2.92
C ASN B 437 9.02 -34.02 -2.26
N LEU B 438 8.18 -33.18 -2.86
CA LEU B 438 6.87 -32.81 -2.31
C LEU B 438 5.94 -33.98 -1.93
N THR B 439 5.27 -33.83 -0.79
CA THR B 439 4.35 -34.85 -0.27
C THR B 439 2.93 -34.29 -0.11
N GLY B 440 2.01 -35.12 0.37
CA GLY B 440 0.63 -34.68 0.59
C GLY B 440 -0.27 -35.03 -0.57
N THR B 441 -1.45 -34.42 -0.59
CA THR B 441 -2.44 -34.78 -1.58
C THR B 441 -2.97 -33.55 -2.31
N ILE B 442 -3.48 -33.77 -3.52
CA ILE B 442 -4.20 -32.73 -4.23
C ILE B 442 -5.57 -32.64 -3.59
N PRO B 443 -5.90 -31.46 -3.04
CA PRO B 443 -7.09 -31.25 -2.20
C PRO B 443 -8.37 -31.27 -2.98
N GLU B 444 -9.50 -31.41 -2.30
CA GLU B 444 -10.79 -31.41 -2.96
C GLU B 444 -11.27 -30.04 -3.42
N GLY B 445 -10.68 -28.98 -2.92
CA GLY B 445 -11.11 -27.65 -3.33
C GLY B 445 -10.59 -27.17 -4.68
N VAL B 446 -9.75 -27.97 -5.32
CA VAL B 446 -8.97 -27.52 -6.48
C VAL B 446 -9.79 -26.86 -7.59
N CYS B 447 -9.30 -25.72 -8.06
CA CYS B 447 -9.94 -24.99 -9.14
C CYS B 447 -11.29 -24.39 -8.79
N VAL B 448 -11.77 -24.66 -7.58
CA VAL B 448 -12.98 -23.99 -7.10
C VAL B 448 -12.61 -22.92 -6.08
N LYS B 449 -12.05 -23.34 -4.95
CA LYS B 449 -11.57 -22.40 -3.93
C LYS B 449 -10.40 -21.57 -4.46
N GLY B 450 -9.62 -22.16 -5.35
CA GLY B 450 -8.53 -21.45 -6.01
C GLY B 450 -8.78 -21.21 -7.49
N GLY B 451 -7.72 -20.78 -8.19
CA GLY B 451 -7.82 -20.44 -9.60
C GLY B 451 -8.01 -21.63 -10.53
N ASN B 452 -8.51 -21.33 -11.72
CA ASN B 452 -8.81 -22.36 -12.69
C ASN B 452 -7.55 -22.52 -13.52
N LEU B 453 -6.88 -23.63 -13.27
CA LEU B 453 -5.54 -23.87 -13.80
C LEU B 453 -5.53 -24.20 -15.30
N GLU B 454 -4.55 -23.66 -16.00
CA GLU B 454 -4.23 -24.15 -17.33
C GLU B 454 -3.30 -25.33 -17.20
N THR B 455 -2.43 -25.28 -16.21
CA THR B 455 -1.29 -26.18 -16.17
C THR B 455 -0.99 -26.69 -14.75
N LEU B 456 -0.94 -28.00 -14.57
CA LEU B 456 -0.57 -28.57 -13.28
C LEU B 456 0.48 -29.65 -13.45
N ILE B 457 1.74 -29.35 -13.11
CA ILE B 457 2.81 -30.29 -13.42
C ILE B 457 3.55 -30.62 -12.14
N LEU B 458 3.17 -31.74 -11.53
CA LEU B 458 3.75 -32.25 -10.27
C LEU B 458 4.57 -33.55 -10.37
N ASN B 459 4.83 -34.03 -11.59
CA ASN B 459 5.54 -35.29 -11.78
C ASN B 459 6.86 -35.40 -11.03
N ASN B 460 7.21 -36.64 -10.69
CA ASN B 460 8.45 -36.93 -10.00
C ASN B 460 8.49 -36.26 -8.63
N ASN B 461 7.40 -36.41 -7.89
CA ASN B 461 7.34 -36.05 -6.48
C ASN B 461 6.89 -37.25 -5.63
N LEU B 462 6.62 -36.99 -4.35
CA LEU B 462 6.06 -37.97 -3.41
C LEU B 462 4.55 -37.90 -3.11
N LEU B 463 3.79 -37.21 -3.95
CA LEU B 463 2.33 -37.06 -3.75
C LEU B 463 1.57 -38.37 -3.55
N THR B 464 0.56 -38.34 -2.68
CA THR B 464 -0.26 -39.51 -2.38
C THR B 464 -1.75 -39.18 -2.44
N GLY B 465 -2.57 -40.17 -2.12
CA GLY B 465 -4.00 -40.01 -2.16
C GLY B 465 -4.51 -40.15 -3.56
N SER B 466 -5.67 -39.55 -3.83
CA SER B 466 -6.37 -39.72 -5.08
C SER B 466 -6.44 -38.41 -5.85
N ILE B 467 -6.59 -38.53 -7.16
CA ILE B 467 -6.91 -37.36 -7.95
C ILE B 467 -8.37 -37.04 -7.60
N PRO B 468 -8.62 -35.82 -7.14
CA PRO B 468 -9.94 -35.42 -6.62
C PRO B 468 -10.95 -35.31 -7.76
N GLU B 469 -12.19 -35.72 -7.53
CA GLU B 469 -13.22 -35.60 -8.56
C GLU B 469 -13.45 -34.14 -8.91
N SER B 470 -12.94 -33.25 -8.06
CA SER B 470 -13.03 -31.82 -8.28
C SER B 470 -12.16 -31.34 -9.44
N ILE B 471 -11.25 -32.20 -9.90
CA ILE B 471 -10.38 -31.87 -11.03
C ILE B 471 -11.24 -31.45 -12.23
N SER B 472 -12.49 -31.91 -12.24
CA SER B 472 -13.47 -31.61 -13.30
C SER B 472 -13.79 -30.15 -13.47
N ARG B 473 -13.54 -29.37 -12.41
CA ARG B 473 -13.82 -27.94 -12.43
C ARG B 473 -12.69 -27.12 -13.05
N CYS B 474 -11.57 -27.74 -13.37
CA CYS B 474 -10.53 -26.95 -14.00
C CYS B 474 -10.80 -27.08 -15.49
N THR B 475 -11.47 -26.06 -16.05
CA THR B 475 -11.92 -26.13 -17.43
C THR B 475 -10.90 -25.48 -18.34
N ASN B 476 -9.93 -24.84 -17.73
CA ASN B 476 -8.84 -24.24 -18.47
C ASN B 476 -7.72 -25.24 -18.72
N MET B 477 -7.75 -26.36 -18.02
CA MET B 477 -6.65 -27.30 -18.03
C MET B 477 -6.24 -27.76 -19.43
N ILE B 478 -4.95 -27.66 -19.68
CA ILE B 478 -4.28 -27.91 -20.96
C ILE B 478 -3.38 -29.13 -20.76
N TRP B 479 -2.54 -29.06 -19.73
CA TRP B 479 -1.55 -30.08 -19.44
C TRP B 479 -1.59 -30.47 -17.96
N ILE B 480 -1.84 -31.75 -17.70
CA ILE B 480 -1.75 -32.33 -16.36
C ILE B 480 -0.62 -33.36 -16.35
N SER B 481 0.38 -33.17 -15.49
CA SER B 481 1.40 -34.19 -15.31
C SER B 481 1.60 -34.53 -13.83
N LEU B 482 1.12 -35.73 -13.48
CA LEU B 482 1.27 -36.32 -12.16
C LEU B 482 2.20 -37.54 -12.08
N SER B 483 2.89 -37.87 -13.17
CA SER B 483 3.55 -39.18 -13.22
C SER B 483 4.66 -39.32 -12.18
N SER B 484 5.02 -40.57 -11.87
CA SER B 484 6.00 -40.85 -10.82
C SER B 484 5.69 -40.14 -9.51
N ASN B 485 4.47 -40.32 -9.05
CA ASN B 485 4.10 -39.97 -7.70
C ASN B 485 3.68 -41.25 -6.99
N ARG B 486 3.11 -41.11 -5.81
CA ARG B 486 2.51 -42.21 -5.06
C ARG B 486 0.97 -42.31 -5.17
N LEU B 487 0.39 -41.63 -6.15
CA LEU B 487 -1.08 -41.57 -6.31
C LEU B 487 -1.82 -42.93 -6.36
N THR B 488 -2.98 -42.98 -5.70
CA THR B 488 -3.84 -44.18 -5.71
C THR B 488 -5.28 -43.82 -6.10
N GLY B 489 -6.12 -44.85 -6.18
CA GLY B 489 -7.52 -44.66 -6.46
C GLY B 489 -7.75 -44.69 -7.96
N LYS B 490 -9.00 -44.40 -8.35
CA LYS B 490 -9.39 -44.38 -9.74
C LYS B 490 -9.08 -43.06 -10.41
N ILE B 491 -8.88 -43.10 -11.72
CA ILE B 491 -8.89 -41.91 -12.52
C ILE B 491 -10.31 -41.38 -12.53
N PRO B 492 -10.53 -40.15 -12.07
CA PRO B 492 -11.93 -39.71 -11.99
C PRO B 492 -12.53 -39.44 -13.38
N SER B 493 -13.79 -39.85 -13.56
CA SER B 493 -14.51 -39.62 -14.80
C SER B 493 -14.66 -38.12 -15.10
N GLY B 494 -14.51 -37.29 -14.07
CA GLY B 494 -14.64 -35.86 -14.24
C GLY B 494 -13.65 -35.31 -15.24
N ILE B 495 -12.52 -35.99 -15.39
CA ILE B 495 -11.48 -35.53 -16.32
C ILE B 495 -12.06 -35.33 -17.71
N GLY B 496 -13.15 -36.01 -17.99
CA GLY B 496 -13.80 -35.92 -19.29
C GLY B 496 -14.50 -34.60 -19.51
N ASN B 497 -14.60 -33.82 -18.45
CA ASN B 497 -15.20 -32.49 -18.52
C ASN B 497 -14.20 -31.42 -18.98
N LEU B 498 -12.93 -31.79 -19.13
CA LEU B 498 -11.92 -30.83 -19.53
C LEU B 498 -11.77 -30.85 -21.04
N SER B 499 -12.31 -29.82 -21.68
CA SER B 499 -12.41 -29.81 -23.14
C SER B 499 -11.12 -29.32 -23.80
N LYS B 500 -10.29 -28.65 -23.02
CA LYS B 500 -9.01 -28.13 -23.49
C LYS B 500 -7.81 -29.01 -23.12
N LEU B 501 -8.06 -30.09 -22.37
CA LEU B 501 -6.95 -30.95 -21.94
C LEU B 501 -6.31 -31.62 -23.15
N ALA B 502 -5.00 -31.43 -23.29
CA ALA B 502 -4.23 -31.91 -24.44
C ALA B 502 -3.34 -33.07 -24.02
N ILE B 503 -2.58 -32.83 -22.95
CA ILE B 503 -1.66 -33.80 -22.41
C ILE B 503 -2.07 -34.28 -21.02
N LEU B 504 -2.26 -35.59 -20.86
CA LEU B 504 -2.50 -36.18 -19.54
C LEU B 504 -1.44 -37.23 -19.21
N GLN B 505 -0.56 -36.93 -18.26
CA GLN B 505 0.49 -37.87 -17.87
C GLN B 505 0.34 -38.34 -16.43
N LEU B 506 -0.14 -39.58 -16.28
CA LEU B 506 -0.30 -40.32 -15.00
C LEU B 506 0.60 -41.54 -14.74
N GLY B 507 1.59 -41.79 -15.60
CA GLY B 507 2.44 -42.96 -15.48
C GLY B 507 3.21 -43.15 -14.17
N ASN B 508 3.51 -44.42 -13.86
CA ASN B 508 4.30 -44.77 -12.69
C ASN B 508 3.66 -44.30 -11.40
N ASN B 509 2.36 -44.53 -11.28
CA ASN B 509 1.66 -44.35 -10.02
C ASN B 509 1.09 -45.65 -9.48
N SER B 510 0.26 -45.54 -8.46
CA SER B 510 -0.55 -46.69 -8.02
C SER B 510 -2.03 -46.79 -8.49
N LEU B 511 -2.42 -45.99 -9.48
CA LEU B 511 -3.79 -45.90 -9.95
C LEU B 511 -4.45 -47.24 -10.30
N SER B 512 -5.75 -47.36 -10.03
CA SER B 512 -6.43 -48.62 -10.27
C SER B 512 -7.86 -48.46 -10.75
N GLY B 513 -8.56 -49.58 -10.87
CA GLY B 513 -9.86 -49.55 -11.52
C GLY B 513 -9.69 -49.51 -13.02
N ASN B 514 -10.76 -49.13 -13.70
CA ASN B 514 -10.77 -49.14 -15.16
C ASN B 514 -10.52 -47.73 -15.66
N VAL B 515 -9.91 -47.63 -16.84
CA VAL B 515 -9.82 -46.35 -17.53
C VAL B 515 -11.25 -45.95 -17.89
N PRO B 516 -11.71 -44.81 -17.35
CA PRO B 516 -13.09 -44.34 -17.59
C PRO B 516 -13.33 -43.97 -19.05
N ARG B 517 -14.48 -44.36 -19.60
CA ARG B 517 -14.83 -44.01 -20.99
C ARG B 517 -14.85 -42.51 -21.17
N GLN B 518 -15.22 -41.78 -20.12
CA GLN B 518 -15.41 -40.32 -20.24
C GLN B 518 -14.17 -39.58 -20.72
N LEU B 519 -13.00 -40.20 -20.57
CA LEU B 519 -11.77 -39.63 -21.12
C LEU B 519 -11.92 -39.41 -22.62
N GLY B 520 -12.75 -40.24 -23.25
CA GLY B 520 -12.98 -40.16 -24.68
C GLY B 520 -13.76 -38.92 -25.05
N ASN B 521 -14.32 -38.26 -24.05
CA ASN B 521 -15.07 -37.04 -24.31
C ASN B 521 -14.17 -35.80 -24.29
N CYS B 522 -12.91 -35.96 -23.87
CA CYS B 522 -11.97 -34.84 -23.86
C CYS B 522 -11.67 -34.52 -25.33
N LYS B 523 -12.02 -33.32 -25.76
CA LYS B 523 -12.03 -33.02 -27.18
C LYS B 523 -10.65 -32.69 -27.73
N SER B 524 -9.76 -32.25 -26.84
CA SER B 524 -8.38 -31.91 -27.24
C SER B 524 -7.27 -32.94 -26.93
N LEU B 525 -7.61 -34.11 -26.40
CA LEU B 525 -6.54 -34.97 -25.88
C LEU B 525 -5.68 -35.54 -27.04
N ILE B 526 -4.42 -35.15 -27.11
CA ILE B 526 -3.53 -35.75 -28.08
C ILE B 526 -2.50 -36.68 -27.43
N TRP B 527 -2.39 -36.59 -26.11
CA TRP B 527 -1.33 -37.32 -25.43
C TRP B 527 -1.81 -37.90 -24.11
N LEU B 528 -1.78 -39.23 -24.02
CA LEU B 528 -2.30 -39.98 -22.87
C LEU B 528 -1.30 -41.04 -22.42
N ASP B 529 -0.73 -40.86 -21.23
CA ASP B 529 0.21 -41.83 -20.70
C ASP B 529 -0.25 -42.37 -19.34
N LEU B 530 -0.75 -43.59 -19.36
CA LEU B 530 -1.18 -44.30 -18.16
C LEU B 530 -0.24 -45.43 -17.71
N ASN B 531 0.92 -45.55 -18.33
CA ASN B 531 1.73 -46.75 -18.18
C ASN B 531 2.17 -47.00 -16.73
N SER B 532 2.43 -48.27 -16.40
CA SER B 532 2.97 -48.63 -15.09
C SER B 532 2.09 -48.22 -13.92
N ASN B 533 0.87 -48.69 -13.92
CA ASN B 533 -0.06 -48.50 -12.85
C ASN B 533 -0.64 -49.83 -12.42
N ASN B 534 -1.77 -49.80 -11.77
CA ASN B 534 -2.50 -51.00 -11.41
C ASN B 534 -3.89 -51.05 -12.04
N LEU B 535 -4.00 -50.51 -13.22
CA LEU B 535 -5.24 -50.46 -13.99
C LEU B 535 -5.78 -51.79 -14.53
N THR B 536 -7.09 -51.94 -14.50
CA THR B 536 -7.77 -53.18 -14.88
C THR B 536 -8.94 -52.82 -15.81
N GLY B 537 -9.77 -53.79 -16.17
CA GLY B 537 -10.90 -53.54 -17.04
C GLY B 537 -10.51 -53.47 -18.51
N ASP B 538 -11.36 -52.84 -19.31
CA ASP B 538 -11.28 -52.82 -20.77
C ASP B 538 -10.75 -51.51 -21.27
N LEU B 539 -10.10 -51.55 -22.43
CA LEU B 539 -9.83 -50.32 -23.16
C LEU B 539 -11.18 -49.77 -23.59
N PRO B 540 -11.54 -48.59 -23.10
CA PRO B 540 -12.85 -48.10 -23.57
C PRO B 540 -12.77 -47.68 -25.05
N GLY B 541 -13.75 -48.11 -25.85
CA GLY B 541 -13.78 -47.78 -27.26
C GLY B 541 -13.89 -46.29 -27.52
N GLU B 542 -14.48 -45.55 -26.57
CA GLU B 542 -14.69 -44.12 -26.72
C GLU B 542 -13.41 -43.29 -26.74
N LEU B 543 -12.28 -43.93 -26.44
CA LEU B 543 -11.00 -43.25 -26.49
C LEU B 543 -10.60 -42.87 -27.90
N ALA B 544 -11.25 -43.48 -28.89
CA ALA B 544 -10.98 -43.17 -30.29
C ALA B 544 -12.02 -42.22 -30.89
N SER B 545 -12.94 -41.76 -30.07
CA SER B 545 -14.12 -41.07 -30.60
C SER B 545 -13.81 -39.69 -31.19
N GLN B 546 -12.68 -39.11 -30.81
CA GLN B 546 -12.28 -37.80 -31.33
C GLN B 546 -11.48 -37.93 -32.62
N ALA B 547 -11.19 -39.17 -33.03
CA ALA B 547 -10.37 -39.36 -34.23
C ALA B 547 -10.94 -38.64 -35.45
N GLY B 548 -10.13 -37.80 -36.08
CA GLY B 548 -10.58 -36.98 -37.20
C GLY B 548 -11.13 -35.61 -36.81
N LEU B 549 -11.53 -35.44 -35.54
CA LEU B 549 -12.14 -34.19 -35.07
C LEU B 549 -11.27 -33.19 -34.30
N VAL B 550 -10.02 -33.54 -33.97
CA VAL B 550 -9.24 -32.75 -33.02
C VAL B 550 -8.62 -31.48 -33.60
N MET B 551 -8.84 -30.35 -32.92
CA MET B 551 -8.29 -29.06 -33.35
C MET B 551 -7.07 -28.64 -32.53
N PRO B 552 -5.99 -28.21 -33.21
CA PRO B 552 -4.76 -27.80 -32.50
C PRO B 552 -5.08 -26.72 -31.49
N GLY B 553 -4.21 -26.54 -30.49
CA GLY B 553 -4.61 -25.89 -29.26
C GLY B 553 -3.51 -25.11 -28.56
N SER B 554 -3.82 -24.59 -27.38
CA SER B 554 -2.88 -23.68 -26.73
C SER B 554 -1.80 -24.43 -25.93
N VAL B 555 -1.81 -25.76 -26.02
CA VAL B 555 -0.66 -26.50 -25.53
C VAL B 555 0.57 -26.20 -26.41
N SER B 556 0.34 -25.69 -27.61
CA SER B 556 1.45 -25.25 -28.45
C SER B 556 2.21 -24.02 -27.88
N GLY B 557 3.50 -23.95 -28.17
CA GLY B 557 4.29 -22.81 -27.74
C GLY B 557 4.71 -22.91 -26.29
N LYS B 558 4.84 -24.14 -25.79
CA LYS B 558 5.38 -24.38 -24.46
C LYS B 558 6.72 -25.09 -24.60
N GLN B 559 7.66 -24.73 -23.76
CA GLN B 559 8.97 -25.34 -23.79
C GLN B 559 8.84 -26.76 -23.24
N PHE B 560 9.40 -27.74 -23.95
CA PHE B 560 9.34 -29.14 -23.54
C PHE B 560 10.68 -29.81 -23.83
N ALA B 561 10.88 -30.98 -23.26
CA ALA B 561 11.99 -31.83 -23.67
C ALA B 561 11.45 -33.24 -23.75
N PHE B 562 12.02 -34.06 -24.63
CA PHE B 562 11.68 -35.47 -24.68
C PHE B 562 12.97 -36.26 -24.62
N VAL B 563 13.16 -36.97 -23.52
CA VAL B 563 14.40 -37.71 -23.36
C VAL B 563 14.25 -39.12 -23.90
N ARG B 564 15.00 -39.41 -24.94
CA ARG B 564 14.93 -40.71 -25.55
C ARG B 564 16.07 -41.59 -25.05
N ASN B 565 15.73 -42.87 -24.79
CA ASN B 565 16.71 -43.89 -24.43
C ASN B 565 16.68 -45.06 -25.41
N GLU B 566 17.83 -45.66 -25.67
CA GLU B 566 17.89 -46.76 -26.64
C GLU B 566 17.52 -48.07 -25.94
N GLY B 567 16.45 -48.69 -26.43
CA GLY B 567 15.74 -49.67 -25.65
C GLY B 567 15.11 -48.85 -24.54
N GLY B 568 14.36 -49.46 -23.66
CA GLY B 568 14.02 -50.87 -23.71
C GLY B 568 12.96 -50.97 -22.63
N THR B 569 12.40 -52.15 -22.42
CA THR B 569 11.37 -52.28 -21.39
C THR B 569 11.96 -52.10 -19.98
N ASP B 570 13.25 -52.38 -19.83
CA ASP B 570 13.91 -52.19 -18.54
C ASP B 570 13.68 -50.77 -18.00
N CYS B 571 13.90 -49.75 -18.82
CA CYS B 571 13.49 -48.40 -18.44
C CYS B 571 12.41 -47.85 -19.34
N ARG B 572 11.15 -47.99 -18.91
CA ARG B 572 10.00 -47.41 -19.59
C ARG B 572 9.49 -46.17 -18.88
N GLY B 573 10.09 -45.87 -17.72
CA GLY B 573 9.69 -44.72 -16.95
C GLY B 573 10.70 -43.62 -17.10
N ALA B 574 11.87 -43.99 -17.63
CA ALA B 574 12.98 -43.06 -17.75
C ALA B 574 12.79 -42.13 -18.94
N GLY B 575 13.23 -40.89 -18.78
CA GLY B 575 13.10 -39.90 -19.83
C GLY B 575 11.64 -39.71 -20.20
N GLY B 576 11.38 -39.58 -21.51
CA GLY B 576 10.06 -39.24 -21.97
C GLY B 576 9.84 -37.73 -21.97
N LEU B 577 8.58 -37.34 -22.05
CA LEU B 577 8.19 -35.96 -22.22
C LEU B 577 8.10 -35.22 -20.89
N VAL B 578 8.77 -34.08 -20.80
CA VAL B 578 8.74 -33.24 -19.61
C VAL B 578 8.57 -31.75 -19.99
N GLU B 579 8.04 -30.97 -19.06
CA GLU B 579 7.95 -29.53 -19.21
C GLU B 579 9.35 -28.93 -18.94
N PHE B 580 9.84 -28.15 -19.89
CA PHE B 580 11.22 -27.66 -19.89
C PHE B 580 11.51 -26.17 -19.55
N GLU B 581 10.50 -25.37 -19.21
CA GLU B 581 10.73 -23.94 -18.92
C GLU B 581 11.78 -23.72 -17.82
N GLY B 582 12.81 -22.96 -18.15
CA GLY B 582 13.83 -22.58 -17.18
C GLY B 582 14.84 -23.64 -16.77
N ILE B 583 14.90 -24.73 -17.52
CA ILE B 583 15.76 -25.84 -17.15
C ILE B 583 16.85 -26.09 -18.20
N ARG B 584 18.03 -26.50 -17.74
CA ARG B 584 19.12 -26.87 -18.63
C ARG B 584 19.11 -28.38 -18.84
N ALA B 585 19.44 -28.79 -20.06
CA ALA B 585 19.49 -30.21 -20.42
C ALA B 585 20.27 -31.03 -19.40
N GLU B 586 21.39 -30.49 -18.92
CA GLU B 586 22.29 -31.22 -18.01
C GLU B 586 21.60 -31.66 -16.73
N ARG B 587 20.63 -30.88 -16.26
CA ARG B 587 19.93 -31.21 -15.03
C ARG B 587 19.02 -32.45 -15.23
N LEU B 588 18.62 -32.68 -16.48
CA LEU B 588 17.84 -33.87 -16.81
C LEU B 588 18.54 -35.18 -16.45
N GLU B 589 19.87 -35.18 -16.39
CA GLU B 589 20.59 -36.43 -16.15
C GLU B 589 20.67 -36.76 -14.66
N ARG B 590 20.01 -35.94 -13.85
CA ARG B 590 19.80 -36.21 -12.44
C ARG B 590 18.48 -36.96 -12.24
N LEU B 591 17.72 -37.14 -13.31
CA LEU B 591 16.48 -37.90 -13.25
C LEU B 591 16.70 -39.38 -12.91
N PRO B 592 15.63 -40.07 -12.47
CA PRO B 592 15.64 -41.50 -12.13
C PRO B 592 16.03 -42.41 -13.31
N MET B 593 16.77 -43.47 -13.00
CA MET B 593 17.11 -44.53 -13.97
C MET B 593 17.98 -44.02 -15.11
N VAL B 594 18.73 -42.94 -14.89
CA VAL B 594 19.62 -42.43 -15.93
C VAL B 594 20.92 -43.24 -16.02
N HIS B 595 21.30 -43.86 -14.90
CA HIS B 595 22.42 -44.81 -14.91
C HIS B 595 22.12 -45.98 -15.82
N SER B 596 21.02 -46.69 -15.55
CA SER B 596 20.61 -47.83 -16.36
C SER B 596 20.19 -47.40 -17.77
N CYS B 597 19.67 -46.19 -17.90
CA CYS B 597 19.08 -45.74 -19.16
C CYS B 597 19.64 -44.41 -19.63
N PRO B 598 20.90 -44.41 -20.09
CA PRO B 598 21.54 -43.21 -20.61
C PRO B 598 20.75 -42.60 -21.76
N ALA B 599 20.48 -41.31 -21.68
CA ALA B 599 19.76 -40.64 -22.74
C ALA B 599 20.59 -40.71 -24.01
N THR B 600 20.02 -41.31 -25.04
CA THR B 600 20.70 -41.42 -26.32
C THR B 600 20.49 -40.13 -27.10
N ARG B 601 19.31 -39.54 -26.92
CA ARG B 601 18.96 -38.32 -27.59
C ARG B 601 17.97 -37.53 -26.76
N ILE B 602 18.10 -36.22 -26.74
CA ILE B 602 17.13 -35.36 -26.09
C ILE B 602 16.58 -34.36 -27.09
N TYR B 603 15.28 -34.45 -27.36
CA TYR B 603 14.60 -33.50 -28.22
C TYR B 603 14.13 -32.35 -27.37
N SER B 604 14.18 -31.14 -27.92
CA SER B 604 13.88 -29.94 -27.14
C SER B 604 13.28 -28.90 -28.03
N GLY B 605 12.48 -28.01 -27.46
CA GLY B 605 11.95 -26.94 -28.26
C GLY B 605 10.59 -26.46 -27.82
N MET B 606 9.91 -25.82 -28.75
CA MET B 606 8.56 -25.36 -28.57
C MET B 606 7.63 -26.45 -29.05
N THR B 607 6.60 -26.75 -28.27
CA THR B 607 5.62 -27.75 -28.65
C THR B 607 4.89 -27.28 -29.90
N MET B 608 4.82 -28.17 -30.88
CA MET B 608 4.12 -27.91 -32.14
C MET B 608 3.25 -29.12 -32.54
N TYR B 609 2.00 -28.87 -32.91
CA TYR B 609 1.14 -29.95 -33.39
C TYR B 609 1.61 -30.51 -34.74
N THR B 610 1.19 -31.75 -35.00
CA THR B 610 1.47 -32.41 -36.26
C THR B 610 0.33 -32.24 -37.28
N PHE B 611 -0.69 -31.46 -36.95
CA PHE B 611 -1.82 -31.25 -37.85
C PHE B 611 -2.44 -29.85 -37.77
N SER B 612 -3.03 -29.42 -38.88
CA SER B 612 -3.67 -28.09 -38.97
C SER B 612 -5.06 -28.15 -38.40
N ALA B 613 -5.67 -29.33 -38.52
CA ALA B 613 -7.04 -29.52 -38.12
C ALA B 613 -7.47 -30.95 -38.37
N ASN B 614 -8.61 -31.34 -37.81
CA ASN B 614 -9.10 -32.70 -37.94
C ASN B 614 -7.99 -33.69 -37.61
N GLY B 615 -7.49 -33.64 -36.37
CA GLY B 615 -6.42 -34.53 -35.98
C GLY B 615 -6.91 -35.68 -35.13
N SER B 616 -5.98 -36.48 -34.61
CA SER B 616 -6.28 -37.47 -33.59
C SER B 616 -5.24 -37.42 -32.48
N MET B 617 -5.33 -38.37 -31.56
CA MET B 617 -4.31 -38.59 -30.56
C MET B 617 -2.97 -38.81 -31.25
N ILE B 618 -1.90 -38.25 -30.67
CA ILE B 618 -0.49 -38.49 -31.06
C ILE B 618 0.20 -39.71 -30.40
N TYR B 619 -0.09 -39.88 -29.11
CA TYR B 619 0.67 -40.74 -28.21
C TYR B 619 -0.30 -41.39 -27.24
N PHE B 620 -0.27 -42.72 -27.18
CA PHE B 620 -1.13 -43.49 -26.27
C PHE B 620 -0.29 -44.59 -25.64
N ASP B 621 -0.04 -44.50 -24.34
CA ASP B 621 0.71 -45.53 -23.63
C ASP B 621 0.00 -45.96 -22.34
N ILE B 622 -0.53 -47.17 -22.38
CA ILE B 622 -1.14 -47.86 -21.27
C ILE B 622 -0.38 -49.12 -20.82
N SER B 623 0.84 -49.30 -21.30
CA SER B 623 1.58 -50.55 -21.03
C SER B 623 1.84 -50.78 -19.53
N TYR B 624 2.09 -52.05 -19.16
CA TYR B 624 2.34 -52.44 -17.76
C TYR B 624 1.21 -52.15 -16.78
N ASN B 625 0.03 -52.61 -17.14
CA ASN B 625 -1.13 -52.58 -16.28
C ASN B 625 -1.71 -54.01 -16.28
N ALA B 626 -2.92 -54.19 -15.78
CA ALA B 626 -3.69 -55.46 -15.91
C ALA B 626 -4.83 -55.43 -16.93
N VAL B 627 -4.82 -54.47 -17.85
CA VAL B 627 -5.89 -54.32 -18.82
C VAL B 627 -6.26 -55.59 -19.61
N SER B 628 -7.55 -55.86 -19.64
CA SER B 628 -8.08 -57.10 -20.20
C SER B 628 -8.98 -56.76 -21.38
N GLY B 629 -9.66 -57.77 -21.93
CA GLY B 629 -10.58 -57.56 -23.02
C GLY B 629 -9.90 -57.52 -24.38
N PHE B 630 -10.57 -56.92 -25.35
CA PHE B 630 -10.00 -56.86 -26.69
C PHE B 630 -9.73 -55.41 -27.12
N ILE B 631 -8.86 -55.25 -28.11
CA ILE B 631 -8.55 -53.93 -28.65
C ILE B 631 -9.71 -53.39 -29.51
N PRO B 632 -10.29 -52.25 -29.10
CA PRO B 632 -11.39 -51.71 -29.92
C PRO B 632 -10.93 -51.34 -31.33
N PRO B 633 -11.62 -51.83 -32.38
CA PRO B 633 -11.20 -51.64 -33.78
C PRO B 633 -11.18 -50.17 -34.18
N GLY B 634 -12.02 -49.36 -33.56
CA GLY B 634 -12.01 -47.93 -33.81
C GLY B 634 -10.69 -47.24 -33.49
N TYR B 635 -9.84 -47.87 -32.69
CA TYR B 635 -8.51 -47.34 -32.43
C TYR B 635 -7.76 -47.14 -33.74
N GLY B 636 -8.02 -48.02 -34.70
CA GLY B 636 -7.35 -47.97 -35.99
C GLY B 636 -7.63 -46.68 -36.74
N ASN B 637 -8.62 -45.91 -36.30
CA ASN B 637 -8.97 -44.65 -36.95
C ASN B 637 -8.11 -43.43 -36.60
N MET B 638 -7.11 -43.58 -35.72
CA MET B 638 -6.39 -42.37 -35.34
C MET B 638 -5.21 -42.17 -36.29
N GLY B 639 -5.42 -41.29 -37.27
CA GLY B 639 -4.49 -41.15 -38.38
C GLY B 639 -3.20 -40.44 -38.01
N TYR B 640 -3.21 -39.71 -36.91
CA TYR B 640 -1.99 -39.03 -36.43
C TYR B 640 -1.24 -39.73 -35.30
N LEU B 641 -1.68 -40.92 -34.91
CA LEU B 641 -1.11 -41.54 -33.73
C LEU B 641 0.28 -42.08 -34.06
N GLN B 642 1.30 -41.62 -33.33
CA GLN B 642 2.66 -42.12 -33.57
C GLN B 642 3.17 -43.21 -32.60
N VAL B 643 2.52 -43.33 -31.46
CA VAL B 643 2.92 -44.31 -30.48
C VAL B 643 1.63 -44.91 -29.94
N LEU B 644 1.52 -46.23 -30.04
CA LEU B 644 0.44 -46.95 -29.40
C LEU B 644 1.13 -48.08 -28.63
N ASN B 645 1.13 -47.99 -27.31
CA ASN B 645 1.83 -48.97 -26.52
C ASN B 645 0.84 -49.69 -25.60
N LEU B 646 0.47 -50.91 -25.98
CA LEU B 646 -0.44 -51.75 -25.19
C LEU B 646 0.28 -52.88 -24.46
N GLY B 647 1.60 -52.94 -24.60
CA GLY B 647 2.36 -54.07 -24.11
C GLY B 647 2.32 -54.32 -22.61
N HIS B 648 2.53 -55.58 -22.22
CA HIS B 648 2.47 -55.99 -20.81
C HIS B 648 1.12 -55.79 -20.13
N ASN B 649 0.09 -56.40 -20.72
CA ASN B 649 -1.25 -56.42 -20.16
C ASN B 649 -1.89 -57.81 -20.29
N ARG B 650 -3.19 -57.87 -20.06
CA ARG B 650 -3.99 -59.09 -20.28
C ARG B 650 -4.83 -59.12 -21.54
N ILE B 651 -4.56 -58.22 -22.47
CA ILE B 651 -5.39 -58.08 -23.66
C ILE B 651 -5.53 -59.36 -24.49
N THR B 652 -6.79 -59.69 -24.80
CA THR B 652 -7.12 -60.87 -25.61
C THR B 652 -7.81 -60.48 -26.90
N GLY B 653 -8.20 -61.47 -27.68
CA GLY B 653 -8.81 -61.22 -28.97
C GLY B 653 -7.78 -61.16 -30.07
N THR B 654 -8.08 -60.41 -31.13
CA THR B 654 -7.19 -60.28 -32.28
C THR B 654 -6.83 -58.82 -32.51
N ILE B 655 -5.78 -58.62 -33.30
CA ILE B 655 -5.37 -57.30 -33.74
C ILE B 655 -6.28 -56.87 -34.88
N PRO B 656 -6.95 -55.73 -34.76
CA PRO B 656 -7.93 -55.33 -35.78
C PRO B 656 -7.30 -54.99 -37.14
N ASP B 657 -7.95 -55.39 -38.22
CA ASP B 657 -7.48 -55.07 -39.57
C ASP B 657 -7.43 -53.57 -39.75
N SER B 658 -8.28 -52.89 -38.98
CA SER B 658 -8.33 -51.44 -39.00
C SER B 658 -6.98 -50.80 -38.72
N PHE B 659 -6.07 -51.53 -38.08
CA PHE B 659 -4.75 -50.96 -37.77
C PHE B 659 -3.97 -50.57 -39.01
N GLY B 660 -4.37 -51.10 -40.17
CA GLY B 660 -3.76 -50.66 -41.41
C GLY B 660 -3.94 -49.17 -41.60
N GLY B 661 -4.83 -48.58 -40.80
CA GLY B 661 -5.17 -47.17 -40.93
C GLY B 661 -4.36 -46.25 -40.04
N LEU B 662 -3.42 -46.81 -39.27
CA LEU B 662 -2.62 -45.92 -38.45
C LEU B 662 -1.41 -45.52 -39.28
N LYS B 663 -1.56 -44.43 -40.02
CA LYS B 663 -0.59 -44.12 -41.07
C LYS B 663 0.66 -43.46 -40.50
N ALA B 664 0.50 -42.78 -39.38
CA ALA B 664 1.60 -42.07 -38.76
C ALA B 664 2.40 -42.96 -37.80
N ILE B 665 1.92 -44.19 -37.59
CA ILE B 665 2.44 -45.00 -36.49
C ILE B 665 3.92 -45.31 -36.69
N GLY B 666 4.76 -44.91 -35.73
CA GLY B 666 6.15 -45.33 -35.70
C GLY B 666 6.44 -46.42 -34.67
N VAL B 667 5.63 -46.46 -33.62
CA VAL B 667 5.84 -47.41 -32.52
C VAL B 667 4.54 -48.13 -32.18
N LEU B 668 4.52 -49.43 -32.41
CA LEU B 668 3.36 -50.24 -32.06
C LEU B 668 3.82 -51.41 -31.23
N ASP B 669 3.52 -51.37 -29.93
CA ASP B 669 3.98 -52.44 -29.02
C ASP B 669 2.76 -53.17 -28.52
N LEU B 670 2.54 -54.37 -29.04
CA LEU B 670 1.46 -55.25 -28.58
C LEU B 670 1.93 -56.40 -27.69
N SER B 671 3.23 -56.43 -27.39
CA SER B 671 3.84 -57.62 -26.79
C SER B 671 3.32 -57.95 -25.40
N HIS B 672 3.55 -59.20 -25.00
CA HIS B 672 3.21 -59.68 -23.67
C HIS B 672 1.75 -59.47 -23.36
N ASN B 673 0.93 -60.00 -24.24
CA ASN B 673 -0.50 -60.02 -24.03
C ASN B 673 -1.03 -61.43 -24.30
N ASN B 674 -2.35 -61.56 -24.37
CA ASN B 674 -3.03 -62.77 -24.83
C ASN B 674 -3.59 -62.77 -26.26
N LEU B 675 -3.15 -61.83 -27.10
CA LEU B 675 -3.65 -61.72 -28.48
C LEU B 675 -3.56 -63.05 -29.22
N GLN B 676 -4.57 -63.33 -30.04
CA GLN B 676 -4.48 -64.49 -30.93
C GLN B 676 -4.86 -64.20 -32.38
N GLY B 677 -4.75 -65.23 -33.21
CA GLY B 677 -5.10 -65.10 -34.60
C GLY B 677 -3.94 -64.60 -35.43
N TYR B 678 -4.29 -64.13 -36.62
CA TYR B 678 -3.32 -63.68 -37.62
C TYR B 678 -2.85 -62.24 -37.45
N LEU B 679 -1.67 -61.95 -37.98
CA LEU B 679 -1.26 -60.57 -38.11
C LEU B 679 -1.93 -60.01 -39.33
N PRO B 680 -2.69 -58.91 -39.17
CA PRO B 680 -3.42 -58.33 -40.32
C PRO B 680 -2.44 -57.96 -41.40
N GLY B 681 -2.72 -58.34 -42.64
CA GLY B 681 -1.87 -57.98 -43.77
C GLY B 681 -1.72 -56.49 -44.02
N SER B 682 -2.71 -55.71 -43.62
CA SER B 682 -2.66 -54.26 -43.81
C SER B 682 -1.56 -53.58 -42.98
N LEU B 683 -1.01 -54.29 -41.99
CA LEU B 683 0.15 -53.78 -41.27
C LEU B 683 1.32 -53.48 -42.21
N GLY B 684 1.29 -54.08 -43.40
CA GLY B 684 2.33 -53.88 -44.37
C GLY B 684 2.20 -52.55 -45.09
N SER B 685 1.08 -51.87 -44.87
CA SER B 685 0.85 -50.61 -45.55
C SER B 685 1.24 -49.45 -44.65
N LEU B 686 1.80 -49.78 -43.49
CA LEU B 686 2.21 -48.74 -42.55
C LEU B 686 3.64 -48.39 -42.92
N SER B 687 3.84 -47.20 -43.47
CA SER B 687 5.14 -46.90 -44.06
C SER B 687 6.14 -46.26 -43.09
N PHE B 688 5.66 -45.76 -41.96
CA PHE B 688 6.59 -45.22 -40.96
C PHE B 688 6.92 -46.17 -39.81
N LEU B 689 6.43 -47.40 -39.84
CA LEU B 689 6.47 -48.23 -38.65
C LEU B 689 7.91 -48.68 -38.45
N SER B 690 8.56 -48.12 -37.43
CA SER B 690 9.97 -48.41 -37.18
C SER B 690 10.23 -49.27 -35.97
N ASP B 691 9.22 -49.43 -35.12
CA ASP B 691 9.37 -50.26 -33.94
C ASP B 691 8.12 -51.09 -33.69
N LEU B 692 8.22 -52.40 -33.89
CA LEU B 692 7.08 -53.27 -33.71
C LEU B 692 7.46 -54.34 -32.70
N ASP B 693 6.65 -54.52 -31.65
CA ASP B 693 6.84 -55.69 -30.79
C ASP B 693 5.54 -56.43 -30.64
N VAL B 694 5.54 -57.62 -31.20
CA VAL B 694 4.38 -58.49 -31.18
C VAL B 694 4.52 -59.75 -30.31
N SER B 695 5.68 -59.87 -29.67
CA SER B 695 6.12 -61.10 -29.02
C SER B 695 5.39 -61.44 -27.71
N ASN B 696 5.50 -62.70 -27.31
CA ASN B 696 4.78 -63.21 -26.13
C ASN B 696 3.27 -63.06 -26.23
N ASN B 697 2.72 -63.61 -27.30
CA ASN B 697 1.29 -63.72 -27.48
C ASN B 697 0.94 -65.12 -27.98
N ASN B 698 -0.32 -65.27 -28.37
CA ASN B 698 -0.84 -66.43 -29.10
C ASN B 698 -0.93 -66.31 -30.62
N LEU B 699 -0.24 -65.34 -31.20
CA LEU B 699 -0.36 -65.12 -32.64
C LEU B 699 0.10 -66.34 -33.41
N THR B 700 -0.40 -66.47 -34.64
CA THR B 700 -0.11 -67.64 -35.45
C THR B 700 -0.21 -67.28 -36.95
N GLY B 701 0.37 -68.12 -37.81
CA GLY B 701 0.25 -67.92 -39.23
C GLY B 701 1.35 -67.07 -39.84
N PRO B 702 1.17 -66.67 -41.10
CA PRO B 702 2.24 -65.94 -41.80
C PRO B 702 2.44 -64.51 -41.28
N ILE B 703 3.69 -64.08 -41.33
CA ILE B 703 4.04 -62.71 -41.06
C ILE B 703 3.85 -61.95 -42.38
N PRO B 704 3.02 -60.90 -42.38
CA PRO B 704 2.80 -60.18 -43.63
C PRO B 704 4.14 -59.85 -44.29
N PHE B 705 4.19 -59.99 -45.62
CA PHE B 705 5.43 -59.93 -46.38
C PHE B 705 5.74 -58.51 -46.88
N GLY B 706 4.81 -57.60 -46.71
CA GLY B 706 5.00 -56.25 -47.21
C GLY B 706 5.41 -55.28 -46.12
N GLY B 707 5.73 -54.06 -46.52
CA GLY B 707 6.11 -53.03 -45.58
C GLY B 707 7.32 -53.39 -44.73
N GLN B 708 7.28 -52.94 -43.47
CA GLN B 708 8.41 -53.01 -42.57
C GLN B 708 8.50 -54.34 -41.82
N LEU B 709 7.47 -55.16 -41.94
CA LEU B 709 7.33 -56.34 -41.09
C LEU B 709 8.50 -57.33 -41.14
N THR B 710 9.09 -57.53 -42.32
CA THR B 710 10.20 -58.48 -42.45
C THR B 710 11.56 -57.89 -42.09
N THR B 711 11.59 -56.60 -41.74
CA THR B 711 12.83 -55.93 -41.40
C THR B 711 13.16 -55.97 -39.90
N PHE B 712 12.26 -56.51 -39.08
CA PHE B 712 12.47 -56.51 -37.63
C PHE B 712 13.24 -57.73 -37.11
N PRO B 713 13.92 -57.56 -35.98
CA PRO B 713 14.61 -58.67 -35.31
C PRO B 713 13.66 -59.80 -34.94
N VAL B 714 14.17 -61.02 -34.98
CA VAL B 714 13.43 -62.22 -34.62
C VAL B 714 12.76 -62.10 -33.26
N SER B 715 13.38 -61.38 -32.34
CA SER B 715 12.85 -61.22 -31.01
C SER B 715 11.50 -60.48 -30.94
N ARG B 716 11.19 -59.67 -31.94
CA ARG B 716 9.91 -58.95 -31.96
C ARG B 716 8.72 -59.89 -32.26
N TYR B 717 9.01 -61.04 -32.83
CA TYR B 717 8.01 -62.08 -33.09
C TYR B 717 8.00 -63.27 -32.14
N ALA B 718 8.93 -63.29 -31.20
CA ALA B 718 9.22 -64.49 -30.42
C ALA B 718 8.08 -64.95 -29.51
N ASN B 719 8.11 -66.21 -29.13
CA ASN B 719 7.19 -66.75 -28.12
C ASN B 719 5.71 -66.59 -28.49
N ASN B 720 5.38 -67.04 -29.69
CA ASN B 720 4.02 -67.04 -30.18
C ASN B 720 3.60 -68.46 -30.60
N SER B 721 2.38 -68.55 -31.10
CA SER B 721 1.66 -69.79 -31.38
C SER B 721 1.86 -70.41 -32.77
N GLY B 722 2.98 -70.13 -33.44
CA GLY B 722 3.13 -70.57 -34.82
C GLY B 722 3.28 -69.54 -35.91
N LEU B 723 3.72 -68.34 -35.57
CA LEU B 723 4.16 -67.39 -36.58
C LEU B 723 5.19 -68.07 -37.50
N CYS B 724 5.14 -67.74 -38.79
CA CYS B 724 6.06 -68.28 -39.79
C CYS B 724 6.26 -67.25 -40.88
N GLY B 725 7.27 -67.46 -41.72
CA GLY B 725 7.63 -66.48 -42.72
C GLY B 725 8.75 -65.57 -42.24
N VAL B 726 9.54 -65.06 -43.18
CA VAL B 726 10.67 -64.22 -42.85
C VAL B 726 10.21 -63.16 -41.86
N PRO B 727 11.05 -62.82 -40.87
CA PRO B 727 12.36 -63.33 -40.45
C PRO B 727 12.35 -64.71 -39.77
N LEU B 728 11.19 -65.23 -39.38
CA LEU B 728 11.18 -66.62 -38.87
C LEU B 728 11.31 -67.62 -40.03
N ARG B 729 11.22 -68.91 -39.70
CA ARG B 729 11.28 -69.98 -40.71
C ARG B 729 10.07 -69.96 -41.63
N PRO B 730 10.27 -70.24 -42.92
CA PRO B 730 9.20 -70.11 -43.90
C PRO B 730 8.01 -71.03 -43.62
N CYS B 731 6.83 -70.59 -44.06
CA CYS B 731 5.57 -71.28 -43.75
C CYS B 731 5.45 -72.64 -44.43
N GLY B 732 6.27 -72.86 -45.46
CA GLY B 732 6.34 -74.11 -46.17
C GLY B 732 7.35 -75.08 -45.57
N SER B 733 7.60 -74.93 -44.27
CA SER B 733 8.49 -75.83 -43.53
C SER B 733 8.30 -77.29 -43.93
C1 NAG C . 11.37 44.78 7.70
C2 NAG C . 12.79 45.28 7.33
C3 NAG C . 13.83 44.18 7.19
C4 NAG C . 13.77 43.18 8.34
C5 NAG C . 12.34 42.64 8.51
C6 NAG C . 12.23 41.75 9.74
C7 NAG C . 13.02 47.27 5.89
C8 NAG C . 11.98 48.07 5.15
N2 NAG C . 12.76 45.97 6.04
O3 NAG C . 15.10 44.78 7.09
O4 NAG C . 14.68 42.10 8.13
O5 NAG C . 11.36 43.67 8.61
O6 NAG C . 12.78 42.37 10.90
O7 NAG C . 14.05 47.79 6.34
C1 NAG C . 15.48 40.86 8.15
C2 NAG C . 15.80 39.43 7.72
C3 NAG C . 16.72 38.73 8.73
C4 NAG C . 17.99 39.56 8.89
C5 NAG C . 17.63 40.99 9.29
C6 NAG C . 18.84 41.89 9.25
C7 NAG C . 13.83 38.81 6.40
C8 NAG C . 12.76 37.80 6.14
N2 NAG C . 14.57 38.67 7.51
O3 NAG C . 17.04 37.44 8.29
O4 NAG C . 18.88 38.93 9.82
O5 NAG C . 16.67 41.58 8.42
O6 NAG C . 19.16 42.17 7.90
O7 NAG C . 14.01 39.74 5.60
C1 NAG D . -15.74 4.85 29.53
C2 NAG D . -16.76 5.71 28.78
C3 NAG D . -16.16 7.05 28.38
C4 NAG D . -15.59 7.73 29.61
C5 NAG D . -14.79 6.82 30.53
C6 NAG D . -14.68 7.50 31.89
C7 NAG D . -18.53 4.57 27.72
C8 NAG D . -19.20 4.10 26.46
N2 NAG D . -17.30 5.06 27.61
O3 NAG D . -17.15 7.88 27.81
O4 NAG D . -14.69 8.71 29.16
O5 NAG D . -15.35 5.52 30.71
O6 NAG D . -13.57 7.00 32.60
O7 NAG D . -19.10 4.51 28.80
C1 NAG D . -15.01 10.08 29.40
C2 NAG D . -13.75 10.93 29.21
C3 NAG D . -14.03 12.38 29.61
C4 NAG D . -15.12 12.87 28.66
C5 NAG D . -16.25 11.85 28.71
C6 NAG D . -17.40 12.16 27.80
C7 NAG D . -12.11 10.17 30.82
C8 NAG D . -12.91 10.86 31.85
N2 NAG D . -12.55 10.27 29.64
O3 NAG D . -12.96 13.20 29.48
O4 NAG D . -15.61 14.11 29.05
O5 NAG D . -15.82 10.59 28.42
O6 NAG D . -17.03 12.21 26.48
O7 NAG D . -11.12 9.58 31.08
C1 BMA D . -15.58 15.16 28.10
C2 BMA D . -16.37 16.33 28.65
C3 BMA D . -16.31 17.54 27.72
C4 BMA D . -14.86 17.90 27.50
C5 BMA D . -14.12 16.66 27.04
C6 BMA D . -12.66 16.86 26.76
O2 BMA D . -15.86 16.70 29.91
O3 BMA D . -17.13 18.64 28.08
O4 BMA D . -14.84 18.79 26.42
O5 BMA D . -14.27 15.61 27.94
O6 BMA D . -12.05 15.62 26.85
C1 MAN D . -10.69 15.60 26.53
C2 MAN D . -10.46 14.27 25.90
C3 MAN D . -10.80 13.15 26.89
C4 MAN D . -9.82 13.38 28.02
C5 MAN D . -9.95 14.77 28.64
C6 MAN D . -8.97 15.10 29.76
O2 MAN D . -9.15 14.15 25.51
O3 MAN D . -10.55 11.89 26.34
O4 MAN D . -9.90 12.39 28.95
O5 MAN D . -9.89 15.76 27.66
O6 MAN D . -7.68 14.53 29.76
C1 MAN D . -11.42 11.36 25.47
C2 MAN D . -11.60 9.86 25.70
C3 MAN D . -10.43 9.11 25.12
C4 MAN D . -10.22 9.52 23.66
C5 MAN D . -10.07 11.03 23.49
C6 MAN D . -10.10 11.46 22.03
O2 MAN D . -12.74 9.38 25.03
O3 MAN D . -10.75 7.74 25.22
O4 MAN D . -9.08 8.87 23.16
O5 MAN D . -11.17 11.68 24.12
O6 MAN D . -9.83 12.28 21.84
C1 MAN D . -14.12 9.76 25.21
C2 MAN D . -15.19 8.74 24.90
C3 MAN D . -15.30 8.46 23.41
C4 MAN D . -15.52 9.75 22.71
C5 MAN D . -14.49 10.77 23.13
C6 MAN D . -14.97 12.09 22.66
O2 MAN D . -16.39 9.25 25.37
O3 MAN D . -16.31 7.58 23.13
O4 MAN D . -15.25 9.54 21.39
O5 MAN D . -14.42 10.90 24.49
O6 MAN D . -14.02 12.70 21.88
C1 NAG E . -23.92 8.39 42.44
C2 NAG E . -24.58 8.45 41.09
C3 NAG E . -23.87 9.36 40.11
C4 NAG E . -23.60 10.72 40.64
C5 NAG E . -23.00 10.54 42.00
C6 NAG E . -23.11 11.93 42.52
C7 NAG E . -25.63 6.51 40.25
C8 NAG E . -25.41 5.15 39.74
N2 NAG E . -24.58 7.15 40.57
O3 NAG E . -24.74 9.61 39.10
O4 NAG E . -22.75 11.42 39.79
O5 NAG E . -23.84 9.73 42.77
O6 NAG E . -21.98 12.32 43.19
O7 NAG E . -26.73 6.95 40.35
C1 NAG E . -23.30 12.64 39.31
C2 NAG E . -22.23 13.66 38.86
C3 NAG E . -22.88 14.83 38.19
C4 NAG E . -23.62 14.26 37.02
C5 NAG E . -24.73 13.58 37.77
C6 NAG E . -25.92 13.30 36.91
C7 NAG E . -20.27 13.84 40.06
C8 NAG E . -19.47 14.40 41.17
N2 NAG E . -21.49 14.23 39.93
O3 NAG E . -21.93 15.74 37.76
O4 NAG E . -24.06 15.27 36.18
O5 NAG E . -24.17 12.42 38.26
O6 NAG E . -25.59 12.18 36.18
O7 NAG E . -19.78 13.06 39.32
C1 NAG F . -32.66 -10.54 37.86
C2 NAG F . -32.55 -12.06 37.84
C3 NAG F . -33.91 -12.69 38.11
C4 NAG F . -34.58 -12.05 39.33
C5 NAG F . -34.54 -10.53 39.26
C6 NAG F . -35.08 -9.92 40.54
C7 NAG F . -31.32 -13.59 36.37
C8 NAG F . -31.41 -14.21 35.01
N2 NAG F . -32.07 -12.50 36.54
O3 NAG F . -33.70 -14.07 38.30
O4 NAG F . -35.93 -12.44 39.42
O5 NAG F . -33.20 -10.13 39.09
O6 NAG F . -35.59 -8.62 40.30
O7 NAG F . -30.59 -14.08 37.23
C1 NAG F . -36.25 -13.52 40.35
C2 NAG F . -37.70 -13.25 40.74
C3 NAG F . -38.39 -14.49 41.30
C4 NAG F . -38.12 -15.71 40.41
C5 NAG F . -36.63 -15.87 40.14
C6 NAG F . -36.34 -17.05 39.21
C7 NAG F . -38.45 -11.05 41.42
C8 NAG F . -38.51 -10.00 42.50
N2 NAG F . -37.78 -12.17 41.70
O3 NAG F . -39.76 -14.24 41.40
O4 NAG F . -38.65 -16.87 41.03
O5 NAG F . -36.12 -14.69 39.56
O6 NAG F . -36.99 -16.87 37.97
O7 NAG F . -39.00 -10.87 40.32
C1 NAG G . 0.88 -51.31 -9.05
C2 NAG G . 1.44 -52.71 -8.76
C3 NAG G . 2.94 -52.78 -8.54
C4 NAG G . 3.69 -51.95 -9.58
C5 NAG G . 3.12 -50.54 -9.79
C6 NAG G . 3.67 -50.02 -11.12
C7 NAG G . 0.34 -54.37 -7.30
C8 NAG G . -0.65 -54.45 -6.17
N2 NAG G . 0.83 -53.17 -7.52
O3 NAG G . 3.35 -54.13 -8.53
O4 NAG G . 5.04 -51.83 -9.15
O5 NAG G . 1.70 -50.42 -9.79
O6 NAG G . 3.49 -50.99 -12.15
O7 NAG G . 0.66 -55.38 -7.95
C1 NAG G . 6.22 -52.24 -10.04
C2 NAG G . 7.66 -51.78 -9.82
C3 NAG G . 8.52 -52.04 -11.04
C4 NAG G . 8.40 -53.51 -11.42
C5 NAG G . 6.93 -53.89 -11.64
C6 NAG G . 6.77 -55.39 -11.89
C7 NAG G . 7.17 -50.00 -8.28
C8 NAG G . 7.19 -48.53 -7.97
N2 NAG G . 7.66 -50.38 -9.45
O3 NAG G . 9.86 -51.68 -10.75
O4 NAG G . 9.18 -53.81 -12.56
O5 NAG G . 6.14 -53.58 -10.50
O6 NAG G . 6.93 -56.08 -10.67
O7 NAG G . 6.72 -50.80 -7.46
C1 NAG H . 28.54 -21.73 -14.92
C2 NAG H . 29.85 -22.48 -14.68
C3 NAG H . 30.08 -23.71 -15.58
C4 NAG H . 28.83 -24.54 -15.79
C5 NAG H . 27.64 -23.66 -16.17
C6 NAG H . 26.34 -24.48 -16.16
C7 NAG H . 31.37 -20.72 -13.92
C8 NAG H . 31.76 -19.35 -14.39
N2 NAG H . 30.96 -21.56 -14.86
O3 NAG H . 31.08 -24.53 -15.02
O4 NAG H . 29.05 -25.56 -16.75
O5 NAG H . 27.45 -22.57 -15.27
O6 NAG H . 26.14 -25.09 -14.90
O7 NAG H . 31.41 -21.03 -12.71
C1 NAG H . 29.21 -26.98 -17.16
C2 NAG H . 28.65 -27.53 -18.48
C3 NAG H . 28.69 -29.05 -18.57
C4 NAG H . 30.07 -29.56 -18.20
C5 NAG H . 30.46 -29.06 -16.81
C6 NAG H . 31.88 -29.51 -16.48
C7 NAG H . 26.99 -25.94 -19.23
C8 NAG H . 25.62 -25.79 -19.83
N2 NAG H . 27.27 -27.10 -18.65
O3 NAG H . 28.38 -29.46 -19.88
O4 NAG H . 30.08 -30.98 -18.24
O5 NAG H . 30.38 -27.64 -16.70
O6 NAG H . 32.29 -28.99 -15.23
O7 NAG H . 27.80 -25.02 -19.29
C1 NAG I . 15.32 -4.77 -29.45
C2 NAG I . 14.15 -4.46 -28.58
C3 NAG I . 13.41 -5.71 -28.23
C4 NAG I . 13.03 -6.53 -29.44
C5 NAG I . 14.09 -6.50 -30.52
C6 NAG I . 13.40 -6.68 -31.84
C7 NAG I . 14.36 -2.67 -27.05
C8 NAG I . 14.90 -2.17 -25.76
N2 NAG I . 14.62 -3.91 -27.38
O3 NAG I . 12.29 -5.31 -27.58
O4 NAG I . 12.82 -7.81 -29.04
O5 NAG I . 14.73 -5.27 -30.58
O6 NAG I . 14.07 -7.56 -32.65
O7 NAG I . 13.72 -1.95 -27.74
C1 NAG I . 11.48 -8.24 -29.18
C2 NAG I . 11.44 -9.74 -29.24
C3 NAG I . 9.99 -10.20 -29.23
C4 NAG I . 9.20 -9.72 -28.04
C5 NAG I . 9.47 -8.24 -28.13
C6 NAG I . 8.84 -7.37 -27.08
C7 NAG I . 13.10 -10.72 -30.61
C8 NAG I . 13.51 -11.09 -31.96
N2 NAG I . 11.97 -10.14 -30.48
O3 NAG I . 9.90 -11.56 -29.29
O4 NAG I . 7.87 -10.04 -28.29
O5 NAG I . 10.81 -8.06 -28.02
O6 NAG I . 8.96 -7.98 -25.85
O7 NAG I . 13.77 -10.95 -29.67
C1 BMA I . 7.23 -10.87 -27.32
C2 BMA I . 5.76 -10.81 -27.57
C3 BMA I . 4.98 -11.67 -26.57
C4 BMA I . 5.53 -13.07 -26.50
C5 BMA I . 7.04 -13.02 -26.40
C6 BMA I . 7.70 -14.38 -26.43
O2 BMA I . 5.55 -11.22 -28.90
O3 BMA I . 3.56 -11.62 -26.74
O4 BMA I . 5.04 -13.66 -25.32
O5 BMA I . 7.57 -12.22 -27.40
O6 BMA I . 9.06 -14.17 -26.57
C1 MAN I . 9.87 -15.27 -26.30
C2 MAN I . 11.21 -14.66 -25.96
C3 MAN I . 11.68 -13.68 -27.02
C4 MAN I . 11.75 -14.52 -28.27
C5 MAN I . 10.44 -15.21 -28.58
C6 MAN I . 10.49 -16.09 -29.82
O2 MAN I . 12.17 -15.64 -25.81
O3 MAN I . 12.93 -13.10 -26.75
O4 MAN I . 12.05 -13.71 -29.32
O5 MAN I . 9.98 -15.95 -27.49
O6 MAN I . 11.68 -16.77 -30.13
C1 MAN I . 12.88 -12.11 -25.75
C2 MAN I . 13.90 -11.00 -25.83
C3 MAN I . 15.22 -11.64 -25.56
C4 MAN I . 15.24 -12.23 -24.17
C5 MAN I . 14.09 -13.17 -23.97
C6 MAN I . 13.59 -13.14 -22.58
O2 MAN I . 13.72 -10.08 -24.80
O3 MAN I . 16.16 -10.69 -25.69
O4 MAN I . 16.41 -12.87 -23.90
O5 MAN I . 12.95 -12.62 -24.48
O6 MAN I . 14.31 -13.92 -21.73
C1 MAN I . 12.73 -9.14 -25.02
C2 MAN I . 13.07 -7.71 -24.70
C3 MAN I . 13.52 -7.54 -23.27
C4 MAN I . 12.54 -8.24 -22.38
C5 MAN I . 12.11 -9.62 -22.90
C6 MAN I . 10.88 -9.97 -22.15
O2 MAN I . 11.93 -6.97 -24.86
O3 MAN I . 13.58 -6.21 -22.96
O4 MAN I . 13.20 -8.37 -21.20
O5 MAN I . 11.74 -9.58 -24.20
O6 MAN I . 11.07 -11.19 -21.54
C1 NAG J . 5.73 0.87 -40.76
C2 NAG J . 5.60 1.39 -39.33
C3 NAG J . 5.40 0.25 -38.34
C4 NAG J . 4.22 -0.60 -38.76
C5 NAG J . 4.40 -1.03 -40.19
C6 NAG J . 3.16 -1.79 -40.67
C7 NAG J . 6.71 3.37 -38.53
C8 NAG J . 7.99 4.00 -38.08
N2 NAG J . 6.78 2.12 -38.95
O3 NAG J . 5.18 0.77 -37.05
O4 NAG J . 4.15 -1.73 -37.91
O5 NAG J . 4.59 0.10 -41.03
O6 NAG J . 3.35 -2.18 -42.01
O7 NAG J . 5.64 3.97 -38.52
C1 NAG J . 2.85 -2.16 -37.40
C2 NAG J . 2.70 -3.62 -37.00
C3 NAG J . 1.55 -3.81 -36.02
C4 NAG J . 1.73 -2.86 -34.84
C5 NAG J . 1.94 -1.42 -35.35
C6 NAG J . 2.26 -0.44 -34.24
C7 NAG J . 3.62 -5.15 -38.56
C8 NAG J . 3.45 -6.15 -39.67
N2 NAG J . 2.56 -4.46 -38.18
O3 NAG J . 1.56 -5.15 -35.57
O4 NAG J . 0.62 -2.95 -33.96
O5 NAG J . 3.03 -1.37 -36.25
O6 NAG J . 3.60 -0.67 -33.82
O7 NAG J . 4.73 -4.99 -38.03
C1 NAG K . 17.09 18.81 -36.06
C2 NAG K . 18.39 19.58 -36.33
C3 NAG K . 18.21 20.99 -36.90
C4 NAG K . 16.92 21.20 -37.70
C5 NAG K . 15.76 20.52 -37.00
C6 NAG K . 14.44 20.71 -37.76
C7 NAG K . 20.47 19.45 -35.02
C8 NAG K . 21.04 19.49 -33.65
N2 NAG K . 19.16 19.68 -35.10
O3 NAG K . 19.30 21.26 -37.75
O4 NAG K . 16.67 22.59 -37.82
O5 NAG K . 16.03 19.13 -36.93
O6 NAG K . 13.90 19.45 -38.08
O7 NAG K . 21.18 19.22 -36.00
C1 NAG K . 17.28 23.81 -38.35
C2 NAG K . 16.16 24.84 -38.48
C3 NAG K . 16.63 26.19 -39.02
C4 NAG K . 17.95 26.64 -38.41
C5 NAG K . 18.96 25.50 -38.43
C6 NAG K . 20.26 25.93 -37.75
C7 NAG K . 13.94 23.94 -38.80
C8 NAG K . 12.84 23.57 -39.76
N2 NAG K . 15.11 24.30 -39.32
O3 NAG K . 15.63 27.17 -38.76
O4 NAG K . 18.46 27.77 -39.10
O5 NAG K . 18.44 24.37 -37.76
O6 NAG K . 20.60 25.03 -36.72
O7 NAG K . 13.76 23.91 -37.58
C1 NAG L . 10.60 34.70 8.60
C2 NAG L . 10.74 33.19 8.51
C3 NAG L . 11.26 32.69 7.16
C4 NAG L . 10.74 33.48 5.95
C5 NAG L . 10.61 34.99 6.21
C6 NAG L . 9.70 35.64 5.17
C7 NAG L . 11.18 31.90 10.56
C8 NAG L . 12.20 31.58 11.63
N2 NAG L . 11.61 32.67 9.55
O3 NAG L . 10.87 31.34 7.00
O4 NAG L . 11.59 33.24 4.83
O5 NAG L . 9.99 35.25 7.45
O6 NAG L . 8.36 35.26 5.43
O7 NAG L . 10.03 31.45 10.65
C01 BLD M . 11.33 31.72 30.53
C02 BLD M . 12.65 31.66 31.32
O02 BLD M . 12.41 31.45 32.67
C03 BLD M . 13.66 30.63 30.87
O03 BLD M . 13.65 29.58 31.78
C04 BLD M . 13.45 30.11 29.47
C05 BLD M . 12.02 29.62 29.23
C06 BLD M . 11.90 29.01 27.78
O06 BLD M . 13.13 28.66 27.26
C07 BLD M . 10.14 27.74 28.60
O07 BLD M . 11.11 27.91 27.65
C08 BLD M . 9.16 28.90 28.75
C09 BLD M . 9.54 29.95 29.82
C10 BLD M . 10.94 30.63 29.55
C11 BLD M . 8.42 30.96 30.09
C12 BLD M . 7.01 30.33 30.24
C13 BLD M . 6.62 29.22 29.23
C14 BLD M . 7.76 28.26 29.03
C15 BLD M . 7.24 27.13 28.10
C16 BLD M . 5.77 27.00 28.53
C17 BLD M . 5.52 28.20 29.47
C18 BLD M . 6.37 30.03 27.93
C19 BLD M . 10.80 31.27 28.21
C20 BLD M . 4.15 28.81 29.48
C21 BLD M . 4.07 29.81 30.60
C22 BLD M . 3.04 27.74 29.59
O22 BLD M . 3.19 27.14 30.80
C23 BLD M . 1.59 28.25 29.38
O23 BLD M . 0.71 27.20 29.32
C24 BLD M . 1.51 29.10 28.07
C25 BLD M . 0.45 30.27 28.12
C26 BLD M . 0.47 31.26 26.92
C27 BLD M . 0.24 30.88 29.46
C28 BLD M . 1.42 28.25 26.83
C1 NAG N . 3.07 5.12 11.69
C2 NAG N . 4.25 4.31 11.19
C3 NAG N . 5.46 4.36 12.12
C4 NAG N . 5.84 5.80 12.44
C5 NAG N . 4.59 6.57 12.87
C6 NAG N . 4.88 8.06 12.99
C7 NAG N . 4.28 2.01 11.88
C8 NAG N . 5.59 1.35 11.57
N2 NAG N . 3.85 2.93 11.01
O3 NAG N . 6.54 3.75 11.48
O4 NAG N . 6.86 5.86 13.42
O5 NAG N . 3.51 6.43 11.98
O6 NAG N . 4.45 8.48 14.27
O7 NAG N . 3.65 1.72 12.90
C01 BLD O . 8.07 -41.87 -32.51
C02 BLD O . 8.64 -42.91 -33.49
O02 BLD O . 8.32 -42.59 -34.81
C03 BLD O . 10.12 -43.18 -33.41
O03 BLD O . 10.80 -42.45 -34.38
C04 BLD O . 10.71 -42.89 -32.06
C05 BLD O . 10.43 -41.44 -31.65
C06 BLD O . 11.37 -41.17 -30.40
O06 BLD O . 11.18 -42.20 -29.50
C07 BLD O . 10.92 -38.89 -30.53
O07 BLD O . 11.26 -39.98 -29.76
C08 BLD O . 9.42 -38.69 -30.54
C09 BLD O . 8.68 -39.53 -31.58
C10 BLD O . 8.96 -41.09 -31.54
C11 BLD O . 7.19 -39.16 -31.61
C12 BLD O . 6.93 -37.62 -31.79
C13 BLD O . 7.70 -36.70 -30.81
C14 BLD O . 9.14 -37.14 -30.70
C15 BLD O . 9.74 -36.14 -29.70
C16 BLD O . 9.19 -34.80 -30.22
C17 BLD O . 7.92 -35.20 -30.98
C18 BLD O . 6.91 -36.92 -29.49
C19 BLD O . 8.68 -41.57 -30.17
C20 BLD O . 6.67 -34.43 -30.67
C21 BLD O . 5.67 -34.75 -31.74
C22 BLD O . 6.89 -32.90 -30.47
O22 BLD O . 7.41 -32.38 -31.62
C23 BLD O . 5.66 -32.11 -30.00
O23 BLD O . 5.95 -30.76 -29.90
C24 BLD O . 5.13 -32.64 -28.63
C25 BLD O . 3.57 -32.51 -28.47
C26 BLD O . 2.95 -33.16 -27.21
C27 BLD O . 2.77 -32.59 -29.73
C28 BLD O . 5.91 -32.06 -27.46
C1 NAG P . 3.67 2.38 -66.17
C2 NAG P . 3.05 0.99 -66.36
C3 NAG P . 3.31 0.42 -67.76
C4 NAG P . 2.96 1.43 -68.84
C5 NAG P . 3.63 2.78 -68.52
C6 NAG P . 3.24 3.84 -69.54
C7 NAG P . 2.64 -0.43 -64.45
C8 NAG P . 3.18 -1.42 -63.47
N2 NAG P . 3.50 0.05 -65.36
O3 NAG P . 2.50 -0.73 -67.93
O4 NAG P . 3.34 0.93 -70.11
O5 NAG P . 3.27 3.23 -67.23
O6 NAG P . 1.87 4.14 -69.33
O7 NAG P . 1.46 -0.08 -64.42
C1 NAG Q . 8.56 -44.65 -10.32
C2 NAG Q . 9.91 -43.93 -10.40
C3 NAG Q . 10.86 -44.12 -9.21
C4 NAG Q . 10.13 -44.22 -7.87
C5 NAG Q . 8.85 -45.05 -8.03
C6 NAG Q . 8.12 -45.16 -6.69
C7 NAG Q . 10.80 -43.50 -12.60
C8 NAG Q . 11.44 -44.06 -13.84
N2 NAG Q . 10.60 -44.36 -11.61
O3 NAG Q . 11.75 -43.04 -9.09
O4 NAG Q . 10.99 -44.81 -6.92
O5 NAG Q . 8.03 -44.45 -9.02
O6 NAG Q . 7.05 -46.08 -6.75
O7 NAG Q . 10.48 -42.31 -12.56
#